data_6GL7
#
_entry.id   6GL7
#
_cell.length_a   1.000
_cell.length_b   1.000
_cell.length_c   1.000
_cell.angle_alpha   90.00
_cell.angle_beta   90.00
_cell.angle_gamma   90.00
#
_symmetry.space_group_name_H-M   'P 1'
#
loop_
_entity.id
_entity.type
_entity.pdbx_description
1 polymer Neurturin
2 polymer 'GDNF family receptor alpha-2'
3 polymer 'Proto-oncogene tyrosine-protein kinase receptor Ret'
#
loop_
_entity_poly.entity_id
_entity_poly.type
_entity_poly.pdbx_seq_one_letter_code
_entity_poly.pdbx_strand_id
1 'polypeptide(L)'
;ARLGARPCGLRELEVRVSELGLGYASDETVLFRYCAGACEAAARVYDLGLRRLRQRRRLRRERVRAQPCCRPTAYEDEVS
FLDAHSRYHTVHELSARECACV
;
B,A
2 'polypeptide(L)'
;SPSSLQGPELHGWRPPVDCVRANELCAAESNCSSRYRTLRQCLAGRDRNTMLANKECQAALEVLQESPLYDCRCKRGMKK
ELQCLQIYWSIHLGLTEGEEFYEASPYEPVTSRLSDIFRLASIFSGTGADPVVSAKSNHCLDAAKACNLNDNCKKLRSSY
ISICNREISPTERCNRRKCHKALRQFFDRVPSEYTYRMLFCSCQDQACAERRRQTILPSCSYEDKEKPNCLDLRGVCRTD
HLCRSRLADFHANCRASYQTVTSCPADNYQACLGSYAGMIGFDMTPNYVDSSPTGIVVSPWCSCRGSGNMEEECEKFLRD
FTENPCLRNAIQAFGNGTDVNVSPKGPSFQATQAPRVEKTPSLPDDLSDSTSLGTSVITTCTSVQEQGLKANNSKELSMC
FTELTTNIIPGSNKVIKPNSHHHHHH
;
D,C
3 'polypeptide(L)'
;LYFSRDAYWEKLYVDQAAGTPLLYVHALRDAPEEVPSFRLGQHLYGTYRTRLHENNWICIQEDTGLLYLNRSLDHSSWEK
LSVRNRGFPLLTVYLKVFLSPTSLREGECQWPGCARVYFSFFNTSFPACSSLKPRELCFPETRPSFRIRENRPPGTFHQF
RLLPVQFLCPNISVAYRLLEGEGLPFRCAPDSLEVSTRWALDREQREKYELVAVCTVHAGAREEVVMVPFPVTVYDEDDS
APTFPAGVDTASAVVEFKRKEDTVVATLRVFDADVVPASGELVRRYTSTLLPGDTWAQQTFRVEHWPNETSVQANGSFVR
ATVHDYRLVLNRNLSISENRTMQLAVLVNDSDFQGPGAGVLLLHFNVSVLPVSLHLPSTYSLSVSRRARRFAQIGKVCVE
NCQAFSGINVQYKLHSSGANCSTLGVVTSAEDTSGILFVNDTKALRRPKCAELHYMVVATDQQTSRQAQAQLLVTVEGSY
VAEEAGCPLSCAVSKRRLECEECGGLGSPTGRCEWRQGDGKGITRNFSTCSPSTKTCPDGHCDVVETQDINICPQDCLRG
SIVGGHEPGEPRGIKAGYGTCNCFPEEEKCFCEPEDIQDPLCDELCRENLYFQ
;
F,E
#
# COMPACT_ATOMS: atom_id res chain seq x y z
N LEU A 3 26.56 8.54 27.99
CA LEU A 3 27.57 9.55 27.72
C LEU A 3 26.92 10.90 27.50
N GLY A 4 27.75 11.95 27.42
CA GLY A 4 27.27 13.27 27.09
C GLY A 4 26.87 13.42 25.63
N ALA A 5 27.23 12.46 24.78
CA ALA A 5 26.89 12.56 23.36
C ALA A 5 25.38 12.60 23.18
N ARG A 6 24.94 13.41 22.22
CA ARG A 6 23.53 13.51 21.90
C ARG A 6 23.10 12.35 21.00
N PRO A 7 21.81 11.98 21.02
CA PRO A 7 21.35 10.89 20.16
C PRO A 7 21.30 11.29 18.69
N CYS A 8 21.32 10.27 17.83
CA CYS A 8 21.15 10.45 16.40
C CYS A 8 19.77 11.03 16.10
N GLY A 9 19.74 12.17 15.44
CA GLY A 9 18.49 12.82 15.10
C GLY A 9 18.71 14.03 14.21
N LEU A 10 17.64 14.79 14.02
CA LEU A 10 17.68 15.97 13.17
C LEU A 10 18.29 17.15 13.91
N ARG A 11 19.14 17.90 13.22
CA ARG A 11 19.75 19.14 13.71
C ARG A 11 19.32 20.29 12.81
N GLU A 12 19.73 21.51 13.17
CA GLU A 12 19.42 22.68 12.35
C GLU A 12 20.50 23.73 12.49
N LEU A 13 20.72 24.48 11.40
CA LEU A 13 21.55 25.67 11.44
C LEU A 13 21.11 26.62 10.33
N GLU A 14 20.87 27.88 10.68
CA GLU A 14 20.48 28.89 9.70
C GLU A 14 21.73 29.36 8.96
N VAL A 15 21.76 29.15 7.64
CA VAL A 15 22.92 29.50 6.83
C VAL A 15 22.45 30.18 5.55
N ARG A 16 23.15 31.25 5.17
CA ARG A 16 22.88 31.91 3.89
C ARG A 16 23.23 30.99 2.72
N VAL A 17 22.48 31.15 1.63
CA VAL A 17 22.67 30.30 0.46
C VAL A 17 24.12 30.39 -0.03
N SER A 18 24.63 31.62 -0.15
CA SER A 18 26.02 31.79 -0.58
C SER A 18 27.00 31.18 0.42
N GLU A 19 26.68 31.24 1.71
CA GLU A 19 27.56 30.64 2.70
C GLU A 19 27.63 29.13 2.58
N LEU A 20 26.61 28.48 2.01
CA LEU A 20 26.66 27.04 1.81
C LEU A 20 27.74 26.61 0.82
N GLY A 21 28.29 27.52 0.04
CA GLY A 21 29.35 27.19 -0.89
C GLY A 21 28.89 26.44 -2.12
N LEU A 22 27.63 26.64 -2.54
CA LEU A 22 27.06 25.94 -3.68
C LEU A 22 27.14 26.74 -4.97
N GLY A 23 27.80 27.90 -4.96
CA GLY A 23 27.92 28.71 -6.15
C GLY A 23 26.73 29.62 -6.43
N TYR A 24 25.76 29.69 -5.53
CA TYR A 24 24.54 30.48 -5.72
C TYR A 24 24.70 31.77 -4.91
N ALA A 25 24.88 32.89 -5.61
CA ALA A 25 25.17 34.17 -4.97
C ALA A 25 23.88 34.80 -4.45
N SER A 26 23.45 34.33 -3.29
CA SER A 26 22.20 34.75 -2.67
C SER A 26 22.42 35.00 -1.18
N ASP A 27 21.79 36.04 -0.66
CA ASP A 27 21.89 36.39 0.76
C ASP A 27 20.73 35.87 1.60
N GLU A 28 19.84 35.06 1.02
CA GLU A 28 18.79 34.42 1.80
C GLU A 28 19.37 33.32 2.68
N THR A 29 18.74 33.12 3.84
CA THR A 29 19.08 32.04 4.74
C THR A 29 18.04 30.93 4.63
N VAL A 30 18.50 29.71 4.92
CA VAL A 30 17.63 28.54 5.01
C VAL A 30 17.93 27.83 6.32
N LEU A 31 16.92 27.11 6.82
CA LEU A 31 17.06 26.30 8.02
C LEU A 31 17.70 24.98 7.64
N PHE A 32 19.02 24.95 7.58
CA PHE A 32 19.76 23.79 7.11
C PHE A 32 19.71 22.73 8.19
N ARG A 33 18.86 21.72 8.00
CA ARG A 33 18.70 20.62 8.93
C ARG A 33 19.60 19.47 8.50
N TYR A 34 20.10 18.71 9.46
CA TYR A 34 20.94 17.58 9.12
C TYR A 34 20.87 16.49 10.18
N CYS A 35 21.26 15.29 9.77
CA CYS A 35 21.18 14.09 10.58
C CYS A 35 22.53 13.85 11.28
N ALA A 36 22.51 13.79 12.61
CA ALA A 36 23.75 13.63 13.36
C ALA A 36 23.44 13.15 14.76
N GLY A 37 24.41 12.46 15.36
CA GLY A 37 24.37 12.11 16.76
C GLY A 37 24.69 10.65 17.00
N ALA A 38 24.84 10.32 18.27
CA ALA A 38 25.13 8.96 18.69
C ALA A 38 23.98 8.02 18.35
N CYS A 39 24.33 6.85 17.82
CA CYS A 39 23.33 5.85 17.47
C CYS A 39 22.89 5.09 18.71
N GLU A 40 21.60 5.19 19.05
CA GLU A 40 21.07 4.49 20.21
C GLU A 40 21.00 2.98 19.95
N ALA A 41 20.69 2.60 18.71
CA ALA A 41 20.62 1.18 18.38
C ALA A 41 21.98 0.53 18.55
N ALA A 42 22.00 -0.66 19.14
CA ALA A 42 23.24 -1.41 19.26
C ALA A 42 23.73 -1.85 17.89
N ALA A 43 25.04 -1.99 17.76
CA ALA A 43 25.62 -2.54 16.54
C ALA A 43 24.94 -3.86 16.21
N ARG A 44 24.56 -4.01 14.93
CA ARG A 44 23.85 -5.20 14.48
C ARG A 44 24.75 -6.43 14.62
N VAL A 45 24.12 -7.60 14.74
CA VAL A 45 24.87 -8.85 14.74
C VAL A 45 25.76 -8.91 13.50
N TYR A 46 25.21 -8.48 12.37
CA TYR A 46 26.02 -8.25 11.18
C TYR A 46 27.22 -7.35 11.48
N ASP A 47 26.97 -6.20 12.10
CA ASP A 47 28.06 -5.28 12.42
C ASP A 47 29.06 -5.92 13.37
N LEU A 48 28.58 -6.70 14.33
CA LEU A 48 29.50 -7.37 15.24
C LEU A 48 30.39 -8.35 14.49
N GLY A 49 29.81 -9.14 13.57
CA GLY A 49 30.63 -10.00 12.74
C GLY A 49 31.58 -9.22 11.86
N LEU A 50 31.09 -8.13 11.25
CA LEU A 50 31.94 -7.29 10.42
C LEU A 50 33.11 -6.74 11.21
N ARG A 51 32.84 -6.24 12.43
CA ARG A 51 33.91 -5.75 13.29
C ARG A 51 34.93 -6.85 13.59
N ARG A 52 34.47 -8.02 14.02
CA ARG A 52 35.38 -9.11 14.38
C ARG A 52 36.12 -9.63 13.15
N LEU A 53 35.41 -9.82 12.04
CA LEU A 53 36.07 -10.35 10.85
C LEU A 53 36.97 -9.32 10.19
N ARG A 54 36.66 -8.03 10.32
CA ARG A 54 37.54 -6.99 9.79
C ARG A 54 38.79 -6.85 10.65
N GLN A 55 38.62 -6.74 11.97
CA GLN A 55 39.76 -6.54 12.85
C GLN A 55 40.76 -7.69 12.74
N ARG A 56 40.25 -8.92 12.60
CA ARG A 56 41.11 -10.09 12.46
C ARG A 56 41.58 -10.32 11.03
N ARG A 57 41.25 -9.42 10.10
CA ARG A 57 41.71 -9.50 8.70
C ARG A 57 41.21 -10.78 8.03
N ARG A 58 39.95 -11.13 8.29
CA ARG A 58 39.30 -12.24 7.61
C ARG A 58 38.62 -11.81 6.32
N LEU A 59 38.26 -10.54 6.19
CA LEU A 59 37.57 -10.01 5.01
C LEU A 59 38.54 -9.25 4.13
N ARG A 60 38.21 -9.20 2.83
CA ARG A 60 38.96 -8.39 1.88
C ARG A 60 38.98 -6.94 2.34
N ARG A 61 40.15 -6.31 2.24
CA ARG A 61 40.28 -4.89 2.53
C ARG A 61 39.40 -4.11 1.57
N GLU A 62 38.41 -3.41 2.10
CA GLU A 62 37.42 -2.75 1.25
C GLU A 62 36.85 -1.56 1.99
N ARG A 63 36.23 -0.67 1.21
CA ARG A 63 35.56 0.52 1.75
C ARG A 63 34.33 0.10 2.55
N VAL A 64 34.54 -0.25 3.81
CA VAL A 64 33.50 -0.82 4.65
C VAL A 64 33.14 0.17 5.75
N ARG A 65 32.04 -0.11 6.43
CA ARG A 65 31.60 0.66 7.60
C ARG A 65 31.27 -0.32 8.71
N ALA A 66 32.01 -0.22 9.83
CA ALA A 66 31.89 -1.17 10.93
C ALA A 66 30.95 -0.67 12.03
N GLN A 67 30.09 0.29 11.72
CA GLN A 67 29.14 0.78 12.71
C GLN A 67 27.99 1.47 11.96
N PRO A 68 26.78 1.48 12.53
CA PRO A 68 25.69 2.24 11.90
C PRO A 68 26.05 3.70 11.68
N CYS A 69 25.71 4.21 10.49
CA CYS A 69 25.96 5.59 10.12
C CYS A 69 24.71 6.42 10.40
N CYS A 70 24.86 7.49 11.18
CA CYS A 70 23.76 8.40 11.48
C CYS A 70 23.53 9.28 10.25
N ARG A 71 22.73 8.73 9.30
CA ARG A 71 22.50 9.35 8.01
C ARG A 71 21.01 9.71 7.84
N PRO A 72 20.70 10.70 7.01
CA PRO A 72 19.29 11.00 6.73
C PRO A 72 18.64 9.91 5.90
N THR A 73 17.33 9.78 6.08
CA THR A 73 16.49 8.90 5.29
C THR A 73 15.54 9.66 4.37
N ALA A 74 15.41 10.98 4.53
CA ALA A 74 14.56 11.77 3.65
C ALA A 74 15.01 13.22 3.72
N TYR A 75 14.72 13.96 2.65
CA TYR A 75 15.03 15.38 2.55
C TYR A 75 13.74 16.17 2.37
N GLU A 76 13.82 17.46 2.67
CA GLU A 76 12.69 18.35 2.45
C GLU A 76 12.44 18.51 0.95
N ASP A 77 11.18 18.72 0.60
CA ASP A 77 10.80 18.78 -0.81
C ASP A 77 11.73 19.71 -1.59
N GLU A 78 11.84 20.97 -1.19
CA GLU A 78 12.66 21.93 -1.92
C GLU A 78 12.73 23.23 -1.13
N VAL A 79 13.68 24.07 -1.54
CA VAL A 79 13.71 25.46 -1.09
C VAL A 79 14.06 26.32 -2.30
N SER A 80 13.35 27.45 -2.43
CA SER A 80 13.59 28.42 -3.49
C SER A 80 14.12 29.71 -2.91
N PHE A 81 14.85 30.46 -3.73
CA PHE A 81 15.42 31.72 -3.25
C PHE A 81 15.63 32.66 -4.44
N LEU A 82 15.76 33.95 -4.10
CA LEU A 82 16.09 35.03 -5.02
C LEU A 82 17.54 35.45 -4.82
N ASP A 83 18.35 35.31 -5.87
CA ASP A 83 19.79 35.53 -5.76
C ASP A 83 20.14 36.96 -6.16
N ALA A 84 21.44 37.25 -6.23
CA ALA A 84 21.89 38.60 -6.52
C ALA A 84 21.58 39.05 -7.94
N HIS A 85 21.13 38.15 -8.81
CA HIS A 85 20.90 38.46 -10.22
C HIS A 85 19.43 38.64 -10.57
N SER A 86 18.58 38.88 -9.57
CA SER A 86 17.14 39.07 -9.78
C SER A 86 16.51 37.86 -10.47
N ARG A 87 16.94 36.66 -10.09
CA ARG A 87 16.39 35.41 -10.60
C ARG A 87 16.19 34.41 -9.46
N TYR A 88 15.22 33.53 -9.65
CA TYR A 88 14.86 32.53 -8.66
C TYR A 88 15.42 31.16 -9.02
N HIS A 89 15.71 30.38 -7.98
CA HIS A 89 16.22 29.03 -8.15
C HIS A 89 15.75 28.18 -6.99
N THR A 90 15.45 26.92 -7.29
CA THR A 90 15.03 25.93 -6.30
C THR A 90 16.14 24.89 -6.15
N VAL A 91 16.33 24.40 -4.92
CA VAL A 91 17.32 23.38 -4.63
C VAL A 91 16.61 22.25 -3.90
N HIS A 92 16.87 21.03 -4.36
CA HIS A 92 16.31 19.83 -3.76
C HIS A 92 17.40 19.09 -2.98
N GLU A 93 16.97 18.23 -2.07
CA GLU A 93 17.85 17.40 -1.27
C GLU A 93 18.93 18.18 -0.52
N LEU A 94 18.55 19.28 0.15
CA LEU A 94 19.50 20.15 0.86
C LEU A 94 19.35 20.12 2.37
N SER A 95 18.15 19.84 2.88
CA SER A 95 17.86 19.94 4.30
C SER A 95 17.20 18.66 4.76
N ALA A 96 17.78 18.00 5.76
CA ALA A 96 17.28 16.70 6.21
C ALA A 96 15.84 16.81 6.70
N ARG A 97 15.03 15.84 6.28
CA ARG A 97 13.67 15.69 6.77
C ARG A 97 13.49 14.50 7.70
N GLU A 98 14.25 13.43 7.50
CA GLU A 98 14.23 12.26 8.37
C GLU A 98 15.65 11.82 8.67
N CYS A 99 15.86 11.30 9.88
CA CYS A 99 17.18 10.91 10.38
C CYS A 99 17.10 9.52 11.01
N ALA A 100 18.04 8.65 10.64
CA ALA A 100 18.14 7.36 11.31
C ALA A 100 19.51 6.76 11.05
N CYS A 101 19.93 5.87 11.94
CA CYS A 101 21.19 5.14 11.79
C CYS A 101 20.96 3.89 10.95
N VAL A 102 21.80 3.74 9.91
CA VAL A 102 21.73 2.60 9.00
C VAL A 102 23.00 1.78 9.15
N ASP B 18 -22.23 31.08 5.76
CA ASP B 18 -21.63 31.53 4.51
C ASP B 18 -22.68 31.59 3.39
N CYS B 19 -22.25 32.03 2.20
CA CYS B 19 -23.18 32.17 1.09
C CYS B 19 -23.70 30.82 0.60
N VAL B 20 -22.86 29.78 0.65
CA VAL B 20 -23.26 28.46 0.18
C VAL B 20 -24.36 27.90 1.06
N ARG B 21 -24.14 27.93 2.38
CA ARG B 21 -25.16 27.47 3.32
C ARG B 21 -26.36 28.41 3.33
N ALA B 22 -26.12 29.72 3.24
CA ALA B 22 -27.23 30.67 3.23
C ALA B 22 -28.23 30.34 2.11
N ASN B 23 -27.72 29.89 0.95
CA ASN B 23 -28.64 29.43 -0.09
C ASN B 23 -29.37 28.17 0.36
N GLU B 24 -28.63 27.17 0.86
CA GLU B 24 -29.25 25.93 1.30
C GLU B 24 -30.32 26.16 2.37
N LEU B 25 -30.17 27.20 3.20
CA LEU B 25 -31.15 27.46 4.25
C LEU B 25 -32.55 27.71 3.67
N CYS B 26 -32.63 28.32 2.48
CA CYS B 26 -33.91 28.59 1.82
C CYS B 26 -34.06 27.90 0.47
N ALA B 27 -33.01 27.28 -0.07
CA ALA B 27 -33.09 26.67 -1.40
C ALA B 27 -34.17 25.59 -1.46
N ALA B 28 -34.44 24.93 -0.34
CA ALA B 28 -35.49 23.92 -0.31
C ALA B 28 -36.88 24.53 -0.45
N GLU B 29 -37.02 25.82 -0.17
CA GLU B 29 -38.34 26.46 -0.22
C GLU B 29 -38.79 26.64 -1.66
N SER B 30 -40.10 26.45 -1.88
CA SER B 30 -40.66 26.67 -3.21
C SER B 30 -40.48 28.11 -3.65
N ASN B 31 -40.43 29.05 -2.72
CA ASN B 31 -40.26 30.46 -3.05
C ASN B 31 -38.87 30.71 -3.64
N CYS B 32 -37.83 30.38 -2.88
CA CYS B 32 -36.46 30.56 -3.35
C CYS B 32 -36.16 29.69 -4.56
N SER B 33 -36.66 28.45 -4.55
CA SER B 33 -36.40 27.54 -5.67
C SER B 33 -36.94 28.10 -6.98
N SER B 34 -38.22 28.47 -6.99
CA SER B 34 -38.85 28.98 -8.21
C SER B 34 -38.26 30.32 -8.61
N ARG B 35 -38.03 31.22 -7.65
CA ARG B 35 -37.58 32.55 -8.00
C ARG B 35 -36.10 32.58 -8.33
N TYR B 36 -35.30 31.68 -7.76
CA TYR B 36 -33.93 31.50 -8.19
C TYR B 36 -33.86 31.17 -9.67
N ARG B 37 -34.64 30.18 -10.10
CA ARG B 37 -34.64 29.81 -11.52
C ARG B 37 -35.12 30.98 -12.38
N THR B 38 -36.07 31.76 -11.87
CA THR B 38 -36.59 32.90 -12.62
C THR B 38 -35.49 33.88 -12.98
N LEU B 39 -34.67 34.27 -11.98
CA LEU B 39 -33.56 35.18 -12.26
C LEU B 39 -32.56 34.57 -13.22
N ARG B 40 -32.34 33.25 -13.13
CA ARG B 40 -31.46 32.59 -14.09
C ARG B 40 -31.92 32.86 -15.51
N GLN B 41 -33.23 32.88 -15.74
CA GLN B 41 -33.73 33.30 -17.05
C GLN B 41 -33.41 34.76 -17.34
N CYS B 42 -33.46 35.63 -16.33
CA CYS B 42 -33.05 37.02 -16.52
C CYS B 42 -32.78 37.73 -15.19
N LEU B 52 -44.17 39.55 -18.49
CA LEU B 52 -42.94 39.18 -19.16
C LEU B 52 -41.92 38.66 -18.15
N ALA B 53 -40.83 38.06 -18.65
CA ALA B 53 -39.80 37.54 -17.76
C ALA B 53 -39.21 38.65 -16.89
N ASN B 54 -39.04 39.85 -17.44
CA ASN B 54 -38.46 40.95 -16.68
C ASN B 54 -39.32 41.30 -15.47
N LYS B 55 -40.64 41.19 -15.61
CA LYS B 55 -41.54 41.42 -14.47
C LYS B 55 -41.34 40.36 -13.40
N GLU B 56 -41.32 39.09 -13.80
CA GLU B 56 -41.13 38.02 -12.82
C GLU B 56 -39.73 38.03 -12.24
N CYS B 57 -38.71 38.37 -13.04
CA CYS B 57 -37.35 38.46 -12.51
C CYS B 57 -37.25 39.58 -11.46
N GLN B 58 -37.86 40.73 -11.72
CA GLN B 58 -37.94 41.77 -10.70
C GLN B 58 -38.61 41.27 -9.43
N ALA B 59 -39.73 40.55 -9.56
CA ALA B 59 -40.37 39.95 -8.38
C ALA B 59 -39.44 38.95 -7.71
N ALA B 60 -38.71 38.17 -8.50
CA ALA B 60 -37.78 37.19 -7.93
C ALA B 60 -36.74 37.87 -7.06
N LEU B 61 -36.27 39.04 -7.48
CA LEU B 61 -35.33 39.78 -6.64
C LEU B 61 -35.98 40.14 -5.30
N GLU B 62 -37.19 40.71 -5.35
CA GLU B 62 -37.85 41.12 -4.12
C GLU B 62 -38.14 39.96 -3.18
N VAL B 63 -38.51 38.79 -3.72
CA VAL B 63 -38.75 37.63 -2.87
C VAL B 63 -37.43 37.09 -2.31
N LEU B 64 -36.44 36.90 -3.19
CA LEU B 64 -35.14 36.42 -2.73
C LEU B 64 -34.41 37.44 -1.85
N GLN B 65 -34.77 38.73 -1.96
CA GLN B 65 -34.15 39.76 -1.11
C GLN B 65 -34.26 39.42 0.37
N GLU B 66 -35.27 38.66 0.78
CA GLU B 66 -35.42 38.23 2.16
C GLU B 66 -34.73 36.90 2.47
N SER B 67 -34.10 36.27 1.48
CA SER B 67 -33.47 34.97 1.72
C SER B 67 -32.17 35.13 2.50
N PRO B 68 -31.76 34.11 3.27
CA PRO B 68 -30.43 34.18 3.90
C PRO B 68 -29.29 34.38 2.92
N LEU B 69 -29.42 33.88 1.68
CA LEU B 69 -28.39 34.09 0.68
C LEU B 69 -28.21 35.56 0.36
N TYR B 70 -29.33 36.28 0.17
CA TYR B 70 -29.27 37.69 -0.19
C TYR B 70 -28.59 38.48 0.91
N ASP B 71 -27.60 39.30 0.51
CA ASP B 71 -26.75 40.03 1.45
C ASP B 71 -25.93 39.08 2.33
N CYS B 72 -25.56 37.92 1.80
CA CYS B 72 -24.61 37.06 2.47
C CYS B 72 -23.19 37.61 2.30
N ARG B 73 -22.25 37.01 3.00
CA ARG B 73 -20.84 37.36 2.87
C ARG B 73 -19.99 36.10 2.86
N CYS B 74 -18.92 36.15 2.05
CA CYS B 74 -17.93 35.09 1.96
C CYS B 74 -16.62 35.64 2.55
N LYS B 75 -15.54 34.87 2.40
CA LYS B 75 -14.23 35.28 2.93
C LYS B 75 -13.14 34.80 1.98
N ARG B 76 -12.02 35.52 1.96
CA ARG B 76 -10.85 35.09 1.21
C ARG B 76 -10.33 33.77 1.76
N GLY B 77 -10.07 32.83 0.86
CA GLY B 77 -9.64 31.50 1.24
C GLY B 77 -10.74 30.58 1.73
N MET B 78 -12.00 30.92 1.48
CA MET B 78 -13.09 30.08 1.94
C MET B 78 -13.09 28.75 1.19
N LYS B 79 -13.42 27.68 1.93
CA LYS B 79 -13.76 26.42 1.32
C LYS B 79 -14.92 26.60 0.34
N LYS B 80 -14.70 26.22 -0.91
CA LYS B 80 -15.64 26.50 -2.00
C LYS B 80 -15.82 28.00 -2.17
N GLU B 81 -14.71 28.74 -2.17
CA GLU B 81 -14.76 30.18 -2.34
C GLU B 81 -15.38 30.57 -3.68
N LEU B 82 -15.31 29.66 -4.67
CA LEU B 82 -15.94 29.94 -5.96
C LEU B 82 -17.45 29.80 -5.88
N GLN B 83 -17.93 28.68 -5.32
CA GLN B 83 -19.36 28.44 -5.26
C GLN B 83 -20.07 29.47 -4.38
N CYS B 84 -19.40 29.96 -3.34
CA CYS B 84 -20.02 30.96 -2.47
C CYS B 84 -20.35 32.24 -3.24
N LEU B 85 -19.69 32.46 -4.38
CA LEU B 85 -19.97 33.61 -5.23
C LEU B 85 -20.85 33.25 -6.42
N GLN B 86 -20.63 32.08 -7.03
CA GLN B 86 -21.49 31.66 -8.14
C GLN B 86 -22.95 31.55 -7.68
N ILE B 87 -23.16 31.03 -6.46
CA ILE B 87 -24.50 30.93 -5.90
C ILE B 87 -25.08 32.31 -5.66
N TYR B 88 -24.32 33.19 -5.00
CA TYR B 88 -24.82 34.52 -4.70
C TYR B 88 -25.06 35.33 -5.98
N TRP B 89 -24.07 35.35 -6.88
CA TRP B 89 -24.19 36.14 -8.09
C TRP B 89 -25.33 35.65 -8.98
N SER B 90 -25.68 34.37 -8.90
CA SER B 90 -26.74 33.84 -9.76
C SER B 90 -28.09 34.51 -9.49
N ILE B 91 -28.28 35.16 -8.34
CA ILE B 91 -29.52 35.87 -8.03
C ILE B 91 -29.35 37.39 -8.17
N HIS B 92 -28.32 37.85 -8.87
CA HIS B 92 -28.23 39.25 -9.26
C HIS B 92 -29.17 39.52 -10.43
N LEU B 93 -30.00 40.55 -10.30
CA LEU B 93 -30.98 40.89 -11.31
C LEU B 93 -30.31 41.67 -12.42
N GLY B 94 -30.46 41.20 -13.65
CA GLY B 94 -29.88 41.86 -14.81
C GLY B 94 -30.45 41.64 -16.20
N GLU B 100 -22.50 50.25 -11.95
CA GLU B 100 -21.84 48.97 -12.19
C GLU B 100 -20.31 49.12 -12.27
N PHE B 101 -19.84 50.36 -12.38
CA PHE B 101 -18.39 50.59 -12.47
C PHE B 101 -17.68 50.04 -11.24
N TYR B 102 -18.19 50.35 -10.05
CA TYR B 102 -17.73 49.74 -8.80
C TYR B 102 -18.75 48.68 -8.37
N GLU B 103 -18.30 47.43 -8.31
CA GLU B 103 -19.15 46.30 -7.97
C GLU B 103 -19.19 46.10 -6.46
N ALA B 104 -20.18 45.35 -6.01
CA ALA B 104 -20.31 45.02 -4.59
C ALA B 104 -19.27 43.97 -4.19
N SER B 105 -18.99 43.93 -2.88
CA SER B 105 -17.92 43.11 -2.31
C SER B 105 -18.50 42.08 -1.37
N PRO B 106 -19.46 41.26 -1.83
CA PRO B 106 -19.99 40.20 -0.96
C PRO B 106 -18.93 39.20 -0.55
N TYR B 107 -17.86 39.07 -1.34
CA TYR B 107 -16.76 38.18 -1.00
C TYR B 107 -15.99 38.67 0.22
N GLU B 108 -15.98 39.99 0.45
CA GLU B 108 -15.17 40.58 1.50
C GLU B 108 -15.51 40.03 2.88
N PRO B 109 -14.53 39.50 3.66
CA PRO B 109 -14.82 39.06 5.03
C PRO B 109 -15.04 40.23 5.99
N VAL B 110 -16.16 40.94 5.83
CA VAL B 110 -16.41 42.22 6.53
C VAL B 110 -15.99 42.16 7.98
N THR B 111 -16.31 41.07 8.67
CA THR B 111 -15.99 40.95 10.09
C THR B 111 -14.49 40.96 10.35
N SER B 112 -13.68 40.58 9.36
CA SER B 112 -12.23 40.58 9.51
C SER B 112 -11.66 41.99 9.54
N ARG B 113 -12.46 43.01 9.18
CA ARG B 113 -11.98 44.39 9.16
C ARG B 113 -11.35 44.77 10.49
N LEU B 114 -11.93 44.29 11.60
CA LEU B 114 -11.32 44.47 12.91
C LEU B 114 -9.99 43.74 12.99
N SER B 115 -9.98 42.46 12.56
CA SER B 115 -8.75 41.69 12.52
C SER B 115 -7.70 42.37 11.67
N ASP B 116 -8.12 43.03 10.59
CA ASP B 116 -7.19 43.80 9.77
C ASP B 116 -6.51 44.88 10.60
N ILE B 117 -7.27 45.54 11.48
CA ILE B 117 -6.66 46.53 12.35
C ILE B 117 -5.67 45.85 13.29
N PHE B 118 -6.04 44.68 13.82
CA PHE B 118 -5.16 43.96 14.71
C PHE B 118 -3.87 43.57 14.01
N ARG B 119 -3.95 43.18 12.73
CA ARG B 119 -2.72 42.82 12.02
C ARG B 119 -1.77 44.00 11.97
N LEU B 120 -2.30 45.22 11.86
CA LEU B 120 -1.45 46.41 11.92
C LEU B 120 -0.76 46.52 13.27
N ALA B 121 -1.49 46.21 14.35
CA ALA B 121 -0.88 46.18 15.68
C ALA B 121 0.24 45.15 15.73
N SER B 122 0.06 44.01 15.04
CA SER B 122 1.06 42.95 15.08
C SER B 122 2.34 43.39 14.38
N ILE B 123 2.20 43.91 13.16
CA ILE B 123 3.38 44.28 12.39
C ILE B 123 4.12 45.42 13.06
N PHE B 124 3.39 46.24 13.83
CA PHE B 124 4.06 47.28 14.61
C PHE B 124 5.19 46.69 15.45
N SER B 125 4.96 45.51 16.03
CA SER B 125 5.98 44.85 16.84
C SER B 125 6.79 43.86 16.01
N GLY B 126 6.12 43.06 15.19
CA GLY B 126 6.78 42.10 14.34
C GLY B 126 5.86 41.00 13.86
N SER B 137 19.99 48.20 5.83
CA SER B 137 19.30 46.96 6.12
C SER B 137 18.30 46.60 5.03
N ASN B 138 18.44 45.41 4.45
CA ASN B 138 17.52 44.92 3.43
C ASN B 138 16.32 44.32 4.14
N HIS B 139 15.28 45.12 4.32
CA HIS B 139 14.15 44.71 5.16
C HIS B 139 13.31 43.63 4.47
N CYS B 140 13.18 43.70 3.14
CA CYS B 140 12.46 42.66 2.42
C CYS B 140 13.20 41.33 2.51
N LEU B 141 14.53 41.36 2.55
CA LEU B 141 15.29 40.15 2.76
C LEU B 141 14.99 39.54 4.13
N ASP B 142 14.99 40.37 5.17
CA ASP B 142 14.63 39.88 6.50
C ASP B 142 13.23 39.27 6.49
N ALA B 143 12.30 39.90 5.77
CA ALA B 143 10.97 39.30 5.62
C ALA B 143 11.05 37.94 4.94
N ALA B 144 11.85 37.85 3.87
CA ALA B 144 12.04 36.56 3.19
C ALA B 144 12.70 35.54 4.11
N LYS B 145 13.70 35.97 4.88
CA LYS B 145 14.36 35.05 5.81
C LYS B 145 13.39 34.54 6.86
N ALA B 146 12.53 35.42 7.37
CA ALA B 146 11.49 35.02 8.31
C ALA B 146 10.60 33.93 7.72
N CYS B 147 10.25 34.07 6.43
CA CYS B 147 9.48 33.02 5.76
C CYS B 147 10.30 31.74 5.65
N ASN B 148 11.56 31.85 5.20
CA ASN B 148 12.39 30.67 5.00
C ASN B 148 12.51 29.84 6.26
N LEU B 149 12.47 30.49 7.43
CA LEU B 149 12.54 29.77 8.70
C LEU B 149 11.20 29.21 9.15
N ASN B 150 10.09 29.58 8.49
CA ASN B 150 8.76 29.11 8.86
C ASN B 150 8.42 27.93 7.97
N ASP B 151 8.30 26.74 8.58
CA ASP B 151 8.13 25.52 7.79
C ASP B 151 6.94 25.62 6.84
N ASN B 152 5.86 26.25 7.29
CA ASN B 152 4.67 26.36 6.43
C ASN B 152 4.88 27.38 5.31
N CYS B 153 5.29 28.61 5.67
CA CYS B 153 5.51 29.65 4.67
C CYS B 153 6.60 29.24 3.70
N LYS B 154 7.73 28.78 4.22
CA LYS B 154 8.86 28.36 3.39
C LYS B 154 8.44 27.30 2.39
N LYS B 155 7.72 26.28 2.88
CA LYS B 155 7.24 25.22 1.99
C LYS B 155 6.27 25.76 0.96
N LEU B 156 5.27 26.53 1.40
CA LEU B 156 4.33 27.10 0.44
C LEU B 156 5.04 28.03 -0.55
N ARG B 157 5.87 28.93 -0.02
CA ARG B 157 6.59 29.88 -0.86
C ARG B 157 7.44 29.18 -1.90
N SER B 158 8.26 28.23 -1.47
CA SER B 158 9.07 27.49 -2.44
C SER B 158 8.19 26.67 -3.38
N SER B 159 7.14 26.05 -2.85
CA SER B 159 6.25 25.20 -3.63
C SER B 159 5.57 25.95 -4.77
N TYR B 160 5.42 27.27 -4.65
CA TYR B 160 4.83 28.08 -5.72
C TYR B 160 5.85 28.83 -6.57
N ILE B 161 6.99 29.25 -6.01
CA ILE B 161 8.05 29.82 -6.85
C ILE B 161 8.53 28.79 -7.84
N SER B 162 8.70 27.53 -7.41
CA SER B 162 9.15 26.47 -8.31
C SER B 162 8.19 26.24 -9.46
N ILE B 163 6.97 26.76 -9.37
CA ILE B 163 6.03 26.76 -10.48
C ILE B 163 6.21 27.99 -11.34
N CYS B 164 6.30 29.17 -10.72
CA CYS B 164 6.35 30.40 -11.50
C CYS B 164 7.69 30.60 -12.21
N ASN B 165 8.77 29.97 -11.72
CA ASN B 165 10.08 30.07 -12.37
C ASN B 165 10.35 28.93 -13.35
N ARG B 166 9.33 28.13 -13.67
CA ARG B 166 9.51 26.97 -14.53
C ARG B 166 9.60 27.41 -15.98
N GLU B 167 10.66 26.99 -16.67
CA GLU B 167 10.83 27.27 -18.08
C GLU B 167 9.98 26.30 -18.89
N ILE B 168 9.27 26.82 -19.89
CA ILE B 168 8.40 26.02 -20.74
C ILE B 168 9.06 25.73 -22.08
N SER B 169 9.60 26.76 -22.73
CA SER B 169 10.19 26.61 -24.06
C SER B 169 11.21 27.73 -24.22
N PRO B 170 12.07 27.65 -25.26
CA PRO B 170 13.06 28.72 -25.46
C PRO B 170 12.47 30.12 -25.54
N THR B 171 11.20 30.26 -25.92
CA THR B 171 10.52 31.55 -26.03
C THR B 171 9.23 31.54 -25.22
N GLU B 172 9.26 30.93 -24.04
CA GLU B 172 8.15 30.98 -23.11
C GLU B 172 8.72 30.84 -21.70
N ARG B 173 8.70 31.93 -20.94
CA ARG B 173 9.40 31.95 -19.66
C ARG B 173 8.71 31.02 -18.65
N CYS B 174 7.39 30.94 -18.69
CA CYS B 174 6.64 30.18 -17.70
C CYS B 174 5.23 29.98 -18.19
N ASN B 175 4.50 29.10 -17.50
CA ASN B 175 3.05 28.97 -17.67
C ASN B 175 2.41 29.95 -16.71
N ARG B 176 2.07 31.14 -17.22
CA ARG B 176 1.58 32.22 -16.37
C ARG B 176 0.29 31.84 -15.65
N ARG B 177 -0.58 31.08 -16.34
CA ARG B 177 -1.83 30.64 -15.71
C ARG B 177 -1.56 29.77 -14.49
N LYS B 178 -0.69 28.77 -14.64
CA LYS B 178 -0.33 27.93 -13.51
C LYS B 178 0.37 28.75 -12.42
N CYS B 179 1.21 29.70 -12.82
CA CYS B 179 1.81 30.61 -11.85
C CYS B 179 0.74 31.38 -11.08
N HIS B 180 -0.23 31.95 -11.81
CA HIS B 180 -1.30 32.69 -11.14
C HIS B 180 -2.03 31.79 -10.16
N LYS B 181 -2.36 30.56 -10.57
CA LYS B 181 -2.93 29.59 -9.64
C LYS B 181 -2.01 29.34 -8.45
N ALA B 182 -0.71 29.19 -8.73
CA ALA B 182 0.28 29.04 -7.67
C ALA B 182 0.23 30.22 -6.70
N LEU B 183 0.32 31.45 -7.23
CA LEU B 183 0.30 32.61 -6.34
C LEU B 183 -1.05 32.75 -5.65
N ARG B 184 -2.15 32.48 -6.37
CA ARG B 184 -3.49 32.59 -5.81
C ARG B 184 -3.62 31.80 -4.52
N GLN B 185 -3.07 30.58 -4.48
CA GLN B 185 -3.06 29.81 -3.24
C GLN B 185 -2.06 30.37 -2.23
N PHE B 186 -0.89 30.83 -2.70
CA PHE B 186 0.12 31.38 -1.80
C PHE B 186 -0.48 32.40 -0.85
N PHE B 187 -1.24 33.36 -1.38
CA PHE B 187 -1.69 34.49 -0.56
C PHE B 187 -2.89 34.17 0.32
N ASP B 188 -3.43 32.95 0.27
CA ASP B 188 -4.47 32.51 1.19
C ASP B 188 -3.98 31.52 2.22
N ARG B 189 -2.99 30.68 1.87
CA ARG B 189 -2.52 29.63 2.76
C ARG B 189 -1.34 30.05 3.62
N VAL B 190 -0.55 31.03 3.18
CA VAL B 190 0.61 31.48 3.93
C VAL B 190 0.11 32.45 5.00
N PRO B 191 0.56 32.36 6.25
CA PRO B 191 -0.01 33.23 7.28
C PRO B 191 0.22 34.70 6.93
N SER B 192 -0.73 35.53 7.38
CA SER B 192 -0.67 36.97 7.10
C SER B 192 0.66 37.57 7.53
N GLU B 193 1.16 37.17 8.71
CA GLU B 193 2.39 37.72 9.26
C GLU B 193 3.63 37.38 8.43
N TYR B 194 3.52 36.53 7.41
CA TYR B 194 4.57 36.34 6.41
C TYR B 194 4.15 36.84 5.04
N THR B 195 2.88 36.59 4.66
CA THR B 195 2.36 37.03 3.38
C THR B 195 2.42 38.55 3.26
N TYR B 196 1.88 39.25 4.25
CA TYR B 196 1.85 40.71 4.16
C TYR B 196 3.21 41.32 4.49
N ARG B 197 3.94 40.76 5.46
CA ARG B 197 5.28 41.26 5.75
C ARG B 197 6.17 41.24 4.51
N MET B 198 6.12 40.15 3.74
CA MET B 198 6.90 40.10 2.51
C MET B 198 6.30 40.96 1.41
N LEU B 199 4.99 40.93 1.24
CA LEU B 199 4.36 41.67 0.14
C LEU B 199 4.55 43.18 0.30
N PHE B 200 4.39 43.69 1.52
CA PHE B 200 4.41 45.13 1.79
C PHE B 200 5.64 45.54 2.60
N CYS B 201 6.76 44.85 2.38
CA CYS B 201 8.00 45.17 3.06
C CYS B 201 8.55 46.53 2.63
N SER B 202 9.18 47.23 3.56
CA SER B 202 9.86 48.48 3.27
C SER B 202 11.27 48.21 2.75
N CYS B 203 11.91 49.28 2.26
CA CYS B 203 13.28 49.17 1.77
C CYS B 203 14.04 50.47 2.01
N GLN B 204 15.36 50.36 1.90
CA GLN B 204 16.28 51.49 2.00
C GLN B 204 17.07 51.75 0.73
N ASP B 205 17.08 50.81 -0.23
CA ASP B 205 17.87 50.93 -1.44
C ASP B 205 17.12 50.25 -2.59
N GLN B 206 17.75 50.24 -3.78
CA GLN B 206 17.11 49.66 -4.95
C GLN B 206 17.26 48.15 -4.99
N ALA B 207 18.31 47.61 -4.35
CA ALA B 207 18.46 46.15 -4.28
C ALA B 207 17.32 45.53 -3.49
N CYS B 208 17.00 46.10 -2.33
CA CYS B 208 15.80 45.69 -1.60
C CYS B 208 14.54 46.02 -2.39
N ALA B 209 14.46 47.23 -2.92
CA ALA B 209 13.23 47.66 -3.60
C ALA B 209 12.91 46.73 -4.77
N GLU B 210 13.92 46.28 -5.50
CA GLU B 210 13.70 45.31 -6.56
C GLU B 210 13.28 43.97 -5.98
N ARG B 211 13.93 43.54 -4.89
CA ARG B 211 13.49 42.34 -4.19
C ARG B 211 12.00 42.41 -3.86
N ARG B 212 11.56 43.57 -3.40
CA ARG B 212 10.12 43.82 -3.17
C ARG B 212 9.33 43.63 -4.46
N ARG B 213 9.78 44.28 -5.54
CA ARG B 213 9.13 44.11 -6.84
C ARG B 213 9.17 42.65 -7.29
N GLN B 214 10.24 41.93 -6.97
CA GLN B 214 10.41 40.56 -7.42
C GLN B 214 9.65 39.55 -6.57
N THR B 215 8.93 40.02 -5.54
CA THR B 215 8.23 39.13 -4.61
C THR B 215 7.44 38.02 -5.31
N ILE B 216 6.71 38.34 -6.38
CA ILE B 216 5.89 37.37 -7.09
C ILE B 216 6.38 37.12 -8.53
N LEU B 217 7.67 37.31 -8.79
CA LEU B 217 8.28 36.99 -10.10
C LEU B 217 7.59 37.75 -11.22
N PRO B 218 7.72 39.07 -11.27
CA PRO B 218 7.08 39.81 -12.36
C PRO B 218 7.38 39.21 -13.73
N SER B 219 8.59 38.70 -13.93
CA SER B 219 8.95 38.11 -15.21
C SER B 219 8.03 36.96 -15.62
N CYS B 220 7.18 36.48 -14.70
CA CYS B 220 6.22 35.42 -15.00
C CYS B 220 4.79 35.85 -14.75
N SER B 221 4.48 36.38 -13.56
CA SER B 221 3.11 36.63 -13.14
C SER B 221 2.57 37.98 -13.62
N TYR B 222 3.44 38.96 -13.84
CA TYR B 222 3.03 40.34 -14.10
C TYR B 222 3.39 40.81 -15.50
N GLU B 223 4.65 40.66 -15.89
CA GLU B 223 5.12 41.16 -17.17
C GLU B 223 4.73 40.20 -18.29
N ASP B 224 4.62 40.76 -19.50
CA ASP B 224 4.24 40.00 -20.68
C ASP B 224 4.67 40.81 -21.89
N LYS B 225 4.45 40.24 -23.08
CA LYS B 225 4.82 40.94 -24.30
C LYS B 225 3.99 42.21 -24.48
N GLU B 226 2.72 42.17 -24.10
CA GLU B 226 1.78 43.27 -24.32
C GLU B 226 1.17 43.75 -23.00
N LYS B 227 0.72 45.01 -23.01
CA LYS B 227 -0.04 45.61 -21.92
C LYS B 227 -1.45 45.90 -22.43
N PRO B 228 -2.42 45.00 -22.24
CA PRO B 228 -3.77 45.27 -22.75
C PRO B 228 -4.36 46.53 -22.14
N ASN B 229 -5.44 47.01 -22.75
CA ASN B 229 -6.20 48.14 -22.22
C ASN B 229 -6.82 47.77 -20.87
N CYS B 230 -6.56 48.62 -19.85
CA CYS B 230 -7.05 48.34 -18.51
C CYS B 230 -8.57 48.23 -18.48
N LEU B 231 -9.26 48.97 -19.35
CA LEU B 231 -10.72 48.90 -19.38
C LEU B 231 -11.19 47.53 -19.89
N ASP B 232 -10.61 47.06 -21.00
CA ASP B 232 -10.91 45.72 -21.46
C ASP B 232 -10.47 44.67 -20.44
N LEU B 233 -9.30 44.89 -19.82
CA LEU B 233 -8.83 43.94 -18.82
C LEU B 233 -9.78 43.85 -17.64
N ARG B 234 -10.27 45.00 -17.17
CA ARG B 234 -11.30 44.99 -16.12
C ARG B 234 -12.55 44.27 -16.59
N GLY B 235 -12.97 44.53 -17.83
CA GLY B 235 -14.12 43.83 -18.38
C GLY B 235 -13.94 42.33 -18.38
N VAL B 236 -12.73 41.86 -18.71
CA VAL B 236 -12.44 40.42 -18.64
C VAL B 236 -12.52 39.94 -17.20
N CYS B 237 -11.84 40.65 -16.28
CA CYS B 237 -11.90 40.31 -14.86
C CYS B 237 -13.33 40.25 -14.35
N ARG B 238 -14.18 41.18 -14.81
CA ARG B 238 -15.55 41.23 -14.33
C ARG B 238 -16.29 39.91 -14.55
N THR B 239 -15.88 39.15 -15.57
CA THR B 239 -16.58 37.91 -15.89
C THR B 239 -16.20 36.76 -14.96
N ASP B 240 -15.06 36.85 -14.27
CA ASP B 240 -14.63 35.83 -13.33
C ASP B 240 -15.13 36.20 -11.94
N HIS B 241 -15.78 35.25 -11.27
CA HIS B 241 -16.38 35.53 -9.97
C HIS B 241 -15.34 35.95 -8.94
N LEU B 242 -14.24 35.19 -8.84
CA LEU B 242 -13.23 35.47 -7.83
C LEU B 242 -12.46 36.76 -8.13
N CYS B 243 -12.06 36.93 -9.40
CA CYS B 243 -11.36 38.15 -9.80
C CYS B 243 -12.26 39.36 -9.63
N ARG B 244 -13.46 39.31 -10.21
CA ARG B 244 -14.40 40.41 -10.11
C ARG B 244 -14.71 40.74 -8.66
N SER B 245 -15.04 39.74 -7.85
CA SER B 245 -15.41 39.99 -6.46
C SER B 245 -14.23 40.49 -5.65
N ARG B 246 -13.05 39.87 -5.81
CA ARG B 246 -11.87 40.39 -5.11
C ARG B 246 -11.49 41.77 -5.65
N LEU B 247 -11.75 42.03 -6.94
CA LEU B 247 -11.63 43.39 -7.44
C LEU B 247 -12.58 44.32 -6.70
N ALA B 248 -13.83 43.89 -6.53
CA ALA B 248 -14.78 44.63 -5.71
C ALA B 248 -14.23 44.81 -4.30
N ASP B 249 -13.63 43.77 -3.73
CA ASP B 249 -12.98 43.89 -2.43
C ASP B 249 -11.89 44.95 -2.46
N PHE B 250 -11.14 45.02 -3.57
CA PHE B 250 -10.05 45.98 -3.69
C PHE B 250 -10.57 47.39 -3.49
N HIS B 251 -11.43 47.88 -4.39
CA HIS B 251 -11.87 49.27 -4.25
C HIS B 251 -12.87 49.44 -3.11
N ALA B 252 -13.44 48.34 -2.58
CA ALA B 252 -14.21 48.41 -1.35
C ALA B 252 -13.37 48.93 -0.19
N ASN B 253 -12.08 48.55 -0.15
CA ASN B 253 -11.17 49.05 0.87
C ASN B 253 -10.05 49.97 0.37
N CYS B 254 -9.84 50.06 -0.94
CA CYS B 254 -8.73 50.81 -1.52
C CYS B 254 -9.16 51.99 -2.38
N ARG B 255 -10.46 52.24 -2.53
CA ARG B 255 -10.92 53.39 -3.29
C ARG B 255 -10.31 54.67 -2.72
N ALA B 256 -9.85 55.56 -3.59
CA ALA B 256 -9.20 56.76 -3.12
C ALA B 256 -10.25 57.67 -2.51
N SER B 257 -10.64 57.38 -1.27
CA SER B 257 -11.67 58.13 -0.57
C SER B 257 -11.10 59.44 -0.06
N TYR B 258 -11.99 60.44 0.08
CA TYR B 258 -11.64 61.76 0.56
C TYR B 258 -12.19 62.05 1.95
N GLN B 259 -13.25 61.36 2.37
CA GLN B 259 -13.86 61.64 3.67
C GLN B 259 -12.94 61.23 4.82
N THR B 260 -12.17 60.16 4.65
CA THR B 260 -11.26 59.69 5.67
C THR B 260 -9.89 60.37 5.52
N VAL B 261 -9.05 60.15 6.52
CA VAL B 261 -7.74 60.81 6.56
C VAL B 261 -6.79 60.17 5.57
N THR B 262 -6.75 58.84 5.53
CA THR B 262 -5.80 58.08 4.73
C THR B 262 -6.41 57.55 3.44
N SER B 263 -7.60 58.00 3.06
CA SER B 263 -8.37 57.51 1.92
C SER B 263 -8.75 56.04 2.04
N CYS B 264 -8.59 55.42 3.23
CA CYS B 264 -8.97 54.05 3.51
C CYS B 264 -10.22 54.05 4.41
N PRO B 265 -11.12 53.08 4.29
CA PRO B 265 -12.23 53.01 5.25
C PRO B 265 -11.75 53.00 6.69
N ALA B 266 -12.37 53.84 7.52
CA ALA B 266 -11.95 54.06 8.91
C ALA B 266 -10.43 54.15 9.03
N ASP B 267 -9.78 54.76 8.03
CA ASP B 267 -8.32 54.89 8.00
C ASP B 267 -7.63 53.55 8.24
N ASN B 268 -8.24 52.47 7.76
CA ASN B 268 -7.75 51.11 7.99
C ASN B 268 -6.76 50.77 6.89
N TYR B 269 -5.48 50.72 7.24
CA TYR B 269 -4.44 50.42 6.26
C TYR B 269 -4.56 49.00 5.74
N GLN B 270 -4.68 48.03 6.65
CA GLN B 270 -4.64 46.62 6.28
C GLN B 270 -5.87 46.20 5.48
N ALA B 271 -7.03 46.77 5.76
CA ALA B 271 -8.23 46.40 4.99
C ALA B 271 -8.00 46.54 3.50
N CYS B 272 -7.36 47.64 3.09
CA CYS B 272 -6.97 47.79 1.70
C CYS B 272 -5.91 46.79 1.32
N LEU B 273 -4.86 46.67 2.14
CA LEU B 273 -3.72 45.84 1.80
C LEU B 273 -4.15 44.38 1.61
N GLY B 274 -5.06 43.90 2.46
CA GLY B 274 -5.58 42.55 2.29
C GLY B 274 -6.34 42.38 0.99
N SER B 275 -7.32 43.25 0.74
CA SER B 275 -8.06 43.15 -0.51
C SER B 275 -7.14 43.34 -1.71
N TYR B 276 -6.17 44.25 -1.61
CA TYR B 276 -5.19 44.41 -2.67
C TYR B 276 -4.46 43.11 -2.95
N ALA B 277 -3.89 42.49 -1.91
CA ALA B 277 -3.16 41.24 -2.09
C ALA B 277 -4.03 40.16 -2.71
N GLY B 278 -5.33 40.15 -2.39
CA GLY B 278 -6.22 39.15 -2.97
C GLY B 278 -6.24 39.12 -4.47
N MET B 279 -5.94 40.25 -5.12
CA MET B 279 -5.98 40.34 -6.57
C MET B 279 -4.81 39.65 -7.25
N ILE B 280 -3.74 39.35 -6.51
CA ILE B 280 -2.55 38.71 -7.08
C ILE B 280 -2.88 37.25 -7.35
N GLY B 281 -2.65 36.82 -8.59
CA GLY B 281 -3.03 35.51 -9.05
C GLY B 281 -4.24 35.50 -9.98
N PHE B 282 -4.67 36.67 -10.47
CA PHE B 282 -5.75 36.79 -11.43
C PHE B 282 -5.29 37.66 -12.59
N ASP B 283 -6.17 37.82 -13.58
CA ASP B 283 -5.83 38.61 -14.76
C ASP B 283 -5.42 40.02 -14.39
N MET B 284 -5.97 40.57 -13.29
CA MET B 284 -5.74 41.94 -12.88
C MET B 284 -4.60 42.08 -11.88
N THR B 285 -3.76 41.05 -11.73
CA THR B 285 -2.63 41.01 -10.80
C THR B 285 -1.86 42.33 -10.78
N PRO B 286 -1.98 43.15 -9.74
CA PRO B 286 -1.11 44.33 -9.65
C PRO B 286 0.31 43.97 -9.23
N ASN B 287 1.24 44.86 -9.56
CA ASN B 287 2.62 44.72 -9.09
C ASN B 287 3.26 46.10 -8.99
N TYR B 288 4.42 46.14 -8.35
CA TYR B 288 5.21 47.36 -8.23
C TYR B 288 5.72 47.82 -9.58
N VAL B 289 5.70 49.13 -9.80
CA VAL B 289 6.09 49.68 -11.11
C VAL B 289 7.59 49.59 -11.31
N ASP B 290 8.36 50.03 -10.31
CA ASP B 290 9.81 50.10 -10.41
C ASP B 290 10.42 49.67 -9.07
N SER B 291 11.71 49.97 -8.90
CA SER B 291 12.47 49.58 -7.72
C SER B 291 12.90 50.80 -6.91
N SER B 292 12.06 51.84 -6.87
CA SER B 292 12.37 53.00 -6.05
C SER B 292 12.58 52.57 -4.60
N PRO B 293 13.62 53.05 -3.92
CA PRO B 293 13.80 52.63 -2.51
C PRO B 293 12.56 52.83 -1.65
N THR B 294 11.82 53.92 -1.85
CA THR B 294 10.63 54.22 -1.09
C THR B 294 9.43 54.68 -1.93
N GLY B 295 9.65 55.10 -3.17
CA GLY B 295 8.56 55.62 -3.99
C GLY B 295 7.65 54.51 -4.49
N ILE B 296 6.84 53.95 -3.59
CA ILE B 296 6.07 52.75 -3.88
C ILE B 296 4.89 53.11 -4.76
N VAL B 297 4.87 52.56 -5.98
CA VAL B 297 3.77 52.73 -6.93
C VAL B 297 3.47 51.35 -7.50
N VAL B 298 2.19 50.99 -7.53
CA VAL B 298 1.75 49.69 -8.04
C VAL B 298 0.64 49.90 -9.07
N SER B 299 0.49 48.93 -9.96
CA SER B 299 -0.59 48.92 -10.94
C SER B 299 -0.66 47.53 -11.57
N PRO B 300 -1.83 47.15 -12.15
CA PRO B 300 -1.88 45.95 -13.00
C PRO B 300 -1.07 46.09 -14.26
N TRP B 301 -1.10 45.07 -15.11
CA TRP B 301 -0.29 45.00 -16.31
C TRP B 301 -1.15 45.38 -17.51
N CYS B 302 -1.38 46.68 -17.67
CA CYS B 302 -2.29 47.19 -18.68
C CYS B 302 -2.03 48.68 -18.86
N SER B 303 -2.68 49.27 -19.85
CA SER B 303 -2.61 50.70 -20.09
C SER B 303 -3.98 51.17 -20.60
N CYS B 304 -4.04 52.42 -21.07
CA CYS B 304 -5.27 53.02 -21.55
C CYS B 304 -5.17 53.39 -23.03
N ARG B 305 -4.33 52.69 -23.79
CA ARG B 305 -4.23 52.93 -25.22
C ARG B 305 -5.44 52.32 -25.93
N GLY B 306 -6.09 53.11 -26.76
CA GLY B 306 -7.28 52.68 -27.46
C GLY B 306 -8.57 52.81 -26.68
N SER B 307 -8.61 53.66 -25.65
CA SER B 307 -9.82 53.88 -24.89
C SER B 307 -10.73 54.91 -25.56
N GLY B 308 -10.15 55.95 -26.13
CA GLY B 308 -10.91 57.00 -26.80
C GLY B 308 -11.96 57.61 -25.89
N ASN B 309 -13.23 57.44 -26.28
CA ASN B 309 -14.34 58.00 -25.50
C ASN B 309 -14.35 57.51 -24.05
N MET B 310 -13.67 56.40 -23.75
CA MET B 310 -13.66 55.81 -22.42
C MET B 310 -12.35 56.04 -21.67
N GLU B 311 -11.50 56.98 -22.13
CA GLU B 311 -10.21 57.25 -21.46
C GLU B 311 -10.39 57.60 -19.99
N GLU B 312 -11.44 58.37 -19.67
CA GLU B 312 -11.71 58.74 -18.29
C GLU B 312 -11.96 57.52 -17.42
N GLU B 313 -12.85 56.62 -17.87
CA GLU B 313 -13.18 55.45 -17.08
C GLU B 313 -11.97 54.54 -16.92
N CYS B 314 -11.15 54.42 -17.97
CA CYS B 314 -9.94 53.62 -17.89
C CYS B 314 -9.02 54.16 -16.80
N GLU B 315 -8.73 55.46 -16.86
CA GLU B 315 -7.90 56.07 -15.83
C GLU B 315 -8.63 56.06 -14.49
N LYS B 316 -9.94 56.30 -14.51
CA LYS B 316 -10.70 56.36 -13.26
C LYS B 316 -10.40 55.13 -12.41
N PHE B 317 -10.31 53.95 -13.04
CA PHE B 317 -9.95 52.76 -12.29
C PHE B 317 -8.45 52.63 -12.09
N LEU B 318 -7.66 52.84 -13.14
CA LEU B 318 -6.21 52.69 -13.01
C LEU B 318 -5.62 53.63 -11.97
N ARG B 319 -6.18 54.85 -11.84
CA ARG B 319 -5.66 55.80 -10.85
C ARG B 319 -5.75 55.23 -9.45
N ASP B 320 -6.73 54.36 -9.20
CA ASP B 320 -6.91 53.75 -7.87
C ASP B 320 -5.70 52.92 -7.44
N PHE B 321 -4.79 52.59 -8.35
CA PHE B 321 -3.60 51.83 -8.04
C PHE B 321 -2.38 52.73 -7.80
N THR B 322 -2.24 53.78 -8.60
CA THR B 322 -1.02 54.60 -8.61
C THR B 322 -1.19 55.95 -7.93
N GLU B 323 -2.38 56.53 -7.99
CA GLU B 323 -2.65 57.84 -7.43
C GLU B 323 -3.54 57.75 -6.20
N ASN B 324 -3.42 56.63 -5.46
CA ASN B 324 -4.34 56.29 -4.38
C ASN B 324 -3.63 56.47 -3.04
N PRO B 325 -3.93 57.53 -2.27
CA PRO B 325 -3.25 57.69 -0.98
C PRO B 325 -3.46 56.51 -0.04
N CYS B 326 -4.53 55.73 -0.22
CA CYS B 326 -4.77 54.59 0.65
C CYS B 326 -3.66 53.55 0.50
N LEU B 327 -3.47 53.04 -0.72
CA LEU B 327 -2.36 52.12 -0.98
C LEU B 327 -1.02 52.74 -0.62
N ARG B 328 -0.83 54.02 -0.98
CA ARG B 328 0.44 54.69 -0.71
C ARG B 328 0.75 54.69 0.78
N ASN B 329 -0.18 55.19 1.59
CA ASN B 329 0.01 55.23 3.04
C ASN B 329 -0.06 53.84 3.65
N ALA B 330 -1.00 53.01 3.19
CA ALA B 330 -1.15 51.68 3.78
C ALA B 330 0.09 50.84 3.57
N ILE B 331 0.65 50.84 2.36
CA ILE B 331 1.82 50.00 2.08
C ILE B 331 3.04 50.55 2.83
N GLN B 332 3.25 51.86 2.77
CA GLN B 332 4.38 52.44 3.49
C GLN B 332 4.20 52.32 5.00
N ALA B 333 3.02 52.69 5.51
CA ALA B 333 2.79 52.63 6.94
C ALA B 333 2.97 51.21 7.48
N PHE B 334 2.37 50.23 6.80
CA PHE B 334 2.52 48.84 7.20
C PHE B 334 3.98 48.43 7.16
N GLY B 335 4.65 48.66 6.02
CA GLY B 335 6.04 48.30 5.91
C GLY B 335 6.92 48.97 6.94
N ASN B 336 6.53 50.17 7.40
CA ASN B 336 7.29 50.90 8.39
C ASN B 336 6.96 50.48 9.83
N GLY B 337 6.03 49.55 10.03
CA GLY B 337 5.63 49.11 11.35
C GLY B 337 4.42 49.83 11.90
N THR B 338 3.56 50.31 11.00
CA THR B 338 2.29 50.95 11.38
C THR B 338 1.14 50.30 10.62
N LEU C 3 39.41 5.32 -10.00
CA LEU C 3 40.16 4.67 -8.94
C LEU C 3 39.97 3.16 -8.98
N GLY C 4 40.87 2.43 -8.32
CA GLY C 4 40.74 0.99 -8.21
C GLY C 4 39.64 0.53 -7.28
N ALA C 5 39.03 1.45 -6.53
CA ALA C 5 37.98 1.08 -5.60
C ALA C 5 36.85 0.37 -6.34
N ARG C 6 36.37 -0.73 -5.76
CA ARG C 6 35.28 -1.49 -6.34
C ARG C 6 33.94 -0.86 -5.96
N PRO C 7 32.88 -1.13 -6.74
CA PRO C 7 31.58 -0.51 -6.44
C PRO C 7 30.94 -1.07 -5.18
N CYS C 8 30.06 -0.26 -4.60
CA CYS C 8 29.27 -0.67 -3.44
C CYS C 8 28.36 -1.84 -3.80
N GLY C 9 28.49 -2.94 -3.06
CA GLY C 9 27.68 -4.12 -3.32
C GLY C 9 27.94 -5.18 -2.27
N LEU C 10 27.34 -6.35 -2.52
CA LEU C 10 27.41 -7.46 -1.56
C LEU C 10 28.62 -8.34 -1.86
N ARG C 11 29.40 -8.64 -0.82
CA ARG C 11 30.47 -9.62 -0.85
C ARG C 11 30.06 -10.81 0.03
N GLU C 12 30.86 -11.87 0.01
CA GLU C 12 30.56 -13.04 0.81
C GLU C 12 31.85 -13.70 1.30
N LEU C 13 31.76 -14.33 2.48
CA LEU C 13 32.82 -15.20 2.97
C LEU C 13 32.20 -16.28 3.86
N GLU C 14 32.60 -17.53 3.62
CA GLU C 14 32.12 -18.65 4.42
C GLU C 14 32.89 -18.66 5.74
N VAL C 15 32.18 -18.52 6.86
CA VAL C 15 32.81 -18.42 8.18
C VAL C 15 32.05 -19.30 9.17
N ARG C 16 32.79 -19.96 10.04
CA ARG C 16 32.19 -20.79 11.07
C ARG C 16 31.45 -19.94 12.10
N VAL C 17 30.42 -20.52 12.71
CA VAL C 17 29.57 -19.77 13.64
C VAL C 17 30.40 -19.28 14.82
N SER C 18 31.17 -20.18 15.44
CA SER C 18 31.98 -19.79 16.59
C SER C 18 33.01 -18.72 16.22
N GLU C 19 33.47 -18.72 14.98
CA GLU C 19 34.45 -17.72 14.56
C GLU C 19 33.89 -16.31 14.59
N LEU C 20 32.57 -16.14 14.58
CA LEU C 20 31.97 -14.81 14.61
C LEU C 20 32.12 -14.13 15.96
N GLY C 21 32.56 -14.85 16.99
CA GLY C 21 32.74 -14.25 18.30
C GLY C 21 31.46 -13.92 19.03
N LEU C 22 30.38 -14.63 18.75
CA LEU C 22 29.08 -14.38 19.34
C LEU C 22 28.80 -15.25 20.57
N GLY C 23 29.75 -16.08 20.97
CA GLY C 23 29.55 -16.97 22.10
C GLY C 23 28.82 -18.25 21.79
N TYR C 24 28.56 -18.55 20.52
CA TYR C 24 27.81 -19.73 20.10
C TYR C 24 28.82 -20.78 19.66
N ALA C 25 29.02 -21.80 20.50
CA ALA C 25 30.06 -22.81 20.30
C ALA C 25 29.58 -23.83 19.27
N SER C 26 29.71 -23.45 17.99
CA SER C 26 29.27 -24.27 16.88
C SER C 26 30.32 -24.24 15.78
N ASP C 27 30.56 -25.39 15.16
CA ASP C 27 31.50 -25.51 14.05
C ASP C 27 30.82 -25.48 12.69
N GLU C 28 29.53 -25.14 12.62
CA GLU C 28 28.88 -24.93 11.34
C GLU C 28 29.34 -23.61 10.72
N THR C 29 29.26 -23.54 9.39
CA THR C 29 29.62 -22.34 8.65
C THR C 29 28.36 -21.67 8.12
N VAL C 30 28.46 -20.36 7.91
CA VAL C 30 27.41 -19.56 7.32
C VAL C 30 28.01 -18.73 6.20
N LEU C 31 27.16 -18.37 5.25
CA LEU C 31 27.56 -17.52 4.12
C LEU C 31 27.45 -16.07 4.55
N PHE C 32 28.51 -15.53 5.15
CA PHE C 32 28.51 -14.18 5.68
C PHE C 32 28.62 -13.22 4.49
N ARG C 33 27.51 -12.60 4.14
CA ARG C 33 27.47 -11.58 3.10
C ARG C 33 27.55 -10.21 3.76
N TYR C 34 28.14 -9.24 3.06
CA TYR C 34 28.23 -7.90 3.62
C TYR C 34 28.28 -6.86 2.52
N CYS C 35 27.89 -5.64 2.90
CA CYS C 35 27.75 -4.50 1.99
C CYS C 35 29.01 -3.65 2.07
N ALA C 36 29.70 -3.48 0.93
CA ALA C 36 30.96 -2.74 0.93
C ALA C 36 31.25 -2.24 -0.48
N GLY C 37 32.05 -1.18 -0.53
CA GLY C 37 32.57 -0.66 -1.79
C GLY C 37 32.28 0.81 -1.97
N ALA C 38 32.85 1.34 -3.05
CA ALA C 38 32.70 2.75 -3.38
C ALA C 38 31.24 3.06 -3.71
N CYS C 39 30.78 4.22 -3.22
CA CYS C 39 29.41 4.65 -3.49
C CYS C 39 29.35 5.38 -4.82
N GLU C 40 28.50 4.90 -5.73
CA GLU C 40 28.35 5.53 -7.04
C GLU C 40 27.64 6.88 -6.91
N ALA C 41 26.70 6.98 -5.97
CA ALA C 41 25.92 8.20 -5.84
C ALA C 41 26.83 9.37 -5.49
N ALA C 42 26.61 10.50 -6.17
CA ALA C 42 27.36 11.71 -5.85
C ALA C 42 26.82 12.32 -4.56
N ALA C 43 27.70 13.05 -3.86
CA ALA C 43 27.28 13.77 -2.67
C ALA C 43 26.15 14.72 -3.03
N ARG C 44 25.08 14.66 -2.24
CA ARG C 44 23.96 15.58 -2.40
C ARG C 44 24.36 17.00 -2.01
N VAL C 45 23.57 17.98 -2.45
CA VAL C 45 23.80 19.36 -2.04
C VAL C 45 23.65 19.47 -0.53
N TYR C 46 22.86 18.58 0.05
CA TYR C 46 22.88 18.36 1.50
C TYR C 46 24.30 18.05 1.98
N ASP C 47 24.92 17.01 1.40
CA ASP C 47 26.26 16.62 1.84
C ASP C 47 27.28 17.67 1.44
N LEU C 48 27.11 18.31 0.29
CA LEU C 48 28.04 19.35 -0.12
C LEU C 48 28.00 20.53 0.85
N GLY C 49 26.79 20.95 1.25
CA GLY C 49 26.69 21.97 2.28
C GLY C 49 27.27 21.50 3.61
N LEU C 50 26.94 20.28 4.02
CA LEU C 50 27.48 19.72 5.25
C LEU C 50 29.00 19.73 5.23
N ARG C 51 29.60 19.29 4.12
CA ARG C 51 31.05 19.26 4.00
C ARG C 51 31.64 20.66 4.18
N ARG C 52 31.08 21.66 3.49
CA ARG C 52 31.56 23.03 3.63
C ARG C 52 31.31 23.57 5.03
N LEU C 53 30.14 23.28 5.61
CA LEU C 53 29.86 23.73 6.96
C LEU C 53 30.67 22.96 8.00
N ARG C 54 31.04 21.71 7.70
CA ARG C 54 31.88 20.94 8.61
C ARG C 54 33.33 21.41 8.54
N GLN C 55 33.87 21.54 7.32
CA GLN C 55 35.27 21.93 7.17
C GLN C 55 35.53 23.29 7.80
N ARG C 56 34.60 24.23 7.66
CA ARG C 56 34.74 25.56 8.24
C ARG C 56 34.32 25.61 9.71
N ARG C 57 33.95 24.48 10.31
CA ARG C 57 33.55 24.41 11.72
C ARG C 57 32.32 25.28 11.99
N ARG C 58 31.36 25.25 11.06
CA ARG C 58 30.07 25.89 11.27
C ARG C 58 29.07 24.99 11.98
N LEU C 59 29.30 23.68 11.98
CA LEU C 59 28.42 22.71 12.62
C LEU C 59 28.96 22.32 13.99
N ARG C 60 28.04 21.99 14.88
CA ARG C 60 28.43 21.44 16.18
C ARG C 60 29.21 20.15 15.99
N ARG C 61 30.31 20.01 16.74
CA ARG C 61 31.08 18.79 16.71
C ARG C 61 30.20 17.62 17.13
N GLU C 62 29.96 16.69 16.21
CA GLU C 62 28.95 15.68 16.42
C GLU C 62 29.24 14.48 15.52
N ARG C 63 28.62 13.36 15.86
CA ARG C 63 28.71 12.14 15.07
C ARG C 63 28.04 12.34 13.71
N VAL C 64 28.78 12.92 12.76
CA VAL C 64 28.26 13.23 11.44
C VAL C 64 28.97 12.37 10.41
N ARG C 65 28.42 12.34 9.20
CA ARG C 65 28.99 11.62 8.08
C ARG C 65 28.98 12.53 6.86
N ALA C 66 30.14 12.74 6.24
CA ALA C 66 30.29 13.66 5.12
C ALA C 66 30.23 12.95 3.77
N GLN C 67 29.73 11.71 3.73
CA GLN C 67 29.59 11.00 2.47
C GLN C 67 28.61 9.85 2.67
N PRO C 68 27.91 9.41 1.63
CA PRO C 68 27.06 8.22 1.76
C PRO C 68 27.85 7.00 2.27
N CYS C 69 27.23 6.28 3.21
CA CYS C 69 27.81 5.09 3.79
C CYS C 69 27.33 3.86 3.02
N CYS C 70 28.27 3.05 2.54
CA CYS C 70 27.94 1.81 1.83
C CYS C 70 27.51 0.77 2.86
N ARG C 71 26.22 0.85 3.22
CA ARG C 71 25.64 0.03 4.29
C ARG C 71 24.57 -0.90 3.75
N PRO C 72 24.31 -2.03 4.43
CA PRO C 72 23.21 -2.89 4.01
C PRO C 72 21.86 -2.24 4.27
N THR C 73 20.88 -2.65 3.45
CA THR C 73 19.49 -2.25 3.60
C THR C 73 18.59 -3.40 4.01
N ALA C 74 19.08 -4.64 4.03
CA ALA C 74 18.27 -5.78 4.41
C ALA C 74 19.19 -6.93 4.79
N TYR C 75 18.67 -7.81 5.64
CA TYR C 75 19.39 -9.01 6.07
C TYR C 75 18.54 -10.24 5.76
N GLU C 76 19.21 -11.39 5.79
CA GLU C 76 18.51 -12.66 5.73
C GLU C 76 17.59 -12.80 6.94
N ASP C 77 16.48 -13.52 6.75
CA ASP C 77 15.55 -13.77 7.84
C ASP C 77 16.27 -14.35 9.06
N GLU C 78 16.89 -15.52 8.91
CA GLU C 78 17.64 -16.12 9.99
C GLU C 78 18.41 -17.32 9.48
N VAL C 79 19.39 -17.76 10.26
CA VAL C 79 20.10 -19.00 10.01
C VAL C 79 20.10 -19.82 11.30
N SER C 80 19.87 -21.12 11.15
CA SER C 80 19.85 -22.05 12.27
C SER C 80 21.12 -22.89 12.28
N PHE C 81 21.48 -23.38 13.46
CA PHE C 81 22.61 -24.28 13.57
C PHE C 81 22.48 -25.14 14.83
N LEU C 82 23.23 -26.24 14.81
CA LEU C 82 23.38 -27.17 15.93
C LEU C 82 24.74 -26.97 16.58
N ASP C 83 24.75 -26.64 17.88
CA ASP C 83 25.97 -26.22 18.56
C ASP C 83 26.66 -27.42 19.19
N ALA C 84 27.75 -27.17 19.91
CA ALA C 84 28.51 -28.23 20.53
C ALA C 84 27.75 -28.95 21.64
N HIS C 85 26.63 -28.39 22.11
CA HIS C 85 25.86 -28.96 23.22
C HIS C 85 24.60 -29.68 22.76
N SER C 86 24.52 -30.06 21.47
CA SER C 86 23.34 -30.72 20.93
C SER C 86 22.08 -29.87 21.08
N ARG C 87 22.22 -28.56 20.82
CA ARG C 87 21.11 -27.61 20.87
C ARG C 87 21.09 -26.75 19.61
N TYR C 88 19.89 -26.34 19.23
CA TYR C 88 19.69 -25.51 18.05
C TYR C 88 19.49 -24.05 18.45
N HIS C 89 19.91 -23.16 17.55
CA HIS C 89 19.74 -21.73 17.74
C HIS C 89 19.66 -21.06 16.38
N THR C 90 18.85 -20.00 16.30
CA THR C 90 18.71 -19.18 15.11
C THR C 90 19.34 -17.82 15.40
N VAL C 91 19.94 -17.22 14.38
CA VAL C 91 20.56 -15.90 14.50
C VAL C 91 19.97 -15.01 13.40
N HIS C 92 19.62 -13.79 13.78
CA HIS C 92 19.05 -12.80 12.87
C HIS C 92 20.13 -11.80 12.49
N GLU C 93 19.96 -11.21 11.32
CA GLU C 93 20.76 -10.06 10.87
C GLU C 93 22.27 -10.31 10.92
N LEU C 94 22.72 -11.46 10.39
CA LEU C 94 24.15 -11.79 10.35
C LEU C 94 24.76 -11.80 8.94
N SER C 95 23.92 -11.74 7.91
CA SER C 95 24.39 -11.80 6.52
C SER C 95 23.56 -10.82 5.70
N ALA C 96 24.22 -9.82 5.11
CA ALA C 96 23.51 -8.81 4.34
C ALA C 96 22.79 -9.43 3.15
N ARG C 97 21.53 -9.04 2.99
CA ARG C 97 20.72 -9.42 1.84
C ARG C 97 20.63 -8.34 0.78
N GLU C 98 20.66 -7.06 1.18
CA GLU C 98 20.63 -5.94 0.25
C GLU C 98 21.72 -4.94 0.64
N CYS C 99 22.25 -4.25 -0.36
CA CYS C 99 23.37 -3.32 -0.20
C CYS C 99 23.07 -2.02 -0.93
N ALA C 100 23.24 -0.90 -0.24
CA ALA C 100 23.11 0.40 -0.90
C ALA C 100 23.79 1.47 -0.06
N CYS C 101 24.19 2.55 -0.72
CA CYS C 101 24.81 3.69 -0.05
C CYS C 101 23.74 4.68 0.39
N VAL C 102 23.81 5.08 1.66
CA VAL C 102 22.88 6.04 2.24
C VAL C 102 23.65 7.29 2.63
N ASP D 18 -4.39 -38.20 -13.36
CA ASP D 18 -4.31 -38.50 -11.93
C ASP D 18 -5.62 -39.10 -11.43
N CYS D 19 -5.68 -39.40 -10.14
CA CYS D 19 -6.88 -40.00 -9.56
C CYS D 19 -8.05 -39.03 -9.56
N VAL D 20 -7.78 -37.73 -9.36
CA VAL D 20 -8.86 -36.74 -9.30
C VAL D 20 -9.54 -36.64 -10.66
N ARG D 21 -8.76 -36.47 -11.72
CA ARG D 21 -9.31 -36.40 -13.06
C ARG D 21 -9.87 -37.75 -13.50
N ALA D 22 -9.20 -38.84 -13.14
CA ALA D 22 -9.67 -40.16 -13.55
C ALA D 22 -11.11 -40.39 -13.11
N ASN D 23 -11.48 -39.86 -11.94
CA ASN D 23 -12.88 -39.96 -11.53
C ASN D 23 -13.75 -39.05 -12.39
N GLU D 24 -13.33 -37.80 -12.57
CA GLU D 24 -14.11 -36.85 -13.37
C GLU D 24 -14.37 -37.36 -14.79
N LEU D 25 -13.43 -38.14 -15.35
CA LEU D 25 -13.62 -38.61 -16.73
C LEU D 25 -14.88 -39.44 -16.87
N CYS D 26 -15.27 -40.19 -15.83
CA CYS D 26 -16.50 -41.00 -15.86
C CYS D 26 -17.56 -40.54 -14.87
N ALA D 27 -17.23 -39.67 -13.92
CA ALA D 27 -18.21 -39.22 -12.93
C ALA D 27 -19.44 -38.59 -13.58
N ALA D 28 -19.28 -37.99 -14.76
CA ALA D 28 -20.42 -37.44 -15.47
C ALA D 28 -21.39 -38.52 -15.94
N GLU D 29 -20.91 -39.76 -16.06
CA GLU D 29 -21.76 -40.84 -16.57
C GLU D 29 -22.77 -41.27 -15.51
N SER D 30 -23.98 -41.61 -15.97
CA SER D 30 -25.01 -42.10 -15.06
C SER D 30 -24.57 -43.38 -14.37
N ASN D 31 -23.73 -44.19 -15.03
CA ASN D 31 -23.26 -45.43 -14.44
C ASN D 31 -22.36 -45.17 -13.25
N CYS D 32 -21.27 -44.43 -13.47
CA CYS D 32 -20.34 -44.12 -12.39
C CYS D 32 -21.00 -43.25 -11.32
N SER D 33 -21.84 -42.30 -11.74
CA SER D 33 -22.49 -41.40 -10.78
C SER D 33 -23.35 -42.19 -9.80
N SER D 34 -24.25 -43.04 -10.30
CA SER D 34 -25.12 -43.82 -9.44
C SER D 34 -24.33 -44.83 -8.62
N ARG D 35 -23.36 -45.51 -9.24
CA ARG D 35 -22.65 -46.56 -8.52
C ARG D 35 -21.60 -45.99 -7.57
N TYR D 36 -21.05 -44.81 -7.88
CA TYR D 36 -20.18 -44.11 -6.94
C TYR D 36 -20.91 -43.86 -5.63
N ARG D 37 -22.12 -43.29 -5.71
CA ARG D 37 -22.89 -43.03 -4.50
C ARG D 37 -23.25 -44.33 -3.79
N THR D 38 -23.49 -45.39 -4.57
CA THR D 38 -23.87 -46.68 -3.99
C THR D 38 -22.81 -47.18 -3.02
N LEU D 39 -21.55 -47.16 -3.43
CA LEU D 39 -20.48 -47.61 -2.55
C LEU D 39 -20.36 -46.73 -1.31
N ARG D 40 -20.62 -45.42 -1.45
CA ARG D 40 -20.61 -44.56 -0.29
C ARG D 40 -21.61 -45.04 0.75
N GLN D 41 -22.77 -45.56 0.31
CA GLN D 41 -23.69 -46.20 1.24
C GLN D 41 -23.07 -47.45 1.86
N CYS D 42 -22.29 -48.21 1.11
CA CYS D 42 -21.58 -49.36 1.68
C CYS D 42 -20.44 -49.84 0.78
N LEU D 52 -30.46 -56.26 -1.37
CA LEU D 52 -29.93 -55.48 -0.26
C LEU D 52 -28.84 -54.53 -0.75
N ALA D 53 -28.42 -53.62 0.12
CA ALA D 53 -27.37 -52.67 -0.25
C ALA D 53 -26.09 -53.39 -0.65
N ASN D 54 -25.74 -54.47 0.06
CA ASN D 54 -24.51 -55.19 -0.24
C ASN D 54 -24.52 -55.74 -1.67
N LYS D 55 -25.69 -56.15 -2.15
CA LYS D 55 -25.81 -56.62 -3.53
C LYS D 55 -25.53 -55.50 -4.52
N GLU D 56 -26.15 -54.34 -4.32
CA GLU D 56 -25.93 -53.21 -5.21
C GLU D 56 -24.52 -52.65 -5.05
N CYS D 57 -23.99 -52.63 -3.83
CA CYS D 57 -22.62 -52.16 -3.64
C CYS D 57 -21.62 -53.10 -4.34
N GLN D 58 -21.84 -54.41 -4.26
CA GLN D 58 -21.00 -55.34 -5.03
C GLN D 58 -21.09 -55.08 -6.53
N ALA D 59 -22.30 -54.82 -7.05
CA ALA D 59 -22.43 -54.44 -8.45
C ALA D 59 -21.70 -53.14 -8.73
N ALA D 60 -21.78 -52.17 -7.81
CA ALA D 60 -21.10 -50.90 -7.99
C ALA D 60 -19.61 -51.08 -8.13
N LEU D 61 -19.03 -52.01 -7.37
CA LEU D 61 -17.60 -52.28 -7.51
C LEU D 61 -17.30 -52.82 -8.90
N GLU D 62 -18.09 -53.79 -9.36
CA GLU D 62 -17.84 -54.37 -10.69
C GLU D 62 -18.01 -53.36 -11.82
N VAL D 63 -18.98 -52.44 -11.69
CA VAL D 63 -19.18 -51.42 -12.73
C VAL D 63 -18.08 -50.38 -12.67
N LEU D 64 -17.81 -49.85 -11.48
CA LEU D 64 -16.75 -48.85 -11.32
C LEU D 64 -15.37 -49.42 -11.60
N GLN D 65 -15.19 -50.74 -11.47
CA GLN D 65 -13.91 -51.37 -11.80
C GLN D 65 -13.41 -50.98 -13.18
N GLU D 66 -14.31 -50.68 -14.12
CA GLU D 66 -13.94 -50.29 -15.47
C GLU D 66 -13.72 -48.79 -15.64
N SER D 67 -13.92 -47.99 -14.59
CA SER D 67 -13.75 -46.55 -14.72
C SER D 67 -12.27 -46.17 -14.71
N PRO D 68 -11.90 -45.03 -15.32
CA PRO D 68 -10.50 -44.60 -15.27
C PRO D 68 -9.96 -44.48 -13.85
N LEU D 69 -10.80 -44.14 -12.87
CA LEU D 69 -10.34 -44.05 -11.49
C LEU D 69 -9.74 -45.37 -11.03
N TYR D 70 -10.28 -46.49 -11.51
CA TYR D 70 -9.82 -47.79 -11.06
C TYR D 70 -8.36 -47.99 -11.41
N ASP D 71 -7.57 -48.42 -10.42
CA ASP D 71 -6.13 -48.62 -10.57
C ASP D 71 -5.42 -47.32 -10.97
N CYS D 72 -5.92 -46.18 -10.50
CA CYS D 72 -5.21 -44.92 -10.66
C CYS D 72 -4.10 -44.83 -9.62
N ARG D 73 -3.24 -43.82 -9.78
CA ARG D 73 -2.17 -43.56 -8.83
C ARG D 73 -2.03 -42.07 -8.59
N CYS D 74 -1.55 -41.72 -7.40
CA CYS D 74 -1.18 -40.37 -7.04
C CYS D 74 0.36 -40.31 -6.93
N LYS D 75 0.88 -39.14 -6.59
CA LYS D 75 2.33 -38.91 -6.56
C LYS D 75 2.68 -38.03 -5.37
N ARG D 76 3.92 -38.16 -4.89
CA ARG D 76 4.45 -37.22 -3.93
C ARG D 76 4.43 -35.81 -4.49
N GLY D 77 3.89 -34.87 -3.72
CA GLY D 77 3.84 -33.49 -4.12
C GLY D 77 2.75 -33.16 -5.13
N MET D 78 1.81 -34.07 -5.37
CA MET D 78 0.74 -33.79 -6.31
C MET D 78 -0.22 -32.74 -5.73
N LYS D 79 -0.65 -31.83 -6.60
CA LYS D 79 -1.72 -30.90 -6.27
C LYS D 79 -2.97 -31.68 -5.86
N LYS D 80 -3.56 -31.29 -4.73
CA LYS D 80 -4.67 -32.04 -4.13
C LYS D 80 -4.23 -33.44 -3.74
N GLU D 81 -3.13 -33.52 -2.99
CA GLU D 81 -2.60 -34.82 -2.57
C GLU D 81 -3.60 -35.59 -1.72
N LEU D 82 -4.55 -34.88 -1.10
CA LEU D 82 -5.56 -35.56 -0.30
C LEU D 82 -6.67 -36.12 -1.19
N GLN D 83 -7.24 -35.27 -2.07
CA GLN D 83 -8.36 -35.70 -2.89
C GLN D 83 -7.96 -36.85 -3.82
N CYS D 84 -6.72 -36.85 -4.31
CA CYS D 84 -6.29 -37.93 -5.21
C CYS D 84 -6.35 -39.29 -4.51
N LEU D 85 -6.38 -39.31 -3.18
CA LEU D 85 -6.54 -40.55 -2.42
C LEU D 85 -7.95 -40.75 -1.92
N GLN D 86 -8.58 -39.71 -1.36
CA GLN D 86 -9.94 -39.86 -0.85
C GLN D 86 -10.88 -40.33 -1.95
N ILE D 87 -10.72 -39.80 -3.16
CA ILE D 87 -11.56 -40.21 -4.28
C ILE D 87 -11.29 -41.66 -4.65
N TYR D 88 -10.01 -42.04 -4.76
CA TYR D 88 -9.68 -43.42 -5.11
C TYR D 88 -10.23 -44.39 -4.08
N TRP D 89 -9.95 -44.16 -2.79
CA TRP D 89 -10.37 -45.09 -1.76
C TRP D 89 -11.88 -45.15 -1.61
N SER D 90 -12.60 -44.10 -2.02
CA SER D 90 -14.04 -44.07 -1.84
C SER D 90 -14.77 -45.16 -2.62
N ILE D 91 -14.14 -45.74 -3.66
CA ILE D 91 -14.77 -46.77 -4.48
C ILE D 91 -14.29 -48.18 -4.09
N HIS D 92 -13.69 -48.33 -2.91
CA HIS D 92 -13.40 -49.66 -2.39
C HIS D 92 -14.60 -50.20 -1.61
N LEU D 93 -15.02 -51.42 -1.94
CA LEU D 93 -16.20 -52.02 -1.36
C LEU D 93 -15.92 -52.36 0.10
N GLY D 94 -16.79 -51.89 0.99
CA GLY D 94 -16.64 -52.13 2.42
C GLY D 94 -17.82 -52.05 3.35
N GLU D 100 -4.25 -57.39 6.29
CA GLU D 100 -4.27 -55.93 6.38
C GLU D 100 -2.89 -55.36 6.74
N PHE D 101 -1.91 -56.23 6.98
CA PHE D 101 -0.55 -55.77 7.26
C PHE D 101 -0.03 -54.92 6.11
N TYR D 102 -0.18 -55.40 4.87
CA TYR D 102 0.28 -54.70 3.69
C TYR D 102 -0.93 -54.11 2.96
N GLU D 103 -1.06 -52.79 3.01
CA GLU D 103 -2.13 -52.07 2.33
C GLU D 103 -1.62 -51.49 1.01
N ALA D 104 -2.56 -51.15 0.13
CA ALA D 104 -2.22 -50.64 -1.19
C ALA D 104 -1.54 -49.28 -1.10
N SER D 105 -0.73 -48.98 -2.11
CA SER D 105 0.06 -47.76 -2.17
C SER D 105 -0.34 -46.91 -3.37
N PRO D 106 -1.62 -46.57 -3.51
CA PRO D 106 -2.04 -45.76 -4.66
C PRO D 106 -1.36 -44.40 -4.67
N TYR D 107 -0.89 -43.92 -3.52
CA TYR D 107 -0.19 -42.64 -3.45
C TYR D 107 1.19 -42.73 -4.08
N GLU D 108 1.80 -43.91 -4.07
CA GLU D 108 3.19 -44.07 -4.52
C GLU D 108 3.37 -43.61 -5.96
N PRO D 109 4.37 -42.75 -6.26
CA PRO D 109 4.61 -42.37 -7.66
C PRO D 109 5.21 -43.49 -8.51
N VAL D 110 4.41 -44.54 -8.76
CA VAL D 110 4.89 -45.81 -9.35
C VAL D 110 5.86 -45.57 -10.50
N THR D 111 5.53 -44.63 -11.39
CA THR D 111 6.35 -44.40 -12.57
C THR D 111 7.75 -43.92 -12.21
N SER D 112 7.92 -43.30 -11.03
CA SER D 112 9.23 -42.83 -10.60
C SER D 112 10.16 -43.97 -10.20
N ARG D 113 9.62 -45.20 -10.03
CA ARG D 113 10.43 -46.33 -9.59
C ARG D 113 11.66 -46.49 -10.47
N LEU D 114 11.48 -46.37 -11.79
CA LEU D 114 12.60 -46.44 -12.72
C LEU D 114 13.59 -45.31 -12.46
N SER D 115 13.07 -44.08 -12.36
CA SER D 115 13.91 -42.92 -12.05
C SER D 115 14.62 -43.11 -10.72
N ASP D 116 13.92 -43.68 -9.73
CA ASP D 116 14.52 -43.88 -8.42
C ASP D 116 15.78 -44.74 -8.54
N ILE D 117 15.77 -45.73 -9.43
CA ILE D 117 16.96 -46.53 -9.64
C ILE D 117 18.07 -45.65 -10.18
N PHE D 118 17.74 -44.81 -11.17
CA PHE D 118 18.76 -43.93 -11.76
C PHE D 118 19.23 -42.89 -10.76
N ARG D 119 18.35 -42.49 -9.81
CA ARG D 119 18.76 -41.49 -8.84
C ARG D 119 19.98 -41.97 -8.05
N LEU D 120 20.16 -43.30 -7.95
CA LEU D 120 21.32 -43.82 -7.24
C LEU D 120 22.62 -43.41 -7.93
N ALA D 121 22.61 -43.36 -9.28
CA ALA D 121 23.79 -42.90 -10.00
C ALA D 121 24.09 -41.44 -9.70
N SER D 122 23.04 -40.61 -9.61
CA SER D 122 23.24 -39.21 -9.25
C SER D 122 23.77 -39.08 -7.84
N ILE D 123 23.19 -39.82 -6.89
CA ILE D 123 23.65 -39.75 -5.51
C ILE D 123 25.10 -40.21 -5.42
N PHE D 124 25.49 -41.19 -6.22
CA PHE D 124 26.87 -41.65 -6.20
C PHE D 124 27.82 -40.50 -6.50
N SER D 125 27.39 -39.55 -7.34
CA SER D 125 28.21 -38.41 -7.70
C SER D 125 28.05 -37.27 -6.69
N GLY D 126 26.82 -36.97 -6.30
CA GLY D 126 26.54 -35.91 -5.36
C GLY D 126 25.11 -35.42 -5.42
N SER D 137 36.89 -36.19 10.16
CA SER D 137 35.93 -35.39 9.40
C SER D 137 34.50 -35.68 9.84
N ASN D 138 33.79 -34.63 10.26
CA ASN D 138 32.40 -34.74 10.66
C ASN D 138 31.54 -34.69 9.40
N HIS D 139 31.15 -35.87 8.91
CA HIS D 139 30.48 -35.98 7.62
C HIS D 139 29.11 -35.29 7.65
N CYS D 140 28.37 -35.44 8.75
CA CYS D 140 27.08 -34.79 8.88
C CYS D 140 27.24 -33.27 8.91
N LEU D 141 28.34 -32.78 9.47
CA LEU D 141 28.62 -31.35 9.43
C LEU D 141 28.78 -30.87 8.00
N ASP D 142 29.58 -31.58 7.21
CA ASP D 142 29.73 -31.21 5.80
C ASP D 142 28.38 -31.18 5.09
N ALA D 143 27.50 -32.13 5.42
CA ALA D 143 26.15 -32.09 4.87
C ALA D 143 25.43 -30.83 5.31
N ALA D 144 25.53 -30.48 6.59
CA ALA D 144 24.90 -29.26 7.09
C ALA D 144 25.49 -28.02 6.43
N LYS D 145 26.82 -27.99 6.26
CA LYS D 145 27.46 -26.84 5.63
C LYS D 145 26.97 -26.67 4.20
N ALA D 146 26.81 -27.78 3.47
CA ALA D 146 26.25 -27.73 2.13
C ALA D 146 24.89 -27.07 2.11
N CYS D 147 24.05 -27.35 3.11
CA CYS D 147 22.76 -26.68 3.20
C CYS D 147 22.92 -25.22 3.57
N ASN D 148 23.77 -24.92 4.55
CA ASN D 148 23.95 -23.54 5.00
C ASN D 148 24.39 -22.63 3.86
N LEU D 149 25.11 -23.17 2.88
CA LEU D 149 25.50 -22.39 1.71
C LEU D 149 24.44 -22.34 0.63
N ASN D 150 23.35 -23.11 0.75
CA ASN D 150 22.29 -23.15 -0.25
C ASN D 150 21.14 -22.29 0.27
N ASP D 151 20.88 -21.17 -0.42
CA ASP D 151 19.90 -20.22 0.08
C ASP D 151 18.53 -20.87 0.26
N ASN D 152 18.14 -21.75 -0.66
CA ASN D 152 16.82 -22.39 -0.56
C ASN D 152 16.77 -23.37 0.59
N CYS D 153 17.76 -24.27 0.67
CA CYS D 153 17.80 -25.25 1.75
C CYS D 153 17.94 -24.54 3.10
N LYS D 154 18.88 -23.60 3.19
CA LYS D 154 19.10 -22.85 4.42
C LYS D 154 17.80 -22.25 4.94
N LYS D 155 17.08 -21.54 4.08
CA LYS D 155 15.84 -20.89 4.49
C LYS D 155 14.80 -21.91 4.90
N LEU D 156 14.57 -22.94 4.08
CA LEU D 156 13.60 -23.96 4.46
C LEU D 156 14.05 -24.69 5.72
N ARG D 157 15.36 -24.92 5.86
CA ARG D 157 15.91 -25.54 7.06
C ARG D 157 15.65 -24.70 8.29
N SER D 158 15.95 -23.40 8.22
CA SER D 158 15.61 -22.53 9.33
C SER D 158 14.11 -22.49 9.57
N SER D 159 13.31 -22.53 8.49
CA SER D 159 11.88 -22.36 8.58
C SER D 159 11.21 -23.43 9.43
N TYR D 160 11.82 -24.61 9.57
CA TYR D 160 11.29 -25.66 10.43
C TYR D 160 12.01 -25.79 11.76
N ILE D 161 13.32 -25.54 11.83
CA ILE D 161 14.01 -25.57 13.12
C ILE D 161 13.48 -24.46 14.02
N SER D 162 13.29 -23.25 13.47
CA SER D 162 12.77 -22.14 14.25
C SER D 162 11.37 -22.40 14.79
N ILE D 163 10.67 -23.38 14.23
CA ILE D 163 9.38 -23.81 14.74
C ILE D 163 9.56 -24.97 15.71
N CYS D 164 10.34 -25.98 15.32
CA CYS D 164 10.46 -27.17 16.15
C CYS D 164 11.19 -26.91 17.46
N ASN D 165 12.04 -25.87 17.53
CA ASN D 165 12.72 -25.51 18.77
C ASN D 165 11.98 -24.42 19.56
N ARG D 166 10.75 -24.07 19.15
CA ARG D 166 9.99 -23.01 19.79
C ARG D 166 9.38 -23.52 21.08
N GLU D 167 9.63 -22.82 22.18
CA GLU D 167 9.02 -23.16 23.47
C GLU D 167 7.59 -22.63 23.52
N ILE D 168 6.67 -23.47 23.99
CA ILE D 168 5.26 -23.09 24.11
C ILE D 168 4.92 -22.70 25.54
N SER D 169 5.35 -23.50 26.51
CA SER D 169 5.02 -23.25 27.91
C SER D 169 6.11 -23.90 28.76
N PRO D 170 6.17 -23.59 30.06
CA PRO D 170 7.21 -24.21 30.90
C PRO D 170 7.22 -25.73 30.84
N THR D 171 6.10 -26.38 30.53
CA THR D 171 6.01 -27.84 30.43
C THR D 171 5.46 -28.25 29.07
N GLU D 172 5.89 -27.56 28.01
CA GLU D 172 5.56 -27.95 26.64
C GLU D 172 6.71 -27.50 25.76
N ARG D 173 7.50 -28.46 25.27
CA ARG D 173 8.74 -28.12 24.59
C ARG D 173 8.47 -27.41 23.27
N CYS D 174 7.40 -27.79 22.57
CA CYS D 174 7.13 -27.26 21.24
C CYS D 174 5.70 -27.62 20.86
N ASN D 175 5.23 -27.00 19.77
CA ASN D 175 4.01 -27.42 19.11
C ASN D 175 4.40 -28.49 18.10
N ARG D 176 4.27 -29.75 18.50
CA ARG D 176 4.77 -30.86 17.69
C ARG D 176 4.04 -30.94 16.35
N ARG D 177 2.74 -30.62 16.34
CA ARG D 177 1.97 -30.63 15.10
C ARG D 177 2.53 -29.63 14.09
N LYS D 178 2.76 -28.39 14.53
CA LYS D 178 3.36 -27.40 13.65
C LYS D 178 4.76 -27.82 13.24
N CYS D 179 5.51 -28.41 14.16
CA CYS D 179 6.81 -28.97 13.80
C CYS D 179 6.68 -30.01 12.69
N HIS D 180 5.75 -30.96 12.86
CA HIS D 180 5.55 -31.99 11.85
C HIS D 180 5.19 -31.37 10.52
N LYS D 181 4.30 -30.37 10.54
CA LYS D 181 3.93 -29.65 9.32
C LYS D 181 5.15 -29.04 8.64
N ALA D 182 5.98 -28.34 9.42
CA ALA D 182 7.21 -27.76 8.91
C ALA D 182 8.16 -28.83 8.37
N LEU D 183 8.31 -29.93 9.12
CA LEU D 183 9.15 -31.02 8.62
C LEU D 183 8.57 -31.66 7.36
N ARG D 184 7.25 -31.85 7.32
CA ARG D 184 6.58 -32.45 6.18
C ARG D 184 6.84 -31.66 4.91
N GLN D 185 6.76 -30.33 4.99
CA GLN D 185 7.09 -29.49 3.84
C GLN D 185 8.60 -29.43 3.58
N PHE D 186 9.40 -29.33 4.65
CA PHE D 186 10.86 -29.26 4.49
C PHE D 186 11.37 -30.39 3.60
N PHE D 187 11.01 -31.64 3.93
CA PHE D 187 11.58 -32.78 3.23
C PHE D 187 10.93 -33.05 1.87
N ASP D 188 9.93 -32.26 1.46
CA ASP D 188 9.38 -32.33 0.11
C ASP D 188 9.80 -31.16 -0.78
N ARG D 189 10.14 -30.01 -0.20
CA ARG D 189 10.50 -28.84 -0.97
C ARG D 189 12.01 -28.66 -1.14
N VAL D 190 12.81 -29.25 -0.27
CA VAL D 190 14.26 -29.09 -0.31
C VAL D 190 14.80 -30.11 -1.30
N PRO D 191 15.77 -29.77 -2.15
CA PRO D 191 16.28 -30.77 -3.10
C PRO D 191 16.78 -32.01 -2.38
N SER D 192 16.64 -33.15 -3.07
CA SER D 192 17.01 -34.43 -2.48
C SER D 192 18.46 -34.45 -2.02
N GLU D 193 19.36 -33.85 -2.81
CA GLU D 193 20.78 -33.84 -2.49
C GLU D 193 21.12 -33.06 -1.23
N TYR D 194 20.14 -32.40 -0.58
CA TYR D 194 20.31 -31.80 0.74
C TYR D 194 19.55 -32.54 1.82
N THR D 195 18.32 -32.98 1.50
CA THR D 195 17.51 -33.75 2.43
C THR D 195 18.21 -35.08 2.78
N TYR D 196 18.53 -35.87 1.76
CA TYR D 196 19.13 -37.17 2.03
C TYR D 196 20.56 -37.04 2.53
N ARG D 197 21.35 -36.11 1.96
CA ARG D 197 22.72 -35.92 2.40
C ARG D 197 22.79 -35.58 3.89
N MET D 198 21.91 -34.71 4.36
CA MET D 198 21.89 -34.38 5.78
C MET D 198 21.21 -35.46 6.61
N LEU D 199 20.04 -35.93 6.18
CA LEU D 199 19.25 -36.83 7.02
C LEU D 199 19.92 -38.19 7.18
N PHE D 200 20.58 -38.69 6.13
CA PHE D 200 21.17 -40.03 6.10
C PHE D 200 22.69 -39.97 5.92
N CYS D 201 23.34 -39.02 6.58
CA CYS D 201 24.80 -38.93 6.56
C CYS D 201 25.44 -40.05 7.38
N SER D 202 26.65 -40.41 7.00
CA SER D 202 27.47 -41.34 7.78
C SER D 202 28.22 -40.57 8.86
N CYS D 203 28.83 -41.33 9.78
CA CYS D 203 29.61 -40.74 10.86
C CYS D 203 30.78 -41.64 11.23
N GLN D 204 31.72 -41.05 11.98
CA GLN D 204 32.87 -41.75 12.52
C GLN D 204 32.90 -41.77 14.05
N ASP D 205 32.10 -40.95 14.73
CA ASP D 205 32.11 -40.84 16.18
C ASP D 205 30.71 -40.54 16.67
N GLN D 206 30.58 -40.36 17.99
CA GLN D 206 29.27 -40.10 18.58
C GLN D 206 28.88 -38.63 18.46
N ALA D 207 29.86 -37.73 18.33
CA ALA D 207 29.56 -36.32 18.12
C ALA D 207 28.84 -36.11 16.79
N CYS D 208 29.37 -36.71 15.72
CA CYS D 208 28.68 -36.73 14.44
C CYS D 208 27.38 -37.52 14.54
N ALA D 209 27.44 -38.71 15.12
CA ALA D 209 26.26 -39.58 15.17
C ALA D 209 25.10 -38.90 15.87
N GLU D 210 25.39 -38.13 16.93
CA GLU D 210 24.35 -37.37 17.60
C GLU D 210 23.82 -36.28 16.68
N ARG D 211 24.71 -35.57 15.98
CA ARG D 211 24.27 -34.62 14.97
C ARG D 211 23.30 -35.27 13.98
N ARG D 212 23.62 -36.49 13.55
CA ARG D 212 22.74 -37.24 12.65
C ARG D 212 21.37 -37.46 13.28
N ARG D 213 21.34 -37.98 14.51
CA ARG D 213 20.07 -38.25 15.19
C ARG D 213 19.28 -36.97 15.39
N GLN D 214 19.95 -35.84 15.60
CA GLN D 214 19.29 -34.58 15.91
C GLN D 214 18.78 -33.85 14.68
N THR D 215 18.97 -34.41 13.49
CA THR D 215 18.58 -33.77 12.23
C THR D 215 17.20 -33.11 12.30
N ILE D 216 16.20 -33.79 12.88
CA ILE D 216 14.84 -33.28 12.93
C ILE D 216 14.41 -32.90 14.36
N LEU D 217 15.35 -32.63 15.25
CA LEU D 217 15.07 -32.24 16.63
C LEU D 217 14.19 -33.26 17.33
N PRO D 218 14.68 -34.48 17.55
CA PRO D 218 13.82 -35.48 18.20
C PRO D 218 13.15 -34.95 19.45
N SER D 219 13.82 -34.09 20.21
CA SER D 219 13.21 -33.51 21.41
C SER D 219 11.88 -32.83 21.14
N CYS D 220 11.53 -32.61 19.87
CA CYS D 220 10.25 -32.04 19.48
C CYS D 220 9.45 -32.95 18.56
N SER D 221 10.04 -33.40 17.45
CA SER D 221 9.31 -34.10 16.41
C SER D 221 9.16 -35.59 16.68
N TYR D 222 10.07 -36.20 17.45
CA TYR D 222 10.13 -37.65 17.63
C TYR D 222 9.87 -38.07 19.06
N GLU D 223 10.60 -37.51 20.02
CA GLU D 223 10.47 -37.90 21.40
C GLU D 223 9.25 -37.25 22.03
N ASP D 224 8.76 -37.87 23.09
CA ASP D 224 7.59 -37.40 23.82
C ASP D 224 7.62 -38.03 25.20
N LYS D 225 6.64 -37.66 26.04
CA LYS D 225 6.58 -38.23 27.38
C LYS D 225 6.33 -39.74 27.33
N GLU D 226 5.54 -40.20 26.37
CA GLU D 226 5.15 -41.60 26.25
C GLU D 226 5.49 -42.16 24.88
N LYS D 227 5.56 -43.49 24.80
CA LYS D 227 5.69 -44.24 23.56
C LYS D 227 4.42 -45.05 23.34
N PRO D 228 3.42 -44.53 22.63
CA PRO D 228 2.19 -45.31 22.44
C PRO D 228 2.45 -46.63 21.74
N ASN D 229 1.47 -47.52 21.82
CA ASN D 229 1.53 -48.80 21.12
C ASN D 229 1.55 -48.60 19.61
N CYS D 230 2.59 -49.15 18.96
CA CYS D 230 2.76 -48.97 17.51
C CYS D 230 1.51 -49.39 16.75
N LEU D 231 0.84 -50.46 17.21
CA LEU D 231 -0.32 -50.96 16.48
C LEU D 231 -1.50 -50.00 16.60
N ASP D 232 -1.74 -49.47 17.81
CA ASP D 232 -2.80 -48.48 17.96
C ASP D 232 -2.53 -47.26 17.09
N LEU D 233 -1.26 -46.86 16.97
CA LEU D 233 -0.93 -45.72 16.12
C LEU D 233 -1.26 -46.02 14.66
N ARG D 234 -1.00 -47.26 14.21
CA ARG D 234 -1.41 -47.68 12.89
C ARG D 234 -2.92 -47.54 12.71
N GLY D 235 -3.68 -47.96 13.72
CA GLY D 235 -5.12 -47.77 13.67
C GLY D 235 -5.52 -46.31 13.50
N VAL D 236 -4.79 -45.40 14.16
CA VAL D 236 -5.07 -43.97 14.01
C VAL D 236 -4.62 -43.51 12.63
N CYS D 237 -3.37 -43.78 12.26
CA CYS D 237 -2.86 -43.41 10.94
C CYS D 237 -3.70 -44.00 9.83
N ARG D 238 -4.20 -45.22 10.01
CA ARG D 238 -4.99 -45.88 8.97
C ARG D 238 -6.18 -45.04 8.56
N THR D 239 -6.67 -44.16 9.44
CA THR D 239 -7.85 -43.36 9.14
C THR D 239 -7.54 -42.15 8.27
N ASP D 240 -6.28 -41.72 8.23
CA ASP D 240 -5.87 -40.56 7.44
C ASP D 240 -5.36 -41.05 6.08
N HIS D 241 -5.92 -40.48 5.01
CA HIS D 241 -5.57 -40.94 3.67
C HIS D 241 -4.09 -40.75 3.36
N LEU D 242 -3.53 -39.59 3.71
CA LEU D 242 -2.13 -39.31 3.41
C LEU D 242 -1.18 -40.14 4.28
N CYS D 243 -1.42 -40.15 5.59
CA CYS D 243 -0.59 -40.94 6.50
C CYS D 243 -0.66 -42.41 6.15
N ARG D 244 -1.88 -42.96 6.07
CA ARG D 244 -2.07 -44.37 5.76
C ARG D 244 -1.39 -44.75 4.46
N SER D 245 -1.57 -43.94 3.41
CA SER D 245 -0.96 -44.25 2.12
C SER D 245 0.55 -44.19 2.19
N ARG D 246 1.11 -43.15 2.81
CA ARG D 246 2.56 -43.11 2.94
C ARG D 246 3.05 -44.22 3.87
N LEU D 247 2.24 -44.60 4.87
CA LEU D 247 2.60 -45.76 5.67
C LEU D 247 2.62 -47.02 4.81
N ALA D 248 1.61 -47.18 3.96
CA ALA D 248 1.62 -48.26 2.99
C ALA D 248 2.83 -48.15 2.07
N ASP D 249 3.16 -46.93 1.63
CA ASP D 249 4.35 -46.73 0.81
C ASP D 249 5.59 -47.28 1.50
N PHE D 250 5.74 -47.00 2.80
CA PHE D 250 6.84 -47.57 3.57
C PHE D 250 6.79 -49.08 3.52
N HIS D 251 5.65 -49.69 3.88
CA HIS D 251 5.61 -51.15 3.86
C HIS D 251 5.51 -51.72 2.44
N ALA D 252 5.43 -50.86 1.42
CA ALA D 252 5.53 -51.32 0.04
C ALA D 252 6.99 -51.41 -0.39
N ASN D 253 7.80 -50.39 -0.07
CA ASN D 253 9.20 -50.36 -0.51
C ASN D 253 10.23 -50.63 0.59
N CYS D 254 9.84 -50.60 1.87
CA CYS D 254 10.74 -50.85 2.98
C CYS D 254 10.42 -52.11 3.78
N ARG D 255 9.52 -52.95 3.30
CA ARG D 255 9.29 -54.25 3.93
C ARG D 255 10.58 -55.05 3.94
N ALA D 256 10.84 -55.74 5.06
CA ALA D 256 12.05 -56.52 5.16
C ALA D 256 11.92 -57.75 4.27
N SER D 257 12.15 -57.56 2.97
CA SER D 257 11.99 -58.61 1.98
C SER D 257 13.15 -59.59 2.06
N TYR D 258 12.86 -60.84 1.66
CA TYR D 258 13.83 -61.92 1.65
C TYR D 258 14.23 -62.36 0.25
N GLN D 259 13.37 -62.12 -0.75
CA GLN D 259 13.64 -62.60 -2.10
C GLN D 259 14.84 -61.88 -2.72
N THR D 260 15.01 -60.60 -2.40
CA THR D 260 16.11 -59.81 -2.94
C THR D 260 17.33 -59.89 -2.03
N VAL D 261 18.45 -59.38 -2.54
CA VAL D 261 19.71 -59.45 -1.81
C VAL D 261 19.72 -58.45 -0.66
N THR D 262 19.26 -57.22 -0.91
CA THR D 262 19.31 -56.14 0.06
C THR D 262 18.00 -55.93 0.79
N SER D 263 17.04 -56.85 0.66
CA SER D 263 15.70 -56.74 1.23
C SER D 263 14.92 -55.53 0.72
N CYS D 264 15.39 -54.87 -0.35
CA CYS D 264 14.71 -53.75 -1.00
C CYS D 264 14.07 -54.23 -2.29
N PRO D 265 12.95 -53.64 -2.75
CA PRO D 265 12.41 -54.03 -4.05
C PRO D 265 13.45 -53.93 -5.16
N ALA D 266 13.57 -54.99 -5.94
CA ALA D 266 14.61 -55.12 -6.97
C ALA D 266 15.96 -54.61 -6.47
N ASP D 267 16.27 -54.84 -5.19
CA ASP D 267 17.52 -54.37 -4.57
C ASP D 267 17.70 -52.87 -4.78
N ASN D 268 16.59 -52.13 -4.85
CA ASN D 268 16.62 -50.70 -5.13
C ASN D 268 16.68 -49.95 -3.81
N TYR D 269 17.87 -49.43 -3.48
CA TYR D 269 18.03 -48.69 -2.24
C TYR D 269 17.13 -47.46 -2.23
N GLN D 270 17.00 -46.79 -3.37
CA GLN D 270 16.25 -45.54 -3.45
C GLN D 270 14.75 -45.74 -3.19
N ALA D 271 14.19 -46.89 -3.58
CA ALA D 271 12.77 -47.09 -3.39
C ALA D 271 12.38 -46.95 -1.92
N CYS D 272 13.18 -47.54 -1.03
CA CYS D 272 12.90 -47.42 0.39
C CYS D 272 13.21 -46.02 0.89
N LEU D 273 14.35 -45.46 0.46
CA LEU D 273 14.75 -44.13 0.91
C LEU D 273 13.63 -43.12 0.71
N GLY D 274 12.99 -43.13 -0.47
CA GLY D 274 11.89 -42.23 -0.72
C GLY D 274 10.71 -42.49 0.20
N SER D 275 10.22 -43.74 0.21
CA SER D 275 9.04 -44.02 1.03
C SER D 275 9.34 -43.80 2.51
N TYR D 276 10.53 -44.19 2.96
CA TYR D 276 10.91 -43.97 4.35
C TYR D 276 10.86 -42.48 4.71
N ALA D 277 11.56 -41.65 3.93
CA ALA D 277 11.61 -40.22 4.24
C ALA D 277 10.21 -39.60 4.24
N GLY D 278 9.32 -40.08 3.37
CA GLY D 278 7.96 -39.57 3.37
C GLY D 278 7.23 -39.77 4.67
N MET D 279 7.72 -40.66 5.54
CA MET D 279 7.08 -40.93 6.83
C MET D 279 7.32 -39.84 7.86
N ILE D 280 8.30 -38.97 7.63
CA ILE D 280 8.64 -37.92 8.59
C ILE D 280 7.52 -36.89 8.60
N GLY D 281 7.03 -36.57 9.79
CA GLY D 281 5.97 -35.61 9.97
C GLY D 281 4.61 -36.23 10.25
N PHE D 282 4.54 -37.53 10.55
CA PHE D 282 3.31 -38.22 10.85
C PHE D 282 3.46 -38.94 12.19
N ASP D 283 2.35 -39.52 12.67
CA ASP D 283 2.37 -40.22 13.94
C ASP D 283 3.43 -41.31 13.97
N MET D 284 3.80 -41.85 12.81
CA MET D 284 4.76 -42.95 12.72
C MET D 284 6.15 -42.47 12.31
N THR D 285 6.46 -41.17 12.51
CA THR D 285 7.76 -40.57 12.21
C THR D 285 8.92 -41.41 12.74
N PRO D 286 9.67 -42.12 11.89
CA PRO D 286 10.85 -42.84 12.38
C PRO D 286 12.02 -41.90 12.65
N ASN D 287 12.90 -42.33 13.55
CA ASN D 287 14.16 -41.63 13.79
C ASN D 287 15.22 -42.62 14.25
N TYR D 288 16.47 -42.22 14.11
CA TYR D 288 17.60 -42.94 14.67
C TYR D 288 17.38 -43.23 16.16
N VAL D 289 17.73 -44.44 16.58
CA VAL D 289 17.48 -44.86 17.95
C VAL D 289 18.48 -44.21 18.91
N ASP D 290 19.76 -44.27 18.54
CA ASP D 290 20.84 -43.80 19.41
C ASP D 290 21.86 -43.06 18.55
N SER D 291 23.04 -42.80 19.13
CA SER D 291 24.12 -42.05 18.50
C SER D 291 25.32 -42.93 18.21
N SER D 292 25.10 -44.20 17.88
CA SER D 292 26.20 -45.08 17.51
C SER D 292 26.97 -44.47 16.35
N PRO D 293 28.32 -44.44 16.39
CA PRO D 293 29.05 -43.87 15.25
C PRO D 293 28.65 -44.45 13.90
N THR D 294 28.36 -45.75 13.84
CA THR D 294 27.97 -46.41 12.59
C THR D 294 26.80 -47.37 12.74
N GLY D 295 26.44 -47.80 13.95
CA GLY D 295 25.40 -48.78 14.13
C GLY D 295 24.02 -48.18 13.92
N ILE D 296 23.67 -47.91 12.67
CA ILE D 296 22.47 -47.14 12.35
C ILE D 296 21.24 -48.02 12.54
N VAL D 297 20.37 -47.61 13.47
CA VAL D 297 19.09 -48.26 13.71
C VAL D 297 18.06 -47.15 13.84
N VAL D 298 16.92 -47.32 13.18
CA VAL D 298 15.83 -46.34 13.21
C VAL D 298 14.53 -47.03 13.58
N SER D 299 13.61 -46.25 14.14
CA SER D 299 12.28 -46.73 14.47
C SER D 299 11.39 -45.52 14.77
N PRO D 300 10.05 -45.67 14.65
CA PRO D 300 9.14 -44.64 15.17
C PRO D 300 9.16 -44.54 16.69
N TRP D 301 8.33 -43.66 17.23
CA TRP D 301 8.31 -43.39 18.67
C TRP D 301 7.12 -44.11 19.29
N CYS D 302 7.27 -45.42 19.45
CA CYS D 302 6.18 -46.28 19.90
C CYS D 302 6.78 -47.59 20.39
N SER D 303 5.93 -48.43 20.98
CA SER D 303 6.32 -49.75 21.45
C SER D 303 5.16 -50.70 21.22
N CYS D 304 5.27 -51.91 21.80
CA CYS D 304 4.27 -52.96 21.63
C CYS D 304 3.70 -53.41 22.98
N ARG D 305 3.67 -52.51 23.96
CA ARG D 305 3.10 -52.85 25.26
C ARG D 305 1.57 -52.89 25.15
N GLY D 306 0.97 -53.96 25.67
CA GLY D 306 -0.46 -54.11 25.65
C GLY D 306 -1.04 -54.64 24.36
N SER D 307 -0.22 -55.26 23.51
CA SER D 307 -0.71 -55.81 22.25
C SER D 307 -1.45 -57.13 22.44
N GLY D 308 -0.97 -57.95 23.37
CA GLY D 308 -1.59 -59.24 23.65
C GLY D 308 -1.66 -60.13 22.42
N ASN D 309 -2.88 -60.41 21.97
CA ASN D 309 -3.10 -61.28 20.81
C ASN D 309 -2.35 -60.80 19.56
N MET D 310 -2.05 -59.50 19.47
CA MET D 310 -1.39 -58.92 18.31
C MET D 310 0.10 -58.62 18.54
N GLU D 311 0.72 -59.25 19.57
CA GLU D 311 2.10 -58.92 19.95
C GLU D 311 3.07 -59.06 18.79
N GLU D 312 2.98 -60.18 18.06
CA GLU D 312 3.90 -60.43 16.95
C GLU D 312 3.66 -59.45 15.81
N GLU D 313 2.38 -59.21 15.47
CA GLU D 313 2.06 -58.30 14.37
C GLU D 313 2.62 -56.92 14.63
N CYS D 314 2.55 -56.46 15.89
CA CYS D 314 3.18 -55.19 16.26
C CYS D 314 4.67 -55.26 16.02
N GLU D 315 5.31 -56.32 16.49
CA GLU D 315 6.74 -56.50 16.26
C GLU D 315 7.04 -56.51 14.77
N LYS D 316 6.20 -57.22 13.99
CA LYS D 316 6.45 -57.33 12.56
C LYS D 316 6.49 -55.95 11.91
N PHE D 317 5.66 -55.03 12.40
CA PHE D 317 5.74 -53.66 11.93
C PHE D 317 7.03 -52.98 12.36
N LEU D 318 7.53 -53.28 13.57
CA LEU D 318 8.78 -52.66 14.01
C LEU D 318 10.00 -53.26 13.32
N ARG D 319 9.95 -54.56 12.99
CA ARG D 319 11.11 -55.20 12.36
C ARG D 319 11.50 -54.51 11.06
N ASP D 320 10.51 -54.04 10.30
CA ASP D 320 10.76 -53.29 9.07
C ASP D 320 11.58 -52.03 9.30
N PHE D 321 11.66 -51.54 10.54
CA PHE D 321 12.44 -50.36 10.87
C PHE D 321 13.82 -50.73 11.42
N THR D 322 13.88 -51.73 12.31
CA THR D 322 15.09 -52.04 13.07
C THR D 322 15.81 -53.29 12.60
N GLU D 323 15.06 -54.28 12.10
CA GLU D 323 15.61 -55.57 11.73
C GLU D 323 15.59 -55.78 10.22
N ASN D 324 15.58 -54.67 9.47
CA ASN D 324 15.40 -54.68 8.03
C ASN D 324 16.73 -54.43 7.33
N PRO D 325 17.35 -55.43 6.71
CA PRO D 325 18.61 -55.17 5.99
C PRO D 325 18.49 -54.08 4.94
N CYS D 326 17.28 -53.80 4.44
CA CYS D 326 17.11 -52.76 3.44
C CYS D 326 17.54 -51.40 3.99
N LEU D 327 16.87 -50.95 5.06
CA LEU D 327 17.24 -49.68 5.68
C LEU D 327 18.67 -49.69 6.16
N ARG D 328 19.11 -50.81 6.73
CA ARG D 328 20.49 -50.92 7.24
C ARG D 328 21.51 -50.75 6.11
N ASN D 329 21.39 -51.57 5.07
CA ASN D 329 22.28 -51.46 3.93
C ASN D 329 22.05 -50.17 3.15
N ALA D 330 20.79 -49.76 2.99
CA ALA D 330 20.50 -48.54 2.25
C ALA D 330 21.11 -47.32 2.94
N ILE D 331 20.78 -47.11 4.22
CA ILE D 331 21.22 -45.89 4.90
C ILE D 331 22.74 -45.87 5.00
N GLN D 332 23.35 -47.01 5.35
CA GLN D 332 24.81 -47.09 5.38
C GLN D 332 25.40 -46.85 3.99
N ALA D 333 24.83 -47.49 2.97
CA ALA D 333 25.30 -47.28 1.61
C ALA D 333 25.14 -45.82 1.19
N PHE D 334 23.99 -45.23 1.48
CA PHE D 334 23.75 -43.82 1.14
C PHE D 334 24.70 -42.92 1.91
N GLY D 335 24.92 -43.22 3.19
CA GLY D 335 25.91 -42.49 3.95
C GLY D 335 27.30 -42.54 3.34
N ASN D 336 27.61 -43.65 2.65
CA ASN D 336 28.91 -43.80 1.99
C ASN D 336 28.91 -43.28 0.55
N GLY D 337 27.80 -42.72 0.08
CA GLY D 337 27.73 -42.17 -1.27
C GLY D 337 27.15 -43.13 -2.29
N THR D 338 26.10 -43.85 -1.90
CA THR D 338 25.33 -44.69 -2.83
C THR D 338 23.92 -44.12 -2.97
N LEU E 1 -13.85 -74.30 16.91
CA LEU E 1 -12.73 -74.63 16.03
C LEU E 1 -11.99 -73.36 15.60
N TYR E 2 -10.67 -73.46 15.45
CA TYR E 2 -9.87 -72.35 14.93
C TYR E 2 -8.65 -72.91 14.20
N PHE E 3 -8.22 -72.19 13.16
CA PHE E 3 -7.08 -72.63 12.38
C PHE E 3 -5.78 -72.47 13.17
N SER E 4 -4.83 -73.36 12.90
CA SER E 4 -3.53 -73.28 13.53
C SER E 4 -2.79 -71.99 13.19
N ARG E 5 -3.18 -71.32 12.11
CA ARG E 5 -2.68 -70.00 11.77
C ARG E 5 -3.65 -69.37 10.79
N ASP E 6 -3.46 -68.06 10.53
CA ASP E 6 -4.33 -67.32 9.63
C ASP E 6 -3.81 -67.24 8.19
N ALA E 7 -2.65 -67.81 7.88
CA ALA E 7 -2.13 -67.73 6.52
C ALA E 7 -1.13 -68.84 6.27
N TYR E 8 -1.24 -69.47 5.10
CA TYR E 8 -0.39 -70.58 4.66
C TYR E 8 0.34 -70.19 3.38
N TRP E 9 1.27 -71.04 2.96
CA TRP E 9 2.04 -70.77 1.76
C TRP E 9 2.71 -72.06 1.26
N GLU E 10 3.06 -72.05 -0.03
CA GLU E 10 3.89 -73.08 -0.65
C GLU E 10 4.27 -72.60 -2.04
N LYS E 11 5.36 -73.16 -2.55
CA LYS E 11 5.90 -72.75 -3.84
C LYS E 11 5.20 -73.48 -4.97
N LEU E 12 4.62 -72.72 -5.90
CA LEU E 12 4.05 -73.27 -7.12
C LEU E 12 4.95 -72.94 -8.31
N TYR E 13 4.85 -73.75 -9.36
CA TYR E 13 5.73 -73.65 -10.52
C TYR E 13 4.90 -73.84 -11.79
N VAL E 14 5.54 -73.60 -12.94
CA VAL E 14 4.86 -73.72 -14.23
C VAL E 14 4.66 -75.19 -14.56
N ASP E 15 3.45 -75.53 -15.01
CA ASP E 15 3.13 -76.85 -15.56
C ASP E 15 3.43 -77.97 -14.57
N GLN E 16 2.98 -77.79 -13.33
CA GLN E 16 3.09 -78.85 -12.34
C GLN E 16 2.05 -79.93 -12.60
N ALA E 17 2.40 -81.16 -12.20
CA ALA E 17 1.51 -82.29 -12.43
C ALA E 17 0.17 -82.05 -11.75
N ALA E 18 -0.91 -82.41 -12.44
CA ALA E 18 -2.23 -82.32 -11.85
C ALA E 18 -2.34 -83.22 -10.62
N GLY E 19 -3.03 -82.73 -9.60
CA GLY E 19 -3.23 -83.47 -8.38
C GLY E 19 -2.18 -83.25 -7.31
N THR E 20 -1.09 -82.53 -7.62
CA THR E 20 0.03 -82.30 -6.71
C THR E 20 -0.45 -81.86 -5.34
N PRO E 21 -0.44 -82.71 -4.32
CA PRO E 21 -0.77 -82.21 -2.97
C PRO E 21 0.18 -81.10 -2.56
N LEU E 22 -0.39 -79.98 -2.12
CA LEU E 22 0.41 -78.80 -1.78
C LEU E 22 0.68 -78.71 -0.28
N LEU E 23 -0.37 -78.71 0.54
CA LEU E 23 -0.15 -78.49 1.97
C LEU E 23 -1.37 -78.92 2.75
N TYR E 24 -1.23 -78.92 4.08
CA TYR E 24 -2.33 -79.12 5.02
C TYR E 24 -2.71 -77.79 5.66
N VAL E 25 -4.01 -77.60 5.84
CA VAL E 25 -4.54 -76.54 6.70
C VAL E 25 -5.25 -77.19 7.88
N HIS E 26 -4.87 -76.76 9.09
CA HIS E 26 -5.24 -77.40 10.33
C HIS E 26 -6.11 -76.47 11.15
N ALA E 27 -6.94 -77.05 12.01
CA ALA E 27 -7.77 -76.30 12.93
C ALA E 27 -7.99 -77.11 14.20
N LEU E 28 -7.86 -76.46 15.34
CA LEU E 28 -7.99 -77.10 16.64
C LEU E 28 -9.36 -76.78 17.25
N ARG E 29 -9.73 -77.58 18.24
CA ARG E 29 -11.05 -77.54 18.83
C ARG E 29 -11.11 -76.61 20.04
N ASP E 30 -12.33 -76.15 20.33
CA ASP E 30 -12.68 -75.61 21.63
C ASP E 30 -13.40 -76.62 22.50
N ALA E 31 -14.10 -77.57 21.89
CA ALA E 31 -14.76 -78.67 22.56
C ALA E 31 -14.40 -79.97 21.85
N PRO E 32 -14.18 -81.08 22.56
CA PRO E 32 -13.76 -82.31 21.86
C PRO E 32 -14.74 -82.79 20.79
N GLU E 33 -16.02 -82.46 20.90
CA GLU E 33 -16.99 -82.92 19.91
C GLU E 33 -16.90 -82.16 18.58
N GLU E 34 -16.08 -81.11 18.49
CA GLU E 34 -16.03 -80.30 17.29
C GLU E 34 -15.14 -80.96 16.24
N VAL E 35 -15.65 -81.06 15.02
CA VAL E 35 -14.94 -81.63 13.88
C VAL E 35 -15.02 -80.60 12.75
N PRO E 36 -13.92 -80.22 12.10
CA PRO E 36 -14.04 -79.24 11.01
C PRO E 36 -14.68 -79.82 9.76
N SER E 37 -15.21 -78.91 8.93
CA SER E 37 -15.75 -79.22 7.60
C SER E 37 -15.13 -78.23 6.62
N PHE E 38 -13.90 -78.51 6.20
CA PHE E 38 -13.11 -77.53 5.47
C PHE E 38 -13.70 -77.27 4.09
N ARG E 39 -13.59 -76.02 3.64
CA ARG E 39 -14.05 -75.60 2.32
C ARG E 39 -13.16 -74.45 1.84
N LEU E 40 -13.32 -74.10 0.57
CA LEU E 40 -12.52 -73.05 -0.06
C LEU E 40 -13.40 -71.98 -0.68
N GLY E 41 -12.78 -70.83 -0.97
CA GLY E 41 -13.41 -69.80 -1.76
C GLY E 41 -13.32 -70.10 -3.25
N GLN E 42 -14.25 -69.51 -4.00
CA GLN E 42 -14.41 -69.81 -5.41
C GLN E 42 -13.46 -69.08 -6.34
N HIS E 43 -12.59 -68.20 -5.84
CA HIS E 43 -11.69 -67.43 -6.68
C HIS E 43 -10.29 -67.39 -6.07
N LEU E 44 -9.30 -67.38 -6.96
CA LEU E 44 -7.91 -67.13 -6.60
C LEU E 44 -7.63 -65.63 -6.65
N TYR E 45 -6.94 -65.15 -5.61
CA TYR E 45 -6.64 -63.74 -5.40
C TYR E 45 -5.14 -63.51 -5.49
N GLY E 46 -4.77 -62.31 -5.94
CA GLY E 46 -3.39 -61.93 -6.17
C GLY E 46 -2.98 -60.76 -5.29
N THR E 47 -2.12 -59.90 -5.85
CA THR E 47 -1.50 -58.84 -5.07
C THR E 47 -2.55 -57.87 -4.53
N TYR E 48 -2.43 -57.58 -3.23
CA TYR E 48 -3.38 -56.76 -2.45
C TYR E 48 -4.83 -57.22 -2.61
N ARG E 49 -5.03 -58.54 -2.56
CA ARG E 49 -6.37 -59.15 -2.63
C ARG E 49 -7.04 -58.84 -3.96
N THR E 50 -6.27 -58.99 -5.05
CA THR E 50 -6.80 -58.84 -6.40
C THR E 50 -7.52 -60.12 -6.79
N ARG E 51 -8.80 -60.02 -7.15
CA ARG E 51 -9.52 -61.20 -7.57
C ARG E 51 -9.13 -61.54 -9.00
N LEU E 52 -8.38 -62.65 -9.16
CA LEU E 52 -7.80 -62.99 -10.45
C LEU E 52 -8.68 -63.93 -11.26
N HIS E 53 -9.07 -65.08 -10.70
CA HIS E 53 -9.76 -66.05 -11.55
C HIS E 53 -10.51 -67.07 -10.69
N GLU E 54 -11.63 -67.56 -11.23
CA GLU E 54 -12.36 -68.65 -10.60
C GLU E 54 -11.43 -69.80 -10.24
N ASN E 55 -11.53 -70.25 -8.99
CA ASN E 55 -10.62 -71.25 -8.44
C ASN E 55 -10.95 -72.61 -9.05
N ASN E 56 -10.41 -72.85 -10.24
CA ASN E 56 -10.56 -74.11 -10.95
C ASN E 56 -9.32 -74.98 -10.90
N TRP E 57 -8.34 -74.63 -10.06
CA TRP E 57 -7.08 -75.37 -9.92
C TRP E 57 -6.91 -76.01 -8.56
N ILE E 58 -7.26 -75.31 -7.48
CA ILE E 58 -6.94 -75.73 -6.13
C ILE E 58 -8.21 -76.22 -5.46
N CYS E 59 -8.13 -77.38 -4.82
CA CYS E 59 -9.23 -77.96 -4.05
C CYS E 59 -8.69 -78.45 -2.72
N ILE E 60 -9.62 -78.73 -1.81
CA ILE E 60 -9.31 -79.07 -0.42
C ILE E 60 -10.06 -80.33 -0.01
N GLN E 61 -9.39 -81.18 0.76
CA GLN E 61 -10.04 -82.33 1.39
C GLN E 61 -10.76 -81.83 2.63
N GLU E 62 -12.09 -81.97 2.65
CA GLU E 62 -12.89 -81.34 3.69
C GLU E 62 -12.54 -81.86 5.08
N ASP E 63 -12.01 -83.09 5.16
CA ASP E 63 -11.69 -83.68 6.46
C ASP E 63 -10.27 -83.34 6.91
N THR E 64 -9.28 -83.57 6.06
CA THR E 64 -7.88 -83.43 6.44
C THR E 64 -7.34 -82.02 6.23
N GLY E 65 -8.02 -81.20 5.44
CA GLY E 65 -7.52 -79.89 5.11
C GLY E 65 -6.40 -79.88 4.08
N LEU E 66 -6.25 -80.97 3.32
CA LEU E 66 -5.19 -81.08 2.33
C LEU E 66 -5.53 -80.24 1.11
N LEU E 67 -4.66 -79.29 0.77
CA LEU E 67 -4.78 -78.50 -0.44
C LEU E 67 -3.94 -79.15 -1.53
N TYR E 68 -4.53 -79.27 -2.72
CA TYR E 68 -3.89 -79.88 -3.89
C TYR E 68 -4.38 -79.18 -5.15
N LEU E 69 -3.60 -79.32 -6.22
CA LEU E 69 -3.94 -78.80 -7.54
C LEU E 69 -4.82 -79.82 -8.25
N ASN E 70 -6.14 -79.63 -8.19
CA ASN E 70 -7.04 -80.54 -8.88
C ASN E 70 -6.85 -80.51 -10.40
N ARG E 71 -6.28 -79.42 -10.93
CA ARG E 71 -5.92 -79.33 -12.34
C ARG E 71 -4.51 -78.77 -12.46
N SER E 72 -3.80 -79.23 -13.49
CA SER E 72 -2.44 -78.77 -13.73
C SER E 72 -2.42 -77.27 -14.01
N LEU E 73 -1.57 -76.56 -13.27
CA LEU E 73 -1.44 -75.10 -13.37
C LEU E 73 -0.32 -74.82 -14.36
N ASP E 74 -0.71 -74.55 -15.61
CA ASP E 74 0.24 -74.37 -16.70
C ASP E 74 0.69 -72.91 -16.82
N HIS E 75 1.52 -72.64 -17.82
CA HIS E 75 2.01 -71.28 -18.07
C HIS E 75 0.88 -70.34 -18.47
N SER E 76 0.04 -70.76 -19.42
CA SER E 76 -1.04 -69.89 -19.88
C SER E 76 -1.94 -69.48 -18.72
N SER E 77 -2.23 -70.42 -17.82
CA SER E 77 -3.03 -70.07 -16.64
C SER E 77 -2.33 -69.01 -15.81
N TRP E 78 -1.01 -69.13 -15.64
CA TRP E 78 -0.27 -68.09 -14.93
C TRP E 78 -0.38 -66.76 -15.65
N GLU E 79 -0.23 -66.76 -16.97
CA GLU E 79 -0.32 -65.49 -17.71
C GLU E 79 -1.70 -64.88 -17.58
N LYS E 80 -2.75 -65.72 -17.62
CA LYS E 80 -4.10 -65.21 -17.41
C LYS E 80 -4.23 -64.59 -16.01
N LEU E 81 -3.69 -65.26 -14.99
CA LEU E 81 -3.67 -64.69 -13.66
C LEU E 81 -2.80 -63.44 -13.58
N SER E 82 -1.76 -63.36 -14.41
CA SER E 82 -0.83 -62.24 -14.34
C SER E 82 -1.48 -60.95 -14.86
N VAL E 83 -2.09 -61.01 -16.05
CA VAL E 83 -2.66 -59.81 -16.66
C VAL E 83 -3.79 -59.24 -15.80
N ARG E 84 -4.45 -60.07 -15.01
CA ARG E 84 -5.51 -59.61 -14.11
C ARG E 84 -4.98 -59.14 -12.75
N ASN E 85 -3.65 -59.05 -12.58
CA ASN E 85 -3.05 -58.69 -11.29
C ASN E 85 -2.86 -57.18 -11.14
N ARG E 86 -3.64 -56.37 -11.86
CA ARG E 86 -3.63 -54.91 -11.70
C ARG E 86 -2.23 -54.33 -11.88
N GLY E 87 -1.48 -54.88 -12.83
CA GLY E 87 -0.16 -54.38 -13.16
C GLY E 87 0.96 -54.84 -12.25
N PHE E 88 0.65 -55.54 -11.16
CA PHE E 88 1.69 -56.01 -10.26
C PHE E 88 2.31 -57.31 -10.78
N PRO E 89 3.60 -57.54 -10.52
CA PRO E 89 4.17 -58.85 -10.82
C PRO E 89 3.48 -59.94 -10.01
N LEU E 90 3.06 -61.01 -10.68
CA LEU E 90 2.31 -62.08 -10.05
C LEU E 90 3.30 -63.03 -9.38
N LEU E 91 3.59 -62.79 -8.11
CA LEU E 91 4.49 -63.62 -7.32
C LEU E 91 3.77 -64.48 -6.31
N THR E 92 2.63 -64.03 -5.79
CA THR E 92 1.86 -64.79 -4.82
C THR E 92 0.38 -64.66 -5.08
N VAL E 93 -0.33 -65.79 -5.00
CA VAL E 93 -1.77 -65.86 -5.10
C VAL E 93 -2.24 -66.55 -3.84
N TYR E 94 -3.52 -66.39 -3.49
CA TYR E 94 -4.02 -67.09 -2.31
C TYR E 94 -5.48 -67.46 -2.51
N LEU E 95 -5.95 -68.35 -1.63
CA LEU E 95 -7.38 -68.66 -1.57
C LEU E 95 -7.85 -68.75 -0.12
N LYS E 96 -9.14 -68.51 0.06
CA LYS E 96 -9.78 -68.52 1.38
C LYS E 96 -10.17 -69.95 1.73
N VAL E 97 -9.87 -70.36 2.97
CA VAL E 97 -10.23 -71.67 3.49
C VAL E 97 -11.02 -71.45 4.78
N PHE E 98 -12.20 -72.06 4.87
CA PHE E 98 -13.14 -71.89 5.97
C PHE E 98 -13.38 -73.21 6.69
N LEU E 99 -13.98 -73.09 7.88
CA LEU E 99 -14.28 -74.24 8.74
C LEU E 99 -15.66 -74.82 8.52
N SER E 100 -16.58 -74.06 7.93
CA SER E 100 -17.96 -74.50 7.76
C SER E 100 -18.59 -73.69 6.64
N PRO E 101 -19.70 -74.15 6.06
CA PRO E 101 -20.39 -73.33 5.07
C PRO E 101 -20.97 -72.07 5.70
N THR E 102 -21.01 -71.01 4.88
CA THR E 102 -21.49 -69.70 5.32
C THR E 102 -22.61 -69.24 4.40
N GLU E 106 -18.61 -65.95 0.54
CA GLU E 106 -19.76 -66.13 1.43
C GLU E 106 -19.62 -65.26 2.69
N GLY E 107 -18.38 -64.99 3.08
CA GLY E 107 -18.12 -64.20 4.27
C GLY E 107 -16.68 -63.76 4.34
N GLU E 108 -16.41 -62.80 5.21
CA GLU E 108 -15.06 -62.30 5.39
C GLU E 108 -14.16 -63.40 5.92
N CYS E 109 -13.01 -63.59 5.28
CA CYS E 109 -12.04 -64.61 5.69
C CYS E 109 -11.29 -64.09 6.92
N GLN E 110 -11.95 -64.17 8.07
CA GLN E 110 -11.47 -63.60 9.32
C GLN E 110 -11.11 -64.75 10.25
N TRP E 111 -9.82 -64.97 10.52
CA TRP E 111 -9.43 -66.08 11.40
C TRP E 111 -9.95 -65.68 12.75
N PRO E 112 -10.30 -66.59 13.66
CA PRO E 112 -10.23 -68.06 13.67
C PRO E 112 -11.10 -68.81 12.66
N GLY E 113 -12.13 -68.16 12.13
CA GLY E 113 -13.01 -68.79 11.17
C GLY E 113 -12.49 -68.92 9.74
N CYS E 114 -11.24 -68.56 9.45
CA CYS E 114 -10.73 -68.65 8.10
C CYS E 114 -9.22 -68.48 8.05
N ALA E 115 -8.65 -68.86 6.92
CA ALA E 115 -7.24 -68.63 6.63
C ALA E 115 -7.05 -68.42 5.15
N ARG E 116 -6.08 -67.56 4.81
CA ARG E 116 -5.73 -67.26 3.43
C ARG E 116 -4.43 -67.97 3.09
N VAL E 117 -4.51 -68.91 2.17
CA VAL E 117 -3.40 -69.78 1.79
C VAL E 117 -2.68 -69.08 0.64
N TYR E 118 -1.54 -68.43 0.96
CA TYR E 118 -0.77 -67.61 0.02
C TYR E 118 0.27 -68.43 -0.74
N PHE E 119 -0.09 -68.90 -1.93
CA PHE E 119 0.83 -69.69 -2.75
C PHE E 119 1.71 -68.77 -3.58
N SER E 120 3.03 -68.96 -3.47
CA SER E 120 4.01 -68.26 -4.29
C SER E 120 4.19 -68.98 -5.63
N PHE E 121 4.84 -68.30 -6.57
CA PHE E 121 4.97 -68.85 -7.93
C PHE E 121 6.20 -68.32 -8.65
N PHE E 122 6.86 -69.22 -9.39
CA PHE E 122 8.05 -68.92 -10.18
C PHE E 122 7.75 -69.23 -11.63
N ASN E 123 8.20 -68.36 -12.54
CA ASN E 123 7.97 -68.54 -13.97
C ASN E 123 8.92 -69.60 -14.54
N THR E 124 8.81 -70.80 -13.98
CA THR E 124 9.66 -71.92 -14.38
C THR E 124 9.05 -73.21 -13.89
N SER E 125 9.56 -74.32 -14.42
CA SER E 125 9.13 -75.65 -14.01
C SER E 125 9.74 -76.00 -12.65
N PHE E 126 9.29 -77.11 -12.09
CA PHE E 126 9.79 -77.52 -10.78
C PHE E 126 11.29 -77.79 -10.86
N PRO E 127 12.09 -77.31 -9.90
CA PRO E 127 13.53 -77.54 -10.00
C PRO E 127 13.87 -79.01 -9.77
N ALA E 128 15.04 -79.41 -10.27
CA ALA E 128 15.51 -80.77 -10.06
C ALA E 128 15.65 -81.08 -8.57
N CYS E 129 15.14 -82.24 -8.17
CA CYS E 129 15.17 -82.63 -6.76
C CYS E 129 16.61 -82.67 -6.24
N SER E 130 17.55 -83.14 -7.07
CA SER E 130 18.94 -83.24 -6.65
C SER E 130 19.55 -81.88 -6.33
N SER E 131 18.95 -80.79 -6.81
CA SER E 131 19.45 -79.45 -6.54
C SER E 131 18.87 -78.83 -5.27
N LEU E 132 17.94 -79.51 -4.61
CA LEU E 132 17.25 -78.93 -3.47
C LEU E 132 18.07 -79.12 -2.19
N LYS E 133 18.04 -78.11 -1.32
CA LYS E 133 18.71 -78.15 -0.04
C LYS E 133 17.75 -78.63 1.05
N PRO E 134 18.27 -79.16 2.16
CA PRO E 134 17.36 -79.59 3.25
C PRO E 134 16.43 -78.50 3.75
N ARG E 135 16.82 -77.23 3.64
CA ARG E 135 15.94 -76.16 4.10
C ARG E 135 14.61 -76.18 3.34
N GLU E 136 14.68 -76.17 2.01
CA GLU E 136 13.47 -76.19 1.20
C GLU E 136 12.84 -77.59 1.13
N LEU E 137 13.61 -78.63 1.43
CA LEU E 137 13.05 -79.99 1.49
C LEU E 137 12.29 -80.25 2.78
N CYS E 138 12.66 -79.58 3.87
CA CYS E 138 12.11 -79.90 5.19
C CYS E 138 10.98 -78.96 5.60
N PHE E 139 11.24 -77.66 5.58
CA PHE E 139 10.46 -76.66 6.28
C PHE E 139 9.86 -75.67 5.29
N PRO E 140 8.78 -74.98 5.66
CA PRO E 140 8.14 -74.07 4.70
C PRO E 140 9.09 -72.97 4.22
N GLU E 141 8.75 -72.41 3.06
CA GLU E 141 9.55 -71.33 2.48
C GLU E 141 9.89 -70.28 3.53
N THR E 142 8.87 -69.61 4.07
CA THR E 142 9.05 -68.65 5.14
C THR E 142 8.91 -69.35 6.49
N ARG E 143 9.29 -68.65 7.55
CA ARG E 143 9.27 -69.25 8.87
C ARG E 143 7.83 -69.55 9.29
N PRO E 144 7.55 -70.72 9.87
CA PRO E 144 6.19 -70.99 10.34
C PRO E 144 5.85 -70.15 11.55
N SER E 145 4.57 -69.80 11.65
CA SER E 145 4.00 -69.16 12.84
C SER E 145 2.66 -69.84 13.16
N PHE E 146 2.51 -70.27 14.41
CA PHE E 146 1.33 -70.99 14.87
C PHE E 146 0.52 -70.11 15.81
N ARG E 147 -0.75 -70.46 15.95
CA ARG E 147 -1.69 -69.73 16.82
C ARG E 147 -2.46 -70.75 17.65
N ILE E 148 -2.34 -70.65 18.98
CA ILE E 148 -2.93 -71.62 19.92
C ILE E 148 -3.69 -70.87 21.01
N ARG E 149 -4.83 -71.42 21.44
CA ARG E 149 -5.69 -70.84 22.45
C ARG E 149 -5.66 -71.68 23.74
N GLU E 150 -6.08 -71.05 24.85
CA GLU E 150 -5.99 -71.62 26.18
C GLU E 150 -7.30 -72.28 26.60
N ASN E 151 -7.18 -73.32 27.42
CA ASN E 151 -8.32 -74.15 27.83
C ASN E 151 -9.02 -74.77 26.63
N ARG E 152 -8.24 -75.18 25.63
CA ARG E 152 -8.72 -75.81 24.41
C ARG E 152 -8.17 -77.24 24.34
N PRO E 153 -8.96 -78.24 23.93
CA PRO E 153 -8.43 -79.60 23.89
C PRO E 153 -7.22 -79.69 22.98
N PRO E 154 -6.26 -80.56 23.30
CA PRO E 154 -5.11 -80.75 22.40
C PRO E 154 -5.49 -81.51 21.14
N GLY E 155 -4.55 -81.50 20.19
CA GLY E 155 -4.68 -82.30 18.97
C GLY E 155 -3.61 -81.94 17.98
N THR E 156 -3.61 -82.66 16.86
CA THR E 156 -2.68 -82.41 15.78
C THR E 156 -2.93 -81.03 15.19
N PHE E 157 -1.85 -80.26 14.98
CA PHE E 157 -2.00 -78.91 14.44
C PHE E 157 -1.13 -78.60 13.23
N HIS E 158 -0.27 -79.52 12.80
CA HIS E 158 0.65 -79.27 11.70
C HIS E 158 1.29 -80.60 11.33
N GLN E 159 1.64 -80.74 10.05
CA GLN E 159 2.53 -81.80 9.60
C GLN E 159 3.74 -81.15 8.95
N PHE E 160 4.93 -81.53 9.44
CA PHE E 160 6.16 -80.89 9.01
C PHE E 160 6.45 -81.14 7.53
N ARG E 161 6.25 -82.37 7.07
CA ARG E 161 6.68 -82.76 5.73
C ARG E 161 5.95 -81.97 4.66
N LEU E 162 6.71 -81.40 3.74
CA LEU E 162 6.16 -80.64 2.63
C LEU E 162 5.64 -81.61 1.58
N LEU E 163 4.35 -81.48 1.26
CA LEU E 163 3.74 -82.40 0.30
C LEU E 163 4.31 -82.34 -1.11
N PRO E 164 4.62 -81.18 -1.71
CA PRO E 164 5.25 -81.21 -3.04
C PRO E 164 6.61 -81.88 -3.03
N VAL E 165 7.28 -81.96 -1.88
CA VAL E 165 8.53 -82.69 -1.78
C VAL E 165 8.27 -84.20 -1.76
N GLN E 166 7.31 -84.64 -0.94
CA GLN E 166 6.91 -86.05 -0.94
C GLN E 166 6.32 -86.45 -2.29
N PHE E 167 5.59 -85.54 -2.94
CA PHE E 167 4.93 -85.88 -4.20
C PHE E 167 5.93 -85.88 -5.35
N LEU E 168 6.72 -84.81 -5.49
CA LEU E 168 7.66 -84.69 -6.59
C LEU E 168 9.05 -85.23 -6.27
N CYS E 169 9.43 -85.29 -4.99
CA CYS E 169 10.75 -85.78 -4.58
C CYS E 169 10.64 -86.94 -3.61
N PRO E 170 9.78 -87.94 -3.86
CA PRO E 170 9.66 -89.05 -2.90
C PRO E 170 10.96 -89.82 -2.71
N ASN E 171 11.90 -89.73 -3.64
CA ASN E 171 13.18 -90.41 -3.49
C ASN E 171 14.03 -89.82 -2.37
N ILE E 172 13.75 -88.61 -1.91
CA ILE E 172 14.52 -87.95 -0.86
C ILE E 172 13.82 -88.20 0.46
N SER E 173 14.50 -88.89 1.38
CA SER E 173 13.93 -89.19 2.68
C SER E 173 14.15 -88.03 3.63
N VAL E 174 13.08 -87.61 4.31
CA VAL E 174 13.13 -86.53 5.29
C VAL E 174 12.33 -86.96 6.51
N ALA E 175 12.86 -86.67 7.70
CA ALA E 175 12.16 -86.97 8.95
C ALA E 175 12.44 -85.83 9.94
N TYR E 176 11.52 -85.64 10.89
CA TYR E 176 11.48 -84.44 11.72
C TYR E 176 11.48 -84.79 13.20
N ARG E 177 11.85 -83.82 14.03
CA ARG E 177 11.56 -83.86 15.46
C ARG E 177 11.72 -82.48 16.08
N LEU E 178 11.30 -82.37 17.34
CA LEU E 178 11.43 -81.17 18.16
C LEU E 178 12.61 -81.32 19.13
N LEU E 179 13.33 -80.21 19.33
CA LEU E 179 14.36 -80.12 20.34
C LEU E 179 14.00 -79.06 21.36
N GLU E 180 14.35 -79.34 22.62
CA GLU E 180 14.05 -78.50 23.78
C GLU E 180 12.53 -78.34 23.96
N GLY E 181 11.80 -79.41 23.71
CA GLY E 181 10.36 -79.48 23.89
C GLY E 181 9.88 -80.19 25.13
N GLU E 182 10.79 -80.79 25.90
CA GLU E 182 10.52 -81.56 27.12
C GLU E 182 9.81 -80.68 28.15
N GLY E 183 8.79 -81.25 28.78
CA GLY E 183 8.00 -80.51 29.76
C GLY E 183 6.94 -79.60 29.17
N LEU E 184 6.83 -79.52 27.85
CA LEU E 184 5.88 -78.68 27.15
C LEU E 184 4.80 -79.54 26.49
N PRO E 185 3.64 -78.96 26.14
CA PRO E 185 2.59 -79.77 25.49
C PRO E 185 2.92 -80.22 24.06
N PHE E 186 3.98 -79.70 23.46
CA PHE E 186 4.33 -80.00 22.09
C PHE E 186 5.23 -81.23 22.01
N ARG E 187 4.87 -82.13 21.09
CA ARG E 187 5.61 -83.35 20.86
C ARG E 187 5.72 -83.64 19.38
N CYS E 188 6.84 -84.22 18.98
CA CYS E 188 7.01 -84.77 17.64
C CYS E 188 7.87 -86.01 17.79
N ALA E 189 7.29 -87.18 17.51
CA ALA E 189 7.99 -88.44 17.73
C ALA E 189 9.28 -88.48 16.93
N PRO E 190 10.33 -89.14 17.44
CA PRO E 190 11.57 -89.25 16.66
C PRO E 190 11.34 -89.77 15.26
N ASP E 191 11.96 -89.12 14.29
CA ASP E 191 11.81 -89.45 12.87
C ASP E 191 10.34 -89.51 12.47
N SER E 192 9.59 -88.48 12.86
CA SER E 192 8.18 -88.34 12.54
C SER E 192 7.99 -87.26 11.48
N LEU E 193 6.84 -87.31 10.80
CA LEU E 193 6.46 -86.28 9.85
C LEU E 193 5.44 -85.28 10.40
N GLU E 194 4.86 -85.55 11.57
CA GLU E 194 3.76 -84.75 12.11
C GLU E 194 4.13 -84.19 13.48
N VAL E 195 3.39 -83.16 13.91
CA VAL E 195 3.55 -82.57 15.23
C VAL E 195 2.18 -82.26 15.82
N SER E 196 2.05 -82.48 17.12
CA SER E 196 0.80 -82.31 17.83
C SER E 196 1.08 -81.92 19.28
N THR E 197 0.04 -81.45 19.95
CA THR E 197 0.07 -81.18 21.38
C THR E 197 -0.40 -82.40 22.15
N ARG E 198 -0.18 -82.38 23.47
CA ARG E 198 -0.61 -83.45 24.37
C ARG E 198 -1.57 -83.00 25.47
N TRP E 199 -1.50 -81.73 25.89
CA TRP E 199 -2.38 -81.25 26.95
C TRP E 199 -2.94 -79.89 26.56
N ALA E 200 -4.11 -79.59 27.11
CA ALA E 200 -4.72 -78.28 26.92
C ALA E 200 -3.82 -77.18 27.48
N LEU E 201 -3.64 -76.13 26.69
CA LEU E 201 -2.85 -74.98 27.09
C LEU E 201 -3.65 -74.09 28.06
N ASP E 202 -2.93 -73.47 28.99
CA ASP E 202 -3.48 -72.40 29.81
C ASP E 202 -2.40 -71.36 30.07
N ARG E 203 -2.83 -70.23 30.64
CA ARG E 203 -1.91 -69.12 30.89
C ARG E 203 -0.91 -69.44 31.98
N GLU E 204 -1.23 -70.36 32.89
CA GLU E 204 -0.28 -70.75 33.93
C GLU E 204 0.95 -71.46 33.38
N GLN E 205 0.89 -71.95 32.14
CA GLN E 205 2.04 -72.59 31.51
C GLN E 205 2.95 -71.58 30.81
N ARG E 206 2.42 -70.87 29.83
CA ARG E 206 3.22 -69.94 29.02
C ARG E 206 2.32 -68.83 28.48
N GLU E 207 2.96 -67.73 28.09
CA GLU E 207 2.36 -66.70 27.24
C GLU E 207 2.86 -66.74 25.81
N LYS E 208 3.82 -67.61 25.49
CA LYS E 208 4.33 -67.79 24.14
C LYS E 208 5.20 -69.04 24.16
N TYR E 209 5.35 -69.66 22.99
CA TYR E 209 6.32 -70.75 22.83
C TYR E 209 7.29 -70.41 21.71
N GLU E 210 8.54 -70.86 21.85
CA GLU E 210 9.52 -70.89 20.75
C GLU E 210 10.41 -72.13 20.93
N LEU E 211 10.09 -73.19 20.19
CA LEU E 211 10.84 -74.44 20.22
C LEU E 211 11.80 -74.48 19.03
N VAL E 212 12.59 -75.55 18.93
CA VAL E 212 13.50 -75.75 17.80
C VAL E 212 13.02 -76.96 17.01
N ALA E 213 12.67 -76.76 15.74
CA ALA E 213 12.27 -77.85 14.86
C ALA E 213 13.47 -78.26 14.02
N VAL E 214 13.73 -79.58 13.91
CA VAL E 214 14.91 -80.08 13.22
C VAL E 214 14.54 -81.27 12.36
N CYS E 215 15.25 -81.42 11.23
CA CYS E 215 15.06 -82.52 10.31
C CYS E 215 16.41 -83.03 9.83
N THR E 216 16.38 -84.25 9.27
CA THR E 216 17.50 -84.86 8.59
C THR E 216 17.03 -85.32 7.21
N VAL E 217 17.88 -85.12 6.21
CA VAL E 217 17.60 -85.49 4.83
C VAL E 217 18.66 -86.49 4.41
N HIS E 218 18.25 -87.51 3.65
CA HIS E 218 19.15 -88.55 3.16
C HIS E 218 19.72 -89.36 4.32
N ARG E 222 26.15 -88.02 3.08
CA ARG E 222 24.93 -87.62 2.39
C ARG E 222 23.97 -86.88 3.33
N GLU E 223 23.92 -87.30 4.59
CA GLU E 223 22.97 -86.75 5.55
C GLU E 223 23.26 -85.28 5.83
N GLU E 224 22.21 -84.48 5.90
CA GLU E 224 22.30 -83.08 6.29
C GLU E 224 21.20 -82.77 7.30
N VAL E 225 21.58 -82.02 8.34
CA VAL E 225 20.69 -81.66 9.44
C VAL E 225 20.48 -80.15 9.36
N VAL E 226 19.22 -79.72 9.41
CA VAL E 226 18.87 -78.31 9.45
C VAL E 226 17.73 -78.14 10.44
N MET E 227 17.74 -76.99 11.13
CA MET E 227 16.73 -76.66 12.14
C MET E 227 16.26 -75.22 12.00
N VAL E 228 15.02 -74.98 12.39
CA VAL E 228 14.41 -73.65 12.29
C VAL E 228 13.69 -73.35 13.59
N PRO E 229 13.45 -72.06 13.89
CA PRO E 229 12.64 -71.73 15.06
C PRO E 229 11.21 -72.20 14.88
N PHE E 230 10.56 -72.50 16.00
CA PHE E 230 9.22 -73.08 16.03
C PHE E 230 8.35 -72.22 16.93
N PRO E 231 8.11 -70.96 16.57
CA PRO E 231 7.32 -70.07 17.41
C PRO E 231 5.83 -70.32 17.30
N VAL E 232 5.14 -70.14 18.43
CA VAL E 232 3.69 -70.33 18.54
C VAL E 232 3.13 -69.16 19.32
N THR E 233 2.11 -68.51 18.75
CA THR E 233 1.39 -67.40 19.37
C THR E 233 0.35 -67.97 20.34
N VAL E 234 0.44 -67.58 21.59
CA VAL E 234 -0.51 -68.00 22.62
C VAL E 234 -1.56 -66.91 22.78
N TYR E 235 -2.83 -67.32 22.82
CA TYR E 235 -3.95 -66.43 23.12
C TYR E 235 -4.45 -66.66 24.54
N ASP E 236 -5.29 -65.73 25.00
CA ASP E 236 -5.72 -65.67 26.39
C ASP E 236 -7.05 -66.39 26.58
N GLU E 237 -7.11 -67.23 27.62
CA GLU E 237 -8.36 -67.89 27.96
C GLU E 237 -9.44 -66.85 28.21
N ASP E 238 -10.63 -67.11 27.67
CA ASP E 238 -11.80 -66.23 27.87
C ASP E 238 -12.88 -67.06 28.56
N ASP E 239 -12.77 -67.15 29.88
CA ASP E 239 -13.77 -67.78 30.74
C ASP E 239 -14.27 -66.89 31.86
N SER E 240 -13.42 -66.03 32.41
CA SER E 240 -13.64 -65.09 33.45
C SER E 240 -12.45 -64.25 33.72
N ALA E 241 -12.55 -63.25 34.59
CA ALA E 241 -11.44 -62.36 34.91
C ALA E 241 -10.68 -62.65 36.21
N PRO E 242 -9.53 -63.34 36.17
CA PRO E 242 -8.78 -63.55 37.41
C PRO E 242 -8.26 -62.23 37.94
N THR E 243 -8.85 -61.76 39.04
CA THR E 243 -8.66 -60.38 39.45
C THR E 243 -9.01 -60.22 40.93
N PHE E 244 -8.32 -59.32 41.67
CA PHE E 244 -7.10 -58.55 41.37
C PHE E 244 -6.10 -58.84 42.48
N PRO E 245 -4.79 -58.75 42.19
CA PRO E 245 -3.82 -58.83 43.29
C PRO E 245 -3.90 -57.66 44.25
N ALA E 246 -4.47 -56.54 43.82
CA ALA E 246 -4.65 -55.36 44.66
C ALA E 246 -5.96 -55.44 45.43
N GLY E 247 -5.94 -54.96 46.68
CA GLY E 247 -7.13 -54.84 47.47
C GLY E 247 -7.79 -53.47 47.33
N VAL E 248 -8.64 -53.14 48.31
CA VAL E 248 -9.41 -51.90 48.31
C VAL E 248 -8.95 -51.05 49.49
N ASP E 249 -8.91 -49.74 49.27
CA ASP E 249 -8.56 -48.79 50.31
C ASP E 249 -9.41 -47.54 50.06
N THR E 250 -10.45 -47.36 50.88
CA THR E 250 -11.38 -46.26 50.68
C THR E 250 -10.88 -44.94 51.23
N ALA E 251 -9.75 -44.95 51.95
CA ALA E 251 -9.27 -43.74 52.59
C ALA E 251 -8.89 -42.69 51.55
N SER E 252 -9.23 -41.44 51.85
CA SER E 252 -8.84 -40.30 51.03
C SER E 252 -9.13 -39.04 51.84
N ALA E 253 -8.88 -37.88 51.24
CA ALA E 253 -9.21 -36.62 51.87
C ALA E 253 -9.28 -35.52 50.82
N VAL E 254 -10.22 -34.59 51.00
CA VAL E 254 -10.37 -33.43 50.14
C VAL E 254 -10.48 -32.20 51.05
N VAL E 255 -9.77 -31.14 50.69
CA VAL E 255 -9.82 -29.89 51.43
C VAL E 255 -10.78 -28.94 50.73
N GLU E 256 -11.72 -28.39 51.50
CA GLU E 256 -12.66 -27.42 50.94
C GLU E 256 -11.92 -26.17 50.47
N PHE E 257 -12.36 -25.62 49.35
CA PHE E 257 -11.79 -24.41 48.75
C PHE E 257 -10.37 -24.64 48.24
N LYS E 258 -9.97 -25.91 48.14
CA LYS E 258 -8.72 -26.30 47.50
C LYS E 258 -9.03 -26.86 46.11
N ARG E 259 -9.31 -25.94 45.19
CA ARG E 259 -9.67 -26.33 43.83
C ARG E 259 -8.39 -26.63 43.05
N LYS E 260 -8.46 -27.62 42.18
CA LYS E 260 -7.41 -27.93 41.23
C LYS E 260 -8.00 -27.94 39.83
N GLU E 261 -7.16 -27.79 38.80
CA GLU E 261 -7.63 -28.03 37.44
C GLU E 261 -7.87 -29.52 37.18
N ASP E 262 -7.20 -30.39 37.94
CA ASP E 262 -7.34 -31.84 37.80
C ASP E 262 -7.16 -32.49 39.17
N THR E 263 -8.26 -32.64 39.90
CA THR E 263 -8.34 -33.17 41.25
C THR E 263 -8.33 -34.70 41.20
N VAL E 264 -7.60 -35.32 42.12
CA VAL E 264 -7.50 -36.78 42.20
C VAL E 264 -7.79 -37.18 43.64
N VAL E 265 -8.65 -38.19 43.79
CA VAL E 265 -8.92 -38.76 45.12
C VAL E 265 -7.99 -39.94 45.40
N ALA E 266 -7.96 -40.94 44.52
CA ALA E 266 -7.11 -42.09 44.76
C ALA E 266 -6.98 -42.91 43.48
N THR E 267 -5.88 -43.67 43.42
CA THR E 267 -5.59 -44.62 42.35
C THR E 267 -5.28 -45.96 43.00
N LEU E 268 -6.06 -46.98 42.66
CA LEU E 268 -5.80 -48.36 43.05
C LEU E 268 -5.43 -49.13 41.78
N ARG E 269 -4.14 -49.26 41.52
CA ARG E 269 -3.66 -49.97 40.33
C ARG E 269 -4.10 -51.44 40.36
N VAL E 270 -4.58 -51.91 39.20
CA VAL E 270 -5.19 -53.22 39.06
C VAL E 270 -4.46 -54.00 37.97
N PHE E 271 -4.56 -55.32 38.05
CA PHE E 271 -4.04 -56.20 37.01
C PHE E 271 -4.83 -57.50 37.05
N ASP E 272 -5.17 -58.01 35.87
CA ASP E 272 -5.89 -59.28 35.77
C ASP E 272 -5.29 -60.05 34.61
N ALA E 273 -5.54 -61.36 34.59
CA ALA E 273 -5.04 -62.23 33.54
C ALA E 273 -5.97 -62.31 32.34
N ASP E 274 -7.11 -61.59 32.33
CA ASP E 274 -8.11 -61.72 31.28
C ASP E 274 -8.04 -60.60 30.25
N VAL E 275 -8.25 -59.35 30.67
CA VAL E 275 -8.43 -58.25 29.71
C VAL E 275 -7.23 -57.29 29.71
N VAL E 276 -6.32 -57.41 30.67
CA VAL E 276 -5.11 -56.59 30.66
C VAL E 276 -4.11 -57.06 29.60
N PRO E 277 -3.89 -58.39 29.36
CA PRO E 277 -2.89 -58.80 28.34
C PRO E 277 -3.01 -58.12 26.99
N ALA E 278 -4.23 -57.86 26.53
CA ALA E 278 -4.47 -57.18 25.27
C ALA E 278 -5.35 -55.95 25.50
N SER E 279 -5.03 -54.87 24.78
CA SER E 279 -5.78 -53.63 24.93
C SER E 279 -7.22 -53.79 24.42
N GLY E 280 -7.38 -54.51 23.31
CA GLY E 280 -8.71 -54.67 22.72
C GLY E 280 -9.70 -55.37 23.63
N GLU E 281 -9.23 -56.27 24.50
CA GLU E 281 -10.14 -57.06 25.31
C GLU E 281 -10.96 -56.17 26.24
N LEU E 282 -10.36 -55.08 26.75
CA LEU E 282 -11.05 -54.15 27.63
C LEU E 282 -11.72 -53.01 26.88
N VAL E 283 -11.09 -52.49 25.83
CA VAL E 283 -11.56 -51.38 24.99
C VAL E 283 -12.88 -51.75 24.32
N ARG E 284 -12.97 -52.98 23.79
CA ARG E 284 -14.20 -53.44 23.16
C ARG E 284 -15.35 -53.49 24.14
N ARG E 285 -15.07 -53.83 25.40
CA ARG E 285 -16.10 -53.92 26.42
C ARG E 285 -15.49 -53.72 27.80
N TYR E 286 -16.10 -52.84 28.59
CA TYR E 286 -15.58 -52.45 29.90
C TYR E 286 -16.73 -51.87 30.71
N THR E 287 -16.54 -51.78 32.04
CA THR E 287 -17.58 -51.24 32.91
C THR E 287 -16.93 -50.42 34.01
N SER E 288 -17.74 -49.56 34.64
CA SER E 288 -17.31 -48.74 35.76
C SER E 288 -18.52 -48.36 36.59
N THR E 289 -18.30 -47.59 37.66
CA THR E 289 -19.35 -47.29 38.64
C THR E 289 -20.57 -46.69 37.94
N LEU E 290 -21.76 -47.18 38.33
CA LEU E 290 -23.00 -46.69 37.73
C LEU E 290 -23.69 -45.68 38.62
N LEU E 291 -23.98 -46.05 39.86
CA LEU E 291 -24.60 -45.17 40.83
C LEU E 291 -23.97 -45.36 42.20
N PRO E 292 -24.10 -44.37 43.11
CA PRO E 292 -24.76 -43.06 42.97
C PRO E 292 -24.09 -42.22 41.88
N GLY E 293 -24.88 -41.37 41.21
CA GLY E 293 -24.36 -40.50 40.18
C GLY E 293 -24.51 -39.02 40.46
N ASP E 294 -25.73 -38.60 40.78
CA ASP E 294 -26.20 -37.22 40.83
C ASP E 294 -25.24 -36.28 41.54
N THR E 295 -24.71 -36.68 42.70
CA THR E 295 -24.09 -35.70 43.59
C THR E 295 -22.68 -35.33 43.14
N TRP E 296 -21.80 -36.33 43.02
CA TRP E 296 -20.35 -36.31 42.78
C TRP E 296 -19.97 -36.89 41.44
N ALA E 297 -20.42 -38.11 41.15
CA ALA E 297 -20.00 -38.81 39.93
C ALA E 297 -20.54 -38.13 38.68
N GLN E 298 -21.71 -37.48 38.77
CA GLN E 298 -22.28 -36.83 37.61
C GLN E 298 -21.70 -35.43 37.43
N GLN E 299 -21.45 -34.72 38.54
CA GLN E 299 -21.03 -33.33 38.49
C GLN E 299 -19.52 -33.12 38.35
N THR E 300 -18.68 -33.86 39.09
CA THR E 300 -17.25 -33.56 39.14
C THR E 300 -16.35 -34.71 38.72
N PHE E 301 -16.35 -35.82 39.45
CA PHE E 301 -15.44 -36.95 39.45
C PHE E 301 -15.84 -38.04 38.48
N ARG E 302 -14.83 -38.67 37.88
CA ARG E 302 -14.99 -39.84 37.03
C ARG E 302 -13.97 -40.90 37.43
N VAL E 303 -14.16 -42.11 36.91
CA VAL E 303 -13.30 -43.26 37.19
C VAL E 303 -12.53 -43.62 35.93
N GLU E 304 -11.20 -43.68 36.05
CA GLU E 304 -10.34 -44.10 34.95
C GLU E 304 -9.98 -45.57 35.16
N HIS E 305 -10.82 -46.45 34.59
CA HIS E 305 -10.59 -47.88 34.67
C HIS E 305 -9.82 -48.42 33.47
N TRP E 306 -9.96 -47.79 32.30
CA TRP E 306 -9.32 -48.32 31.09
C TRP E 306 -7.80 -48.37 31.15
N PRO E 307 -7.07 -47.52 31.88
CA PRO E 307 -5.60 -47.70 31.96
C PRO E 307 -5.15 -48.71 33.01
N ASN E 308 -6.08 -49.46 33.62
CA ASN E 308 -5.75 -50.35 34.74
C ASN E 308 -5.15 -49.57 35.91
N GLU E 309 -5.71 -48.40 36.19
CA GLU E 309 -5.31 -47.56 37.31
C GLU E 309 -6.39 -47.42 38.38
N THR E 310 -7.67 -47.36 37.97
CA THR E 310 -8.77 -47.12 38.89
C THR E 310 -8.56 -45.79 39.61
N SER E 311 -8.28 -44.75 38.81
CA SER E 311 -8.04 -43.41 39.33
C SER E 311 -9.34 -42.63 39.29
N VAL E 312 -9.71 -42.02 40.41
CA VAL E 312 -10.89 -41.16 40.49
C VAL E 312 -10.38 -39.72 40.47
N GLN E 313 -10.86 -38.94 39.50
CA GLN E 313 -10.36 -37.58 39.31
C GLN E 313 -11.44 -36.66 38.77
N ALA E 314 -11.21 -35.36 38.92
CA ALA E 314 -12.19 -34.33 38.59
C ALA E 314 -11.57 -33.08 38.00
N ASN E 315 -12.30 -32.45 37.06
CA ASN E 315 -11.88 -31.20 36.43
C ASN E 315 -12.76 -30.02 36.83
N GLY E 316 -13.99 -30.28 37.30
CA GLY E 316 -14.94 -29.22 37.60
C GLY E 316 -14.75 -28.66 39.00
N SER E 317 -15.68 -27.78 39.37
CA SER E 317 -15.64 -27.12 40.67
C SER E 317 -16.07 -28.07 41.78
N PHE E 318 -15.70 -27.71 43.01
CA PHE E 318 -16.01 -28.49 44.19
C PHE E 318 -17.38 -28.10 44.76
N VAL E 319 -17.91 -28.96 45.63
CA VAL E 319 -19.17 -28.71 46.35
C VAL E 319 -18.92 -28.88 47.84
N ARG E 320 -19.96 -28.63 48.63
CA ARG E 320 -19.88 -28.71 50.09
C ARG E 320 -19.38 -30.07 50.56
N ALA E 321 -18.89 -30.15 51.80
CA ALA E 321 -18.23 -31.34 52.29
C ALA E 321 -19.24 -32.47 52.49
N THR E 322 -19.58 -33.12 51.39
CA THR E 322 -20.46 -34.29 51.38
C THR E 322 -19.65 -35.58 51.21
N VAL E 323 -19.56 -36.36 52.30
CA VAL E 323 -18.73 -37.56 52.29
C VAL E 323 -19.49 -38.69 51.61
N HIS E 324 -18.75 -39.54 50.89
CA HIS E 324 -19.38 -40.69 50.24
C HIS E 324 -18.38 -41.80 50.01
N ASP E 325 -18.91 -42.96 49.63
CA ASP E 325 -18.09 -44.15 49.35
C ASP E 325 -18.77 -44.90 48.22
N TYR E 326 -18.20 -44.81 47.03
CA TYR E 326 -18.79 -45.39 45.82
C TYR E 326 -18.11 -46.70 45.48
N ARG E 327 -18.92 -47.65 45.01
CA ARG E 327 -18.46 -48.97 44.60
C ARG E 327 -18.06 -48.91 43.12
N LEU E 328 -16.77 -49.09 42.87
CA LEU E 328 -16.25 -49.04 41.51
C LEU E 328 -16.32 -50.41 40.86
N VAL E 329 -16.72 -50.43 39.59
CA VAL E 329 -16.83 -51.65 38.80
C VAL E 329 -15.58 -51.77 37.93
N LEU E 330 -14.93 -52.93 37.99
CA LEU E 330 -13.74 -53.22 37.20
C LEU E 330 -13.96 -54.36 36.20
N ASN E 331 -15.20 -54.81 36.04
CA ASN E 331 -15.50 -55.97 35.19
C ASN E 331 -15.41 -55.59 33.72
N ARG E 332 -15.34 -56.62 32.87
CA ARG E 332 -15.43 -56.40 31.42
C ARG E 332 -16.87 -56.14 31.01
N ASN E 333 -17.76 -57.06 31.35
CA ASN E 333 -19.17 -56.99 31.00
C ASN E 333 -19.99 -57.00 32.29
N LEU E 334 -20.67 -55.88 32.57
CA LEU E 334 -21.40 -55.71 33.81
C LEU E 334 -22.83 -56.21 33.65
N SER E 335 -23.32 -56.90 34.69
CA SER E 335 -24.68 -57.39 34.83
C SER E 335 -24.98 -58.64 34.01
N ILE E 336 -24.02 -59.17 33.25
CA ILE E 336 -24.19 -60.44 32.54
C ILE E 336 -23.06 -61.42 32.83
N SER E 337 -22.10 -61.02 33.67
CA SER E 337 -20.96 -61.87 34.01
C SER E 337 -20.53 -61.55 35.43
N GLU E 338 -19.72 -62.45 35.99
CA GLU E 338 -19.18 -62.25 37.33
C GLU E 338 -18.38 -60.95 37.39
N ASN E 339 -18.63 -60.17 38.43
CA ASN E 339 -18.08 -58.83 38.57
C ASN E 339 -16.87 -58.84 39.50
N ARG E 340 -16.00 -57.84 39.31
CA ARG E 340 -14.96 -57.49 40.27
C ARG E 340 -15.07 -56.00 40.54
N THR E 341 -15.17 -55.66 41.83
CA THR E 341 -15.42 -54.29 42.24
C THR E 341 -14.48 -53.90 43.39
N MET E 342 -14.37 -52.58 43.58
CA MET E 342 -13.67 -52.00 44.72
C MET E 342 -14.46 -50.78 45.17
N GLN E 343 -14.01 -50.16 46.26
CA GLN E 343 -14.69 -49.01 46.85
C GLN E 343 -13.68 -47.90 47.07
N LEU E 344 -14.11 -46.66 46.88
CA LEU E 344 -13.32 -45.49 47.27
C LEU E 344 -14.24 -44.46 47.90
N ALA E 345 -13.79 -43.88 49.00
CA ALA E 345 -14.54 -42.85 49.71
C ALA E 345 -13.87 -41.49 49.55
N VAL E 346 -14.66 -40.46 49.79
CA VAL E 346 -14.19 -39.07 49.79
C VAL E 346 -14.60 -38.45 51.10
N LEU E 347 -13.61 -37.90 51.81
CA LEU E 347 -13.77 -37.27 53.11
C LEU E 347 -13.36 -35.80 52.97
N VAL E 348 -14.36 -34.96 52.68
CA VAL E 348 -14.10 -33.56 52.40
C VAL E 348 -14.11 -32.79 53.72
N ASN E 349 -13.07 -31.99 53.94
CA ASN E 349 -12.92 -31.21 55.17
C ASN E 349 -13.09 -29.71 54.90
N PRO E 371 -8.20 -24.16 53.79
CA PRO E 371 -8.68 -22.78 53.93
C PRO E 371 -8.31 -22.18 55.29
N VAL E 372 -7.14 -21.57 55.36
CA VAL E 372 -6.54 -20.92 56.53
C VAL E 372 -7.15 -19.53 56.73
N SER E 373 -7.26 -18.74 55.65
CA SER E 373 -7.78 -17.36 55.63
C SER E 373 -7.10 -16.47 56.67
N LEU E 374 -5.77 -16.41 56.57
CA LEU E 374 -4.97 -15.58 57.47
C LEU E 374 -5.28 -14.10 57.27
N HIS E 375 -5.50 -13.41 58.39
CA HIS E 375 -5.68 -11.95 58.42
C HIS E 375 -4.57 -11.35 59.29
N LEU E 376 -3.46 -11.02 58.64
CA LEU E 376 -2.24 -10.57 59.32
C LEU E 376 -1.66 -9.40 58.52
N PRO E 377 -1.80 -8.14 58.97
CA PRO E 377 -1.25 -7.04 58.19
C PRO E 377 0.26 -6.95 58.32
N SER E 378 0.98 -7.33 57.26
CA SER E 378 2.43 -7.25 57.23
C SER E 378 2.85 -5.78 57.13
N THR E 379 3.61 -5.33 58.12
CA THR E 379 3.99 -3.91 58.22
C THR E 379 5.33 -3.74 57.52
N TYR E 380 5.26 -3.50 56.21
CA TYR E 380 6.47 -3.36 55.39
C TYR E 380 7.11 -2.00 55.60
N SER E 381 8.42 -1.94 55.46
CA SER E 381 9.18 -0.70 55.59
C SER E 381 9.65 -0.24 54.22
N LEU E 382 9.36 1.03 53.90
CA LEU E 382 9.83 1.69 52.69
C LEU E 382 10.79 2.81 53.06
N SER E 383 11.36 3.44 52.04
CA SER E 383 12.28 4.55 52.18
C SER E 383 11.95 5.64 51.17
N VAL E 384 12.06 6.89 51.61
CA VAL E 384 11.98 8.03 50.71
C VAL E 384 13.16 8.01 49.77
N SER E 385 12.95 8.47 48.54
CA SER E 385 13.98 8.51 47.50
C SER E 385 14.58 7.12 47.28
N ARG E 386 13.71 6.12 47.18
CA ARG E 386 14.16 4.76 46.93
C ARG E 386 14.92 4.69 45.61
N ARG E 387 16.07 4.02 45.63
CA ARG E 387 16.88 3.81 44.43
C ARG E 387 16.31 2.62 43.64
N ALA E 388 15.13 2.85 43.07
CA ALA E 388 14.45 1.84 42.29
C ALA E 388 14.96 1.85 40.85
N ARG E 389 14.99 0.66 40.24
CA ARG E 389 15.28 0.58 38.82
C ARG E 389 14.11 1.09 37.99
N ARG E 390 12.91 0.58 38.25
CA ARG E 390 11.70 1.02 37.55
C ARG E 390 10.56 1.23 38.52
N PHE E 391 10.48 0.41 39.57
CA PHE E 391 9.35 0.40 40.50
C PHE E 391 9.87 0.19 41.92
N ALA E 392 9.02 0.53 42.90
CA ALA E 392 9.35 0.43 44.32
C ALA E 392 8.61 -0.77 44.92
N GLN E 393 9.35 -1.83 45.22
CA GLN E 393 8.76 -3.04 45.77
C GLN E 393 8.39 -2.86 47.24
N ILE E 394 7.15 -3.22 47.60
CA ILE E 394 6.68 -3.13 48.99
C ILE E 394 6.87 -4.46 49.70
N GLY E 395 6.33 -5.54 49.12
CA GLY E 395 6.41 -6.83 49.76
C GLY E 395 5.53 -7.82 49.03
N LYS E 396 5.27 -8.94 49.70
CA LYS E 396 4.52 -10.04 49.12
C LYS E 396 3.27 -10.27 49.94
N VAL E 397 2.29 -10.94 49.32
CA VAL E 397 1.09 -11.37 50.02
C VAL E 397 1.02 -12.88 50.17
N CYS E 398 2.16 -13.54 50.05
CA CYS E 398 2.22 -15.00 50.11
C CYS E 398 1.78 -15.51 51.47
N VAL E 399 1.10 -16.65 51.48
CA VAL E 399 0.47 -17.16 52.68
C VAL E 399 0.29 -18.68 52.64
N GLU E 400 -0.10 -19.24 53.78
CA GLU E 400 -0.41 -20.66 53.90
C GLU E 400 -1.58 -20.99 52.98
N ASN E 401 -2.36 -19.95 52.67
CA ASN E 401 -3.50 -20.08 51.77
C ASN E 401 -3.00 -20.52 50.39
N CYS E 402 -1.71 -20.28 50.13
CA CYS E 402 -1.12 -20.62 48.85
C CYS E 402 -1.27 -22.11 48.59
N GLN E 403 -1.12 -22.92 49.63
CA GLN E 403 -1.37 -24.35 49.49
C GLN E 403 -2.85 -24.68 49.70
N ALA E 404 -3.55 -23.83 50.44
CA ALA E 404 -4.98 -24.05 50.69
C ALA E 404 -5.78 -24.07 49.39
N PHE E 405 -5.58 -23.08 48.52
CA PHE E 405 -6.23 -23.05 47.22
C PHE E 405 -5.37 -23.66 46.10
N SER E 406 -4.24 -24.26 46.44
CA SER E 406 -3.43 -25.01 45.48
C SER E 406 -3.07 -24.19 44.24
N GLY E 407 -2.51 -22.99 44.46
CA GLY E 407 -2.00 -22.18 43.39
C GLY E 407 -3.00 -21.32 42.67
N ILE E 408 -4.30 -21.50 42.92
CA ILE E 408 -5.35 -20.68 42.33
C ILE E 408 -5.61 -19.51 43.28
N ASN E 409 -4.89 -18.42 43.08
CA ASN E 409 -4.82 -17.32 44.04
C ASN E 409 -6.16 -16.63 44.25
N VAL E 410 -6.42 -16.21 45.50
CA VAL E 410 -7.69 -15.60 45.87
C VAL E 410 -7.70 -14.10 45.64
N GLN E 411 -6.73 -13.56 44.89
CA GLN E 411 -6.75 -12.18 44.41
C GLN E 411 -6.65 -11.18 45.56
N TYR E 412 -5.50 -11.20 46.24
CA TYR E 412 -5.21 -10.25 47.30
C TYR E 412 -5.08 -8.85 46.72
N LYS E 413 -5.92 -7.93 47.20
CA LYS E 413 -5.94 -6.55 46.73
C LYS E 413 -5.67 -5.61 47.89
N LEU E 414 -4.64 -4.78 47.73
CA LEU E 414 -4.23 -3.80 48.74
C LEU E 414 -4.65 -2.43 48.25
N HIS E 415 -5.37 -1.69 49.09
CA HIS E 415 -5.92 -0.40 48.71
C HIS E 415 -5.80 0.56 49.89
N SER E 416 -6.02 1.85 49.62
CA SER E 416 -6.00 2.88 50.65
C SER E 416 -6.70 4.13 50.16
N SER E 417 -7.29 4.86 51.11
CA SER E 417 -7.86 6.17 50.83
C SER E 417 -7.48 7.24 51.86
N GLY E 418 -6.83 6.87 52.96
CA GLY E 418 -6.53 7.82 54.01
C GLY E 418 -5.25 8.60 53.81
N ALA E 419 -4.17 7.91 53.46
CA ALA E 419 -2.87 8.55 53.28
C ALA E 419 -2.86 9.39 52.00
N ASN E 420 -2.17 10.53 52.07
CA ASN E 420 -1.97 11.41 50.93
C ASN E 420 -0.63 11.15 50.22
N CYS E 421 0.03 10.03 50.53
CA CYS E 421 1.30 9.67 49.94
C CYS E 421 1.13 8.34 49.21
N SER E 422 1.92 8.17 48.14
CA SER E 422 1.86 6.95 47.33
C SER E 422 0.42 6.62 46.95
N THR E 423 -0.26 7.63 46.37
CA THR E 423 -1.68 7.55 46.05
C THR E 423 -2.02 6.27 45.29
N LEU E 424 -1.20 5.93 44.28
CA LEU E 424 -1.48 4.78 43.44
C LEU E 424 -0.16 4.19 42.95
N GLY E 425 -0.20 2.90 42.63
CA GLY E 425 0.94 2.20 42.07
C GLY E 425 0.52 1.00 41.26
N VAL E 426 1.16 -0.15 41.56
CA VAL E 426 0.92 -1.41 40.89
C VAL E 426 0.55 -2.44 41.95
N VAL E 427 -0.16 -2.01 42.99
CA VAL E 427 -0.56 -2.90 44.07
C VAL E 427 -1.81 -3.63 43.57
N THR E 428 -1.58 -4.65 42.74
CA THR E 428 -2.64 -5.32 41.99
C THR E 428 -2.82 -6.74 42.51
N SER E 429 -3.98 -7.32 42.21
CA SER E 429 -4.33 -8.64 42.71
C SER E 429 -3.66 -9.70 41.82
N ALA E 430 -2.36 -9.89 42.05
CA ALA E 430 -1.60 -10.82 41.25
C ALA E 430 -2.20 -12.21 41.30
N GLU E 431 -2.25 -12.88 40.15
CA GLU E 431 -2.87 -14.19 40.04
C GLU E 431 -1.93 -15.33 40.42
N ASP E 432 -0.64 -15.05 40.60
CA ASP E 432 0.33 -16.10 40.89
C ASP E 432 0.11 -16.64 42.30
N THR E 433 0.62 -17.86 42.54
CA THR E 433 0.41 -18.53 43.82
C THR E 433 0.77 -17.63 44.98
N SER E 434 1.96 -17.05 44.96
CA SER E 434 2.44 -16.21 46.05
C SER E 434 1.71 -14.86 46.04
N GLY E 435 1.90 -14.10 44.98
CA GLY E 435 1.39 -12.73 44.92
C GLY E 435 2.42 -11.77 45.46
N ILE E 436 2.53 -10.62 44.82
CA ILE E 436 3.51 -9.60 45.16
C ILE E 436 2.86 -8.24 44.96
N LEU E 437 3.23 -7.26 45.79
CA LEU E 437 2.71 -5.91 45.67
C LEU E 437 3.83 -4.86 45.60
N PHE E 438 3.65 -3.90 44.71
CA PHE E 438 4.62 -2.81 44.55
C PHE E 438 3.92 -1.63 43.90
N VAL E 439 4.63 -0.50 43.90
CA VAL E 439 4.18 0.73 43.26
C VAL E 439 5.27 1.19 42.29
N ASN E 440 4.89 2.10 41.40
CA ASN E 440 5.82 2.65 40.42
C ASN E 440 6.76 3.66 41.08
N ASP E 441 7.98 3.73 40.57
CA ASP E 441 8.98 4.68 41.06
C ASP E 441 8.66 6.08 40.50
N THR E 442 7.52 6.60 40.96
CA THR E 442 7.02 7.91 40.57
C THR E 442 6.75 8.83 41.75
N LYS E 443 6.80 8.32 42.97
CA LYS E 443 6.47 9.07 44.18
C LYS E 443 7.68 9.17 45.10
N ALA E 444 8.89 9.04 44.53
CA ALA E 444 10.10 9.05 45.34
C ALA E 444 10.22 10.35 46.14
N LEU E 445 9.78 11.47 45.59
CA LEU E 445 9.82 12.76 46.26
C LEU E 445 8.47 13.16 46.87
N ARG E 446 7.49 12.26 46.88
CA ARG E 446 6.21 12.48 47.55
C ARG E 446 6.10 11.71 48.86
N ARG E 447 6.80 10.59 48.98
CA ARG E 447 6.79 9.82 50.23
C ARG E 447 7.20 10.62 51.45
N PRO E 448 8.17 11.55 51.41
CA PRO E 448 8.44 12.35 52.62
C PRO E 448 7.28 13.23 53.07
N LYS E 449 6.24 13.41 52.24
CA LYS E 449 5.10 14.19 52.66
C LYS E 449 4.51 13.66 53.96
N CYS E 450 4.58 12.34 54.16
CA CYS E 450 4.02 11.70 55.34
C CYS E 450 4.79 10.41 55.59
N ALA E 451 5.04 10.10 56.86
CA ALA E 451 5.84 8.92 57.19
C ALA E 451 4.99 7.66 57.25
N GLU E 452 3.84 7.72 57.92
CA GLU E 452 3.03 6.54 58.18
C GLU E 452 1.92 6.46 57.14
N LEU E 453 2.00 5.46 56.27
CA LEU E 453 0.99 5.21 55.23
C LEU E 453 0.17 3.99 55.62
N HIS E 454 -1.16 4.13 55.55
CA HIS E 454 -2.09 3.10 56.01
C HIS E 454 -2.75 2.45 54.79
N TYR E 455 -2.62 1.13 54.69
CA TYR E 455 -3.22 0.38 53.58
C TYR E 455 -4.13 -0.68 54.17
N MET E 456 -5.04 -1.19 53.34
CA MET E 456 -5.93 -2.30 53.72
C MET E 456 -5.99 -3.33 52.59
N VAL E 457 -5.91 -4.62 52.96
CA VAL E 457 -5.88 -5.72 52.00
C VAL E 457 -7.11 -6.59 52.19
N VAL E 458 -7.73 -6.95 51.06
CA VAL E 458 -8.90 -7.83 51.02
C VAL E 458 -8.67 -8.84 49.89
N ALA E 459 -9.39 -9.96 49.94
CA ALA E 459 -9.32 -10.93 48.84
C ALA E 459 -10.58 -11.79 48.82
N THR E 460 -11.08 -12.06 47.62
CA THR E 460 -12.28 -12.86 47.43
C THR E 460 -12.04 -13.92 46.34
N ASP E 461 -12.78 -15.02 46.45
CA ASP E 461 -12.76 -16.09 45.45
C ASP E 461 -13.85 -17.10 45.75
N GLN E 462 -14.17 -17.94 44.76
CA GLN E 462 -15.15 -19.02 44.91
C GLN E 462 -16.46 -18.48 45.47
N GLN E 463 -16.84 -17.28 45.03
CA GLN E 463 -18.10 -16.64 45.43
C GLN E 463 -18.21 -16.52 46.95
N THR E 464 -17.09 -16.26 47.61
CA THR E 464 -17.09 -16.06 49.05
C THR E 464 -15.91 -15.17 49.43
N SER E 465 -16.03 -14.49 50.56
CA SER E 465 -14.98 -13.63 51.07
C SER E 465 -13.91 -14.48 51.77
N ARG E 466 -12.71 -14.50 51.21
CA ARG E 466 -11.64 -15.34 51.75
C ARG E 466 -10.85 -14.59 52.82
N GLN E 467 -10.33 -13.41 52.47
CA GLN E 467 -9.63 -12.54 53.41
C GLN E 467 -10.49 -11.31 53.62
N ALA E 468 -11.11 -11.21 54.80
CA ALA E 468 -12.08 -10.15 55.07
C ALA E 468 -11.43 -8.78 54.99
N GLN E 469 -10.37 -8.55 55.77
CA GLN E 469 -9.65 -7.28 55.71
C GLN E 469 -8.45 -7.35 56.63
N ALA E 470 -7.35 -6.70 56.23
CA ALA E 470 -6.28 -6.40 57.19
C ALA E 470 -5.70 -5.04 56.86
N GLN E 471 -5.44 -4.23 57.90
CA GLN E 471 -4.94 -2.86 57.73
C GLN E 471 -3.42 -2.84 57.94
N LEU E 472 -2.69 -2.57 56.86
CA LEU E 472 -1.23 -2.59 56.84
C LEU E 472 -0.68 -1.21 57.13
N LEU E 473 0.27 -1.14 58.07
CA LEU E 473 1.00 0.08 58.40
C LEU E 473 2.35 0.05 57.70
N VAL E 474 2.50 0.87 56.67
CA VAL E 474 3.71 0.90 55.84
C VAL E 474 4.31 2.30 55.98
N THR E 475 5.56 2.36 56.44
CA THR E 475 6.28 3.61 56.61
C THR E 475 7.24 3.83 55.44
N VAL E 476 7.61 5.09 55.23
CA VAL E 476 8.50 5.49 54.14
C VAL E 476 9.72 6.25 54.63
N GLU E 477 9.77 6.66 55.90
CA GLU E 477 10.86 7.49 56.40
C GLU E 477 11.87 6.64 57.17
N LEU F 1 -29.03 65.55 -28.03
CA LEU F 1 -28.76 66.08 -26.71
C LEU F 1 -27.92 65.10 -25.88
N TYR F 2 -27.04 65.63 -25.04
CA TYR F 2 -26.26 64.80 -24.13
C TYR F 2 -25.94 65.62 -22.88
N PHE F 3 -25.85 64.93 -21.75
CA PHE F 3 -25.56 65.58 -20.48
C PHE F 3 -24.11 66.04 -20.44
N SER F 4 -23.88 67.14 -19.73
CA SER F 4 -22.52 67.65 -19.54
C SER F 4 -21.63 66.66 -18.80
N ARG F 5 -22.22 65.71 -18.08
CA ARG F 5 -21.48 64.62 -17.46
C ARG F 5 -22.49 63.51 -17.13
N ASP F 6 -21.96 62.34 -16.76
CA ASP F 6 -22.80 61.18 -16.45
C ASP F 6 -23.12 61.04 -14.96
N ALA F 7 -22.62 61.91 -14.09
CA ALA F 7 -22.89 61.77 -12.67
C ALA F 7 -22.70 63.11 -11.95
N TYR F 8 -23.64 63.44 -11.07
CA TYR F 8 -23.64 64.67 -10.28
C TYR F 8 -23.59 64.33 -8.80
N TRP F 9 -23.44 65.38 -7.98
CA TRP F 9 -23.38 65.18 -6.53
C TRP F 9 -23.62 66.51 -5.81
N GLU F 10 -24.03 66.38 -4.55
CA GLU F 10 -24.12 67.51 -3.63
C GLU F 10 -24.35 66.96 -2.23
N LYS F 11 -24.01 67.76 -1.23
CA LYS F 11 -24.10 67.34 0.17
C LYS F 11 -25.51 67.56 0.70
N LEU F 12 -26.14 66.50 1.20
CA LEU F 12 -27.42 66.57 1.88
C LEU F 12 -27.21 66.37 3.38
N TYR F 13 -28.14 66.90 4.17
CA TYR F 13 -28.04 66.91 5.63
C TYR F 13 -29.41 66.56 6.22
N VAL F 14 -29.41 66.35 7.54
CA VAL F 14 -30.64 65.99 8.25
C VAL F 14 -31.55 67.21 8.35
N ASP F 15 -32.83 67.01 8.05
CA ASP F 15 -33.88 68.01 8.29
C ASP F 15 -33.58 69.33 7.57
N GLN F 16 -33.21 69.23 6.30
CA GLN F 16 -33.03 70.42 5.49
C GLN F 16 -34.38 71.00 5.08
N ALA F 17 -34.40 72.32 4.88
CA ALA F 17 -35.63 73.00 4.54
C ALA F 17 -36.22 72.44 3.25
N ALA F 18 -37.53 72.25 3.23
CA ALA F 18 -38.20 71.80 2.01
C ALA F 18 -38.00 72.82 0.90
N GLY F 19 -37.80 72.31 -0.33
CA GLY F 19 -37.62 73.14 -1.50
C GLY F 19 -36.18 73.50 -1.81
N THR F 20 -35.24 73.17 -0.92
CA THR F 20 -33.83 73.52 -1.05
C THR F 20 -33.30 73.19 -2.44
N PRO F 21 -33.11 74.16 -3.34
CA PRO F 21 -32.47 73.83 -4.62
C PRO F 21 -31.09 73.22 -4.40
N LEU F 22 -30.85 72.07 -5.03
CA LEU F 22 -29.61 71.33 -4.82
C LEU F 22 -28.60 71.62 -5.93
N LEU F 23 -28.96 71.40 -7.18
CA LEU F 23 -27.98 71.53 -8.25
C LEU F 23 -28.67 71.63 -9.60
N TYR F 24 -27.88 71.93 -10.63
CA TYR F 24 -28.30 71.89 -12.02
C TYR F 24 -27.74 70.64 -12.70
N VAL F 25 -28.57 70.04 -13.56
CA VAL F 25 -28.11 69.04 -14.52
C VAL F 25 -28.29 69.61 -15.91
N HIS F 26 -27.20 69.55 -16.70
CA HIS F 26 -27.10 70.24 -17.98
C HIS F 26 -26.98 69.22 -19.10
N ALA F 27 -27.40 69.63 -20.30
CA ALA F 27 -27.25 68.80 -21.49
C ALA F 27 -27.08 69.71 -22.70
N LEU F 28 -26.13 69.36 -23.57
CA LEU F 28 -25.82 70.14 -24.75
C LEU F 28 -26.42 69.48 -25.99
N ARG F 29 -26.50 70.26 -27.06
CA ARG F 29 -27.19 69.86 -28.27
C ARG F 29 -26.24 69.20 -29.27
N ASP F 30 -26.84 68.40 -30.15
CA ASP F 30 -26.22 68.01 -31.42
C ASP F 30 -26.71 68.85 -32.58
N ALA F 31 -27.94 69.36 -32.50
CA ALA F 31 -28.53 70.26 -33.47
C ALA F 31 -29.14 71.44 -32.73
N PRO F 32 -29.04 72.67 -33.26
CA PRO F 32 -29.57 73.82 -32.50
C PRO F 32 -31.05 73.72 -32.15
N GLU F 33 -31.84 72.99 -32.93
CA GLU F 33 -33.28 72.89 -32.65
C GLU F 33 -33.59 71.99 -31.46
N GLU F 34 -32.61 71.30 -30.90
CA GLU F 34 -32.86 70.35 -29.82
C GLU F 34 -32.98 71.08 -28.49
N VAL F 35 -34.05 70.78 -27.75
CA VAL F 35 -34.31 71.35 -26.43
C VAL F 35 -34.56 70.16 -25.49
N PRO F 36 -33.90 70.08 -24.32
CA PRO F 36 -34.17 68.94 -23.43
C PRO F 36 -35.52 69.02 -22.75
N SER F 37 -36.00 67.85 -22.30
CA SER F 37 -37.22 67.71 -21.51
C SER F 37 -36.86 66.84 -20.30
N PHE F 38 -36.26 67.46 -19.29
CA PHE F 38 -35.65 66.70 -18.20
C PHE F 38 -36.70 66.00 -17.36
N ARG F 39 -36.36 64.82 -16.87
CA ARG F 39 -37.23 64.04 -15.99
C ARG F 39 -36.35 63.21 -15.06
N LEU F 40 -36.98 62.60 -14.06
CA LEU F 40 -36.28 61.80 -13.05
C LEU F 40 -36.85 60.40 -12.96
N GLY F 41 -36.08 59.51 -12.34
CA GLY F 41 -36.55 58.20 -11.96
C GLY F 41 -37.36 58.23 -10.68
N GLN F 42 -38.23 57.22 -10.54
CA GLN F 42 -39.21 57.19 -9.46
C GLN F 42 -38.67 56.68 -8.12
N HIS F 43 -37.40 56.27 -8.04
CA HIS F 43 -36.85 55.75 -6.80
C HIS F 43 -35.46 56.30 -6.54
N LEU F 44 -35.15 56.47 -5.26
CA LEU F 44 -33.82 56.80 -4.80
C LEU F 44 -33.03 55.53 -4.53
N TYR F 45 -31.79 55.51 -5.02
CA TYR F 45 -30.90 54.36 -4.96
C TYR F 45 -29.71 54.66 -4.06
N GLY F 46 -29.19 53.61 -3.42
CA GLY F 46 -28.10 53.72 -2.47
C GLY F 46 -26.88 52.94 -2.93
N THR F 47 -26.17 52.35 -1.95
CA THR F 47 -24.88 51.74 -2.21
C THR F 47 -25.02 50.58 -3.19
N TYR F 48 -24.14 50.59 -4.21
CA TYR F 48 -24.14 49.64 -5.35
C TYR F 48 -25.52 49.53 -6.02
N ARG F 49 -26.16 50.68 -6.23
CA ARG F 49 -27.44 50.74 -6.92
C ARG F 49 -28.53 49.99 -6.16
N THR F 50 -28.56 50.19 -4.85
CA THR F 50 -29.60 49.63 -4.00
C THR F 50 -30.85 50.48 -4.11
N ARG F 51 -31.96 49.87 -4.50
CA ARG F 51 -33.21 50.63 -4.60
C ARG F 51 -33.78 50.82 -3.20
N LEU F 52 -33.73 52.06 -2.71
CA LEU F 52 -34.09 52.35 -1.33
C LEU F 52 -35.55 52.77 -1.18
N HIS F 53 -36.01 53.77 -1.91
CA HIS F 53 -37.35 54.27 -1.62
C HIS F 53 -37.88 55.10 -2.78
N GLU F 54 -39.20 55.06 -2.96
CA GLU F 54 -39.88 55.91 -3.94
C GLU F 54 -39.42 57.36 -3.80
N ASN F 55 -39.03 57.96 -4.91
CA ASN F 55 -38.45 59.31 -4.92
C ASN F 55 -39.56 60.31 -4.65
N ASN F 56 -39.85 60.52 -3.36
CA ASN F 56 -40.84 61.49 -2.91
C ASN F 56 -40.20 62.75 -2.32
N TRP F 57 -38.88 62.92 -2.48
CA TRP F 57 -38.15 64.07 -1.93
C TRP F 57 -37.57 64.96 -3.01
N ILE F 58 -37.00 64.39 -4.08
CA ILE F 58 -36.22 65.13 -5.05
C ILE F 58 -37.04 65.25 -6.33
N CYS F 59 -37.12 66.47 -6.87
CA CYS F 59 -37.77 66.75 -8.13
C CYS F 59 -36.87 67.63 -8.98
N ILE F 60 -37.22 67.73 -10.26
CA ILE F 60 -36.40 68.40 -11.27
C ILE F 60 -37.26 69.36 -12.08
N GLN F 61 -36.69 70.52 -12.40
CA GLN F 61 -37.31 71.46 -13.33
C GLN F 61 -37.02 70.97 -14.74
N GLU F 62 -38.08 70.64 -15.48
CA GLU F 62 -37.90 69.96 -16.76
C GLU F 62 -37.13 70.81 -17.76
N ASP F 63 -37.16 72.14 -17.60
CA ASP F 63 -36.48 73.03 -18.53
C ASP F 63 -35.04 73.30 -18.12
N THR F 64 -34.81 73.71 -16.88
CA THR F 64 -33.50 74.14 -16.43
C THR F 64 -32.64 73.00 -15.90
N GLY F 65 -33.23 71.86 -15.57
CA GLY F 65 -32.51 70.77 -14.95
C GLY F 65 -32.19 70.98 -13.49
N LEU F 66 -32.89 71.89 -12.82
CA LEU F 66 -32.64 72.19 -11.43
C LEU F 66 -33.21 71.08 -10.55
N LEU F 67 -32.34 70.46 -9.75
CA LEU F 67 -32.74 69.47 -8.76
C LEU F 67 -32.92 70.15 -7.41
N TYR F 68 -34.03 69.84 -6.74
CA TYR F 68 -34.39 70.42 -5.45
C TYR F 68 -35.13 69.38 -4.63
N LEU F 69 -35.15 69.59 -3.30
CA LEU F 69 -35.88 68.75 -2.37
C LEU F 69 -37.32 69.25 -2.30
N ASN F 70 -38.22 68.62 -3.06
CA ASN F 70 -39.63 69.01 -3.01
C ASN F 70 -40.24 68.78 -1.63
N ARG F 71 -39.65 67.89 -0.84
CA ARG F 71 -40.07 67.67 0.54
C ARG F 71 -38.85 67.64 1.45
N SER F 72 -39.02 68.12 2.68
CA SER F 72 -37.93 68.14 3.63
C SER F 72 -37.47 66.72 3.94
N LEU F 73 -36.16 66.50 3.82
CA LEU F 73 -35.54 65.19 4.04
C LEU F 73 -35.08 65.14 5.49
N ASP F 74 -35.91 64.53 6.34
CA ASP F 74 -35.68 64.51 7.78
C ASP F 74 -34.83 63.30 8.18
N HIS F 75 -34.61 63.16 9.49
CA HIS F 75 -33.83 62.05 10.03
C HIS F 75 -34.53 60.72 9.78
N SER F 76 -35.81 60.63 10.10
CA SER F 76 -36.53 59.37 9.94
C SER F 76 -36.45 58.88 8.50
N SER F 77 -36.58 59.80 7.54
CA SER F 77 -36.45 59.43 6.14
C SER F 77 -35.07 58.85 5.87
N TRP F 78 -34.02 59.45 6.44
CA TRP F 78 -32.68 58.88 6.29
C TRP F 78 -32.61 57.49 6.90
N GLU F 79 -33.17 57.30 8.09
CA GLU F 79 -33.13 55.99 8.71
C GLU F 79 -33.88 54.95 7.88
N LYS F 80 -35.02 55.34 7.30
CA LYS F 80 -35.73 54.44 6.41
C LYS F 80 -34.88 54.07 5.19
N LEU F 81 -34.20 55.06 4.61
CA LEU F 81 -33.27 54.79 3.53
C LEU F 81 -32.08 53.96 3.99
N SER F 82 -31.68 54.12 5.26
CA SER F 82 -30.50 53.42 5.75
C SER F 82 -30.75 51.92 5.90
N VAL F 83 -31.86 51.54 6.55
CA VAL F 83 -32.12 50.13 6.81
C VAL F 83 -32.32 49.36 5.51
N ARG F 84 -32.73 50.02 4.44
CA ARG F 84 -32.89 49.39 3.14
C ARG F 84 -31.62 49.41 2.31
N ASN F 85 -30.48 49.82 2.88
CA ASN F 85 -29.22 49.93 2.15
C ASN F 85 -28.40 48.65 2.19
N ARG F 86 -29.04 47.49 2.42
CA ARG F 86 -28.38 46.19 2.35
C ARG F 86 -27.18 46.11 3.30
N GLY F 87 -27.31 46.72 4.48
CA GLY F 87 -26.28 46.65 5.49
C GLY F 87 -25.14 47.64 5.31
N PHE F 88 -25.08 48.37 4.20
CA PHE F 88 -24.01 49.33 3.99
C PHE F 88 -24.32 50.65 4.70
N PRO F 89 -23.31 51.36 5.19
CA PRO F 89 -23.55 52.72 5.69
C PRO F 89 -24.08 53.62 4.58
N LEU F 90 -25.17 54.32 4.88
CA LEU F 90 -25.83 55.17 3.88
C LEU F 90 -25.12 56.51 3.82
N LEU F 91 -24.13 56.61 2.93
CA LEU F 91 -23.38 57.84 2.73
C LEU F 91 -23.74 58.56 1.44
N THR F 92 -24.16 57.84 0.40
CA THR F 92 -24.54 58.44 -0.86
C THR F 92 -25.76 57.75 -1.44
N VAL F 93 -26.69 58.55 -1.94
CA VAL F 93 -27.88 58.07 -2.65
C VAL F 93 -27.86 58.79 -4.00
N TYR F 94 -28.58 58.25 -4.98
CA TYR F 94 -28.64 58.92 -6.26
C TYR F 94 -29.99 58.72 -6.91
N LEU F 95 -30.25 59.52 -7.95
CA LEU F 95 -31.43 59.31 -8.79
C LEU F 95 -31.07 59.49 -10.26
N LYS F 96 -31.87 58.85 -11.11
CA LYS F 96 -31.67 58.88 -12.56
C LYS F 96 -32.35 60.12 -13.14
N VAL F 97 -31.64 60.81 -14.03
CA VAL F 97 -32.17 61.99 -14.72
C VAL F 97 -32.02 61.73 -16.21
N PHE F 98 -33.11 61.90 -16.96
CA PHE F 98 -33.19 61.60 -18.38
C PHE F 98 -33.51 62.87 -19.19
N LEU F 99 -33.31 62.76 -20.50
CA LEU F 99 -33.54 63.87 -21.44
C LEU F 99 -34.95 63.86 -22.03
N SER F 100 -35.64 62.74 -22.01
CA SER F 100 -36.96 62.63 -22.63
C SER F 100 -37.69 61.45 -21.99
N PRO F 101 -39.02 61.39 -22.13
CA PRO F 101 -39.74 60.20 -21.65
C PRO F 101 -39.35 58.96 -22.43
N THR F 102 -39.39 57.82 -21.72
CA THR F 102 -39.01 56.53 -22.28
C THR F 102 -40.15 55.54 -22.11
N GLU F 106 -37.80 53.24 -16.57
CA GLU F 106 -38.28 53.16 -17.94
C GLU F 106 -37.19 52.63 -18.87
N GLY F 107 -35.94 52.90 -18.52
CA GLY F 107 -34.82 52.47 -19.33
C GLY F 107 -33.52 52.60 -18.58
N GLU F 108 -32.48 51.97 -19.13
CA GLU F 108 -31.16 52.02 -18.52
C GLU F 108 -30.64 53.45 -18.54
N CYS F 109 -30.17 53.91 -17.37
CA CYS F 109 -29.63 55.26 -17.23
C CYS F 109 -28.22 55.27 -17.82
N GLN F 110 -28.16 55.32 -19.15
CA GLN F 110 -26.93 55.19 -19.90
C GLN F 110 -26.61 56.54 -20.54
N TRP F 111 -25.59 57.25 -20.07
CA TRP F 111 -25.27 58.56 -20.65
C TRP F 111 -24.81 58.26 -22.06
N PRO F 112 -24.97 59.14 -23.05
CA PRO F 112 -25.49 60.51 -23.09
C PRO F 112 -26.97 60.71 -22.74
N GLY F 113 -27.77 59.64 -22.82
CA GLY F 113 -29.18 59.74 -22.52
C GLY F 113 -29.57 59.78 -21.06
N CYS F 114 -28.63 59.85 -20.12
CA CYS F 114 -28.99 59.86 -18.70
C CYS F 114 -27.79 60.24 -17.84
N ALA F 115 -28.09 60.60 -16.60
CA ALA F 115 -27.07 60.81 -15.58
C ALA F 115 -27.61 60.42 -14.21
N ARG F 116 -26.71 59.91 -13.38
CA ARG F 116 -27.03 59.51 -12.02
C ARG F 116 -26.50 60.57 -11.06
N VAL F 117 -27.41 61.24 -10.37
CA VAL F 117 -27.10 62.36 -9.48
C VAL F 117 -26.87 61.76 -8.09
N TYR F 118 -25.58 61.63 -7.71
CA TYR F 118 -25.15 60.97 -6.47
C TYR F 118 -25.09 61.95 -5.31
N PHE F 119 -26.16 62.04 -4.53
CA PHE F 119 -26.20 62.94 -3.37
C PHE F 119 -25.59 62.26 -2.15
N SER F 120 -24.60 62.91 -1.54
CA SER F 120 -24.00 62.47 -0.29
C SER F 120 -24.84 62.95 0.90
N PHE F 121 -24.57 62.39 2.08
CA PHE F 121 -25.39 62.70 3.25
C PHE F 121 -24.62 62.52 4.55
N PHE F 122 -24.85 63.44 5.49
CA PHE F 122 -24.23 63.45 6.81
C PHE F 122 -25.34 63.36 7.86
N ASN F 123 -25.11 62.56 8.90
CA ASN F 123 -26.10 62.37 9.97
C ASN F 123 -26.09 63.59 10.91
N THR F 124 -26.35 64.75 10.33
CA THR F 124 -26.35 66.00 11.08
C THR F 124 -27.08 67.07 10.27
N SER F 125 -27.40 68.16 10.95
CA SER F 125 -28.04 69.31 10.31
C SER F 125 -27.02 70.09 9.49
N PHE F 126 -27.51 71.05 8.71
CA PHE F 126 -26.61 71.85 7.88
C PHE F 126 -25.62 72.60 8.75
N PRO F 127 -24.32 72.62 8.42
CA PRO F 127 -23.36 73.34 9.27
C PRO F 127 -23.57 74.84 9.19
N ALA F 128 -23.10 75.53 10.23
CA ALA F 128 -23.17 76.98 10.25
C ALA F 128 -22.41 77.57 9.07
N CYS F 129 -23.06 78.54 8.41
CA CYS F 129 -22.45 79.16 7.22
C CYS F 129 -21.11 79.81 7.56
N SER F 130 -21.01 80.40 8.75
CA SER F 130 -19.78 81.06 9.15
C SER F 130 -18.61 80.09 9.28
N SER F 131 -18.88 78.80 9.41
CA SER F 131 -17.84 77.79 9.51
C SER F 131 -17.38 77.26 8.16
N LEU F 132 -18.01 77.67 7.07
CA LEU F 132 -17.72 77.09 5.76
C LEU F 132 -16.51 77.79 5.13
N LYS F 133 -15.69 77.00 4.43
CA LYS F 133 -14.54 77.52 3.72
C LYS F 133 -14.90 77.82 2.27
N PRO F 134 -14.13 78.68 1.59
CA PRO F 134 -14.44 78.95 0.17
C PRO F 134 -14.45 77.71 -0.71
N ARG F 135 -13.71 76.66 -0.35
CA ARG F 135 -13.72 75.45 -1.17
C ARG F 135 -15.12 74.87 -1.25
N GLU F 136 -15.75 74.64 -0.11
CA GLU F 136 -17.11 74.09 -0.09
C GLU F 136 -18.17 75.13 -0.43
N LEU F 137 -17.85 76.42 -0.31
CA LEU F 137 -18.78 77.48 -0.72
C LEU F 137 -18.79 77.68 -2.24
N CYS F 138 -17.68 77.39 -2.92
CA CYS F 138 -17.54 77.74 -4.33
C CYS F 138 -17.82 76.55 -5.25
N PHE F 139 -17.12 75.44 -5.03
CA PHE F 139 -16.96 74.38 -6.00
C PHE F 139 -17.54 73.08 -5.45
N PRO F 140 -17.90 72.13 -6.32
CA PRO F 140 -18.52 70.89 -5.82
C PRO F 140 -17.62 70.13 -4.87
N GLU F 141 -18.24 69.29 -4.04
CA GLU F 141 -17.51 68.48 -3.09
C GLU F 141 -16.30 67.82 -3.73
N THR F 142 -16.54 66.95 -4.70
CA THR F 142 -15.46 66.32 -5.46
C THR F 142 -15.15 67.16 -6.70
N ARG F 143 -14.03 66.84 -7.33
CA ARG F 143 -13.60 67.63 -8.49
C ARG F 143 -14.62 67.46 -9.63
N PRO F 144 -14.99 68.55 -10.32
CA PRO F 144 -15.88 68.39 -11.47
C PRO F 144 -15.18 67.72 -12.65
N SER F 145 -15.96 66.97 -13.40
CA SER F 145 -15.54 66.40 -14.68
C SER F 145 -16.65 66.59 -15.70
N PHE F 146 -16.30 67.17 -16.85
CA PHE F 146 -17.24 67.50 -17.91
C PHE F 146 -17.01 66.58 -19.11
N ARG F 147 -18.06 66.47 -19.93
CA ARG F 147 -18.03 65.64 -21.13
C ARG F 147 -18.60 66.44 -22.30
N ILE F 148 -17.78 66.64 -23.34
CA ILE F 148 -18.12 67.48 -24.48
C ILE F 148 -17.84 66.72 -25.78
N ARG F 149 -18.70 66.91 -26.79
CA ARG F 149 -18.60 66.26 -28.09
C ARG F 149 -18.25 67.27 -29.18
N GLU F 150 -17.75 66.75 -30.30
CA GLU F 150 -17.22 67.54 -31.40
C GLU F 150 -18.26 67.76 -32.49
N ASN F 151 -18.16 68.91 -33.16
CA ASN F 151 -19.14 69.34 -34.17
C ASN F 151 -20.54 69.44 -33.57
N ARG F 152 -20.62 69.92 -32.32
CA ARG F 152 -21.86 70.11 -31.59
C ARG F 152 -22.04 71.59 -31.31
N PRO F 153 -23.25 72.15 -31.43
CA PRO F 153 -23.40 73.58 -31.18
C PRO F 153 -22.98 73.93 -29.76
N PRO F 154 -22.43 75.13 -29.53
CA PRO F 154 -22.10 75.54 -28.17
C PRO F 154 -23.33 75.89 -27.34
N GLY F 155 -23.11 76.04 -26.05
CA GLY F 155 -24.15 76.49 -25.13
C GLY F 155 -23.70 76.36 -23.70
N THR F 156 -24.57 76.83 -22.80
CA THR F 156 -24.31 76.73 -21.37
C THR F 156 -24.27 75.27 -20.95
N PHE F 157 -23.25 74.91 -20.16
CA PHE F 157 -23.11 73.51 -19.72
C PHE F 157 -22.95 73.33 -18.22
N HIS F 158 -22.88 74.39 -17.43
CA HIS F 158 -22.66 74.29 -16.01
C HIS F 158 -22.88 75.66 -15.39
N GLN F 159 -23.33 75.69 -14.15
CA GLN F 159 -23.30 76.89 -13.33
C GLN F 159 -22.46 76.62 -12.10
N PHE F 160 -21.46 77.46 -11.88
CA PHE F 160 -20.49 77.23 -10.82
C PHE F 160 -21.13 77.31 -9.44
N ARG F 161 -22.01 78.28 -9.22
CA ARG F 161 -22.52 78.55 -7.87
C ARG F 161 -23.32 77.36 -7.35
N LEU F 162 -22.99 76.94 -6.12
CA LEU F 162 -23.68 75.84 -5.46
C LEU F 162 -25.01 76.37 -4.91
N LEU F 163 -26.10 75.74 -5.33
CA LEU F 163 -27.42 76.20 -4.90
C LEU F 163 -27.69 76.09 -3.41
N PRO F 164 -27.31 75.01 -2.70
CA PRO F 164 -27.53 75.03 -1.24
C PRO F 164 -26.75 76.13 -0.53
N VAL F 165 -25.68 76.64 -1.14
CA VAL F 165 -24.97 77.78 -0.57
C VAL F 165 -25.74 79.07 -0.80
N GLN F 166 -26.23 79.28 -2.03
CA GLN F 166 -27.09 80.44 -2.30
C GLN F 166 -28.40 80.35 -1.52
N PHE F 167 -28.92 79.14 -1.33
CA PHE F 167 -30.20 78.99 -0.65
C PHE F 167 -30.05 79.14 0.85
N LEU F 168 -29.09 78.42 1.45
CA LEU F 168 -28.89 78.43 2.90
C LEU F 168 -27.88 79.48 3.36
N CYS F 169 -26.96 79.89 2.49
CA CYS F 169 -25.94 80.89 2.85
C CYS F 169 -25.98 82.09 1.91
N PRO F 170 -27.15 82.65 1.61
CA PRO F 170 -27.18 83.81 0.70
C PRO F 170 -26.41 85.01 1.21
N ASN F 171 -26.14 85.09 2.51
CA ASN F 171 -25.35 86.19 3.06
C ASN F 171 -23.89 86.16 2.61
N ILE F 172 -23.40 85.02 2.12
CA ILE F 172 -22.00 84.88 1.69
C ILE F 172 -21.96 85.10 0.19
N SER F 173 -21.25 86.14 -0.24
CA SER F 173 -21.12 86.45 -1.66
C SER F 173 -20.00 85.63 -2.28
N VAL F 174 -20.29 84.99 -3.41
CA VAL F 174 -19.34 84.20 -4.16
C VAL F 174 -19.48 84.54 -5.64
N ALA F 175 -18.34 84.68 -6.32
CA ALA F 175 -18.34 84.93 -7.77
C ALA F 175 -17.19 84.16 -8.40
N TYR F 176 -17.32 83.82 -9.69
CA TYR F 176 -16.45 82.86 -10.35
C TYR F 176 -15.82 83.45 -11.60
N ARG F 177 -14.73 82.84 -12.05
CA ARG F 177 -14.23 83.04 -13.41
C ARG F 177 -13.24 81.94 -13.77
N LEU F 178 -12.87 81.91 -15.06
CA LEU F 178 -11.87 81.01 -15.62
C LEU F 178 -10.54 81.73 -15.79
N LEU F 179 -9.45 81.01 -15.52
CA LEU F 179 -8.10 81.48 -15.80
C LEU F 179 -7.43 80.56 -16.81
N GLU F 180 -6.63 81.17 -17.68
CA GLU F 180 -5.93 80.49 -18.78
C GLU F 180 -6.93 79.85 -19.75
N GLY F 181 -8.04 80.53 -19.99
CA GLY F 181 -9.06 80.11 -20.92
C GLY F 181 -9.07 80.82 -22.25
N GLU F 182 -8.22 81.83 -22.44
CA GLU F 182 -8.09 82.66 -23.64
C GLU F 182 -7.76 81.80 -24.84
N GLY F 183 -8.43 82.06 -25.96
CA GLY F 183 -8.24 81.29 -27.17
C GLY F 183 -8.98 79.98 -27.22
N LEU F 184 -9.72 79.62 -26.16
CA LEU F 184 -10.47 78.39 -26.05
C LEU F 184 -11.97 78.68 -26.14
N PRO F 185 -12.81 77.67 -26.44
CA PRO F 185 -14.26 77.93 -26.50
C PRO F 185 -14.92 78.20 -25.16
N PHE F 186 -14.22 77.98 -24.05
CA PHE F 186 -14.79 78.14 -22.72
C PHE F 186 -14.63 79.56 -22.23
N ARG F 187 -15.73 80.10 -21.68
CA ARG F 187 -15.76 81.45 -21.15
C ARG F 187 -16.56 81.47 -19.86
N CYS F 188 -16.14 82.34 -18.95
CA CYS F 188 -16.92 82.65 -17.76
C CYS F 188 -16.66 84.13 -17.47
N ALA F 189 -17.72 84.94 -17.60
CA ALA F 189 -17.57 86.39 -17.47
C ALA F 189 -17.02 86.73 -16.09
N PRO F 190 -16.22 87.80 -15.97
CA PRO F 190 -15.72 88.20 -14.65
C PRO F 190 -16.83 88.36 -13.63
N ASP F 191 -16.60 87.79 -12.45
CA ASP F 191 -17.57 87.78 -11.35
C ASP F 191 -18.93 87.25 -11.83
N SER F 192 -18.88 86.10 -12.50
CA SER F 192 -20.08 85.42 -13.00
C SER F 192 -20.34 84.17 -12.17
N LEU F 193 -21.58 83.69 -12.23
CA LEU F 193 -21.96 82.44 -11.60
C LEU F 193 -22.05 81.26 -12.57
N GLU F 194 -21.99 81.51 -13.88
CA GLU F 194 -22.23 80.50 -14.89
C GLU F 194 -21.02 80.36 -15.81
N VAL F 195 -20.97 79.23 -16.53
CA VAL F 195 -19.93 78.97 -17.52
C VAL F 195 -20.55 78.31 -18.75
N SER F 196 -20.06 78.72 -19.92
CA SER F 196 -20.57 78.24 -21.19
C SER F 196 -19.47 78.24 -22.23
N THR F 197 -19.72 77.57 -23.34
CA THR F 197 -18.85 77.59 -24.51
C THR F 197 -19.30 78.68 -25.47
N ARG F 198 -18.44 78.97 -26.45
CA ARG F 198 -18.73 79.97 -27.48
C ARG F 198 -18.71 79.42 -28.90
N TRP F 199 -17.93 78.36 -29.17
CA TRP F 199 -17.87 77.79 -30.51
C TRP F 199 -17.96 76.28 -30.42
N ALA F 200 -18.45 75.69 -31.51
CA ALA F 200 -18.49 74.23 -31.63
C ALA F 200 -17.09 73.65 -31.54
N LEU F 201 -16.95 72.60 -30.74
CA LEU F 201 -15.68 71.89 -30.61
C LEU F 201 -15.44 70.98 -31.80
N ASP F 202 -14.17 70.83 -32.17
CA ASP F 202 -13.75 69.80 -33.10
C ASP F 202 -12.38 69.28 -32.70
N ARG F 203 -11.97 68.19 -33.35
CA ARG F 203 -10.71 67.54 -33.01
C ARG F 203 -9.50 68.37 -33.39
N GLU F 204 -9.64 69.28 -34.37
CA GLU F 204 -8.54 70.16 -34.74
C GLU F 204 -8.16 71.14 -33.63
N GLN F 205 -9.04 71.36 -32.65
CA GLN F 205 -8.73 72.24 -31.53
C GLN F 205 -8.01 71.50 -30.41
N ARG F 206 -8.64 70.48 -29.84
CA ARG F 206 -8.08 69.76 -28.70
C ARG F 206 -8.61 68.33 -28.68
N GLU F 207 -7.89 67.47 -27.95
CA GLU F 207 -8.38 66.16 -27.53
C GLU F 207 -8.75 66.12 -26.05
N LYS F 208 -8.53 67.20 -25.31
CA LYS F 208 -8.91 67.30 -23.90
C LYS F 208 -8.73 68.76 -23.49
N TYR F 209 -9.46 69.18 -22.46
CA TYR F 209 -9.25 70.49 -21.85
C TYR F 209 -8.94 70.31 -20.36
N GLU F 210 -8.10 71.19 -19.82
CA GLU F 210 -7.94 71.37 -18.37
C GLU F 210 -7.66 72.85 -18.09
N LEU F 211 -8.69 73.57 -17.69
CA LEU F 211 -8.60 75.00 -17.36
C LEU F 211 -8.51 75.15 -15.84
N VAL F 212 -8.37 76.39 -15.38
CA VAL F 212 -8.34 76.71 -13.94
C VAL F 212 -9.59 77.50 -13.60
N ALA F 213 -10.43 76.96 -12.72
CA ALA F 213 -11.63 77.66 -12.25
C ALA F 213 -11.31 78.31 -10.91
N VAL F 214 -11.68 79.59 -10.74
CA VAL F 214 -11.34 80.34 -9.54
C VAL F 214 -12.54 81.14 -9.07
N CYS F 215 -12.63 81.33 -7.75
CA CYS F 215 -13.69 82.12 -7.13
C CYS F 215 -13.12 82.98 -6.01
N THR F 216 -13.90 83.98 -5.62
CA THR F 216 -13.64 84.81 -4.45
C THR F 216 -14.90 84.81 -3.59
N VAL F 217 -14.68 84.74 -2.28
CA VAL F 217 -15.77 84.75 -1.29
C VAL F 217 -15.57 85.96 -0.40
N HIS F 218 -16.68 86.61 -0.04
CA HIS F 218 -16.65 87.80 0.81
C HIS F 218 -15.94 88.95 0.11
N ARG F 222 -11.16 89.77 4.73
CA ARG F 222 -12.29 88.85 4.65
C ARG F 222 -12.25 88.00 3.37
N GLU F 223 -11.80 88.59 2.27
CA GLU F 223 -11.80 87.92 0.98
C GLU F 223 -10.85 86.73 0.97
N GLU F 224 -11.30 85.63 0.37
CA GLU F 224 -10.48 84.45 0.15
C GLU F 224 -10.67 83.96 -1.27
N VAL F 225 -9.55 83.60 -1.91
CA VAL F 225 -9.52 83.15 -3.29
C VAL F 225 -9.13 81.67 -3.27
N VAL F 226 -9.89 80.85 -3.99
CA VAL F 226 -9.58 79.43 -4.14
C VAL F 226 -9.87 79.05 -5.59
N MET F 227 -9.05 78.13 -6.12
CA MET F 227 -9.17 77.66 -7.50
C MET F 227 -9.03 76.14 -7.57
N VAL F 228 -9.68 75.55 -8.55
CA VAL F 228 -9.67 74.10 -8.75
C VAL F 228 -9.43 73.80 -10.22
N PRO F 229 -8.95 72.60 -10.53
CA PRO F 229 -8.83 72.21 -11.94
C PRO F 229 -10.19 72.10 -12.59
N PHE F 230 -10.23 72.35 -13.90
CA PHE F 230 -11.46 72.41 -14.67
C PHE F 230 -11.32 71.48 -15.87
N PRO F 231 -11.19 70.17 -15.64
CA PRO F 231 -11.00 69.23 -16.74
C PRO F 231 -12.29 68.91 -17.47
N VAL F 232 -12.16 68.71 -18.79
CA VAL F 232 -13.28 68.40 -19.67
C VAL F 232 -12.85 67.26 -20.59
N THR F 233 -13.67 66.20 -20.63
CA THR F 233 -13.45 65.06 -21.49
C THR F 233 -13.97 65.36 -22.88
N VAL F 234 -13.09 65.27 -23.87
CA VAL F 234 -13.47 65.51 -25.27
C VAL F 234 -13.75 64.16 -25.94
N TYR F 235 -14.85 64.10 -26.68
CA TYR F 235 -15.20 62.94 -27.50
C TYR F 235 -14.93 63.24 -28.97
N ASP F 236 -14.96 62.17 -29.77
CA ASP F 236 -14.56 62.21 -31.16
C ASP F 236 -15.76 62.45 -32.07
N GLU F 237 -15.59 63.38 -33.02
CA GLU F 237 -16.63 63.60 -34.01
C GLU F 237 -16.91 62.31 -34.76
N ASP F 238 -18.21 62.03 -34.98
CA ASP F 238 -18.63 60.85 -35.74
C ASP F 238 -19.43 61.35 -36.94
N ASP F 239 -18.70 61.71 -37.99
CA ASP F 239 -19.27 62.08 -39.28
C ASP F 239 -18.60 61.37 -40.44
N SER F 240 -17.28 61.15 -40.37
CA SER F 240 -16.53 60.53 -41.45
C SER F 240 -15.22 60.02 -40.86
N ALA F 241 -14.49 59.24 -41.67
CA ALA F 241 -13.20 58.70 -41.28
C ALA F 241 -12.07 59.46 -41.96
N PRO F 242 -11.49 60.49 -41.33
CA PRO F 242 -10.37 61.18 -41.96
C PRO F 242 -9.18 60.25 -42.15
N THR F 243 -8.93 59.77 -43.37
CA THR F 243 -7.82 58.81 -43.54
C THR F 243 -7.30 58.72 -44.97
N PHE F 244 -6.08 58.22 -45.18
CA PHE F 244 -5.08 57.90 -44.14
C PHE F 244 -3.85 58.72 -44.53
N PRO F 245 -2.97 59.06 -43.58
CA PRO F 245 -1.69 59.66 -43.96
C PRO F 245 -0.80 58.73 -44.77
N ALA F 246 -1.02 57.42 -44.67
CA ALA F 246 -0.25 56.43 -45.41
C ALA F 246 -0.88 56.18 -46.78
N GLY F 247 -0.02 55.97 -47.79
CA GLY F 247 -0.49 55.59 -49.11
C GLY F 247 -0.52 54.08 -49.28
N VAL F 248 -0.52 53.64 -50.55
CA VAL F 248 -0.62 52.23 -50.91
C VAL F 248 0.67 51.82 -51.62
N ASP F 249 1.11 50.60 -51.34
CA ASP F 249 2.28 50.04 -51.99
C ASP F 249 2.00 48.55 -52.19
N THR F 250 1.71 48.16 -53.43
CA THR F 250 1.32 46.79 -53.72
C THR F 250 2.51 45.86 -53.84
N ALA F 251 3.74 46.39 -53.85
CA ALA F 251 4.92 45.57 -54.06
C ALA F 251 5.08 44.55 -52.94
N SER F 252 5.46 43.34 -53.31
CA SER F 252 5.78 42.28 -52.37
C SER F 252 6.49 41.17 -53.14
N ALA F 253 6.81 40.08 -52.45
CA ALA F 253 7.39 38.92 -53.11
C ALA F 253 7.22 37.70 -52.21
N VAL F 254 6.97 36.55 -52.83
CA VAL F 254 6.88 35.27 -52.14
C VAL F 254 7.74 34.27 -52.91
N VAL F 255 8.52 33.48 -52.17
CA VAL F 255 9.37 32.46 -52.77
C VAL F 255 8.64 31.11 -52.66
N GLU F 256 8.54 30.41 -53.80
CA GLU F 256 7.92 29.09 -53.79
C GLU F 256 8.74 28.12 -52.94
N PHE F 257 8.04 27.25 -52.22
CA PHE F 257 8.63 26.24 -51.35
C PHE F 257 9.37 26.86 -50.17
N LYS F 258 9.11 28.14 -49.91
CA LYS F 258 9.57 28.84 -48.71
C LYS F 258 8.41 28.99 -47.74
N ARG F 259 8.08 27.89 -47.08
CA ARG F 259 6.95 27.86 -46.16
C ARG F 259 7.40 28.45 -44.83
N LYS F 260 6.51 29.17 -44.17
CA LYS F 260 6.71 29.65 -42.81
C LYS F 260 5.52 29.20 -41.97
N GLU F 261 5.69 29.18 -40.65
CA GLU F 261 4.53 28.99 -39.78
C GLU F 261 3.63 30.23 -39.76
N ASP F 262 4.19 31.40 -40.07
CA ASP F 262 3.44 32.65 -40.08
C ASP F 262 4.03 33.56 -41.16
N THR F 263 3.51 33.44 -42.39
CA THR F 263 3.93 34.14 -43.59
C THR F 263 3.32 35.53 -43.60
N VAL F 264 4.09 36.54 -44.00
CA VAL F 264 3.64 37.92 -44.08
C VAL F 264 4.00 38.45 -45.46
N VAL F 265 3.03 39.10 -46.11
CA VAL F 265 3.29 39.77 -47.38
C VAL F 265 3.67 41.23 -47.17
N ALA F 266 2.84 42.00 -46.46
CA ALA F 266 3.16 43.41 -46.25
C ALA F 266 2.28 43.96 -45.14
N THR F 267 2.79 45.04 -44.54
CA THR F 267 2.07 45.81 -43.53
C THR F 267 2.12 47.28 -43.94
N LEU F 268 0.95 47.88 -44.13
CA LEU F 268 0.81 49.31 -44.38
C LEU F 268 0.12 49.91 -43.15
N ARG F 269 0.92 50.44 -42.23
CA ARG F 269 0.39 51.06 -41.02
C ARG F 269 -0.50 52.25 -41.34
N VAL F 270 -1.65 52.30 -40.66
CA VAL F 270 -2.71 53.27 -40.93
C VAL F 270 -3.02 54.03 -39.65
N PHE F 271 -3.57 55.23 -39.83
CA PHE F 271 -4.06 56.03 -38.71
C PHE F 271 -5.16 56.95 -39.23
N ASP F 272 -6.23 57.09 -38.46
CA ASP F 272 -7.32 57.98 -38.82
C ASP F 272 -7.78 58.69 -37.55
N ALA F 273 -8.49 59.80 -37.75
CA ALA F 273 -9.00 60.58 -36.63
C ALA F 273 -10.35 60.11 -36.13
N ASP F 274 -10.93 59.05 -36.72
CA ASP F 274 -12.29 58.63 -36.38
C ASP F 274 -12.32 57.44 -35.43
N VAL F 275 -11.78 56.29 -35.85
CA VAL F 275 -11.97 55.05 -35.10
C VAL F 275 -10.69 54.59 -34.39
N VAL F 276 -9.55 55.20 -34.71
CA VAL F 276 -8.31 54.87 -34.00
C VAL F 276 -8.28 55.46 -32.59
N PRO F 277 -8.76 56.71 -32.32
CA PRO F 277 -8.68 57.26 -30.96
C PRO F 277 -9.21 56.35 -29.86
N ALA F 278 -10.28 55.59 -30.12
CA ALA F 278 -10.84 54.65 -29.17
C ALA F 278 -10.90 53.26 -29.78
N SER F 279 -10.61 52.25 -28.95
CA SER F 279 -10.61 50.87 -29.44
C SER F 279 -12.03 50.43 -29.80
N GLY F 280 -13.01 50.82 -28.99
CA GLY F 280 -14.38 50.40 -29.23
C GLY F 280 -14.95 50.85 -30.56
N GLU F 281 -14.50 52.00 -31.07
CA GLU F 281 -15.08 52.55 -32.28
C GLU F 281 -14.87 51.60 -33.47
N LEU F 282 -13.73 50.92 -33.52
CA LEU F 282 -13.42 49.98 -34.59
C LEU F 282 -13.88 48.56 -34.28
N VAL F 283 -13.73 48.11 -33.04
CA VAL F 283 -14.09 46.78 -32.55
C VAL F 283 -15.58 46.53 -32.71
N ARG F 284 -16.40 47.53 -32.37
CA ARG F 284 -17.85 47.40 -32.52
C ARG F 284 -18.24 47.22 -33.99
N ARG F 285 -17.51 47.86 -34.90
CA ARG F 285 -17.80 47.77 -36.32
C ARG F 285 -16.54 48.04 -37.14
N TYR F 286 -16.25 47.17 -38.08
CA TYR F 286 -15.03 47.23 -38.88
C TYR F 286 -15.25 46.44 -40.16
N THR F 287 -14.39 46.66 -41.17
CA THR F 287 -14.51 45.96 -42.43
C THR F 287 -13.13 45.64 -42.98
N SER F 288 -13.09 44.67 -43.89
CA SER F 288 -11.85 44.27 -44.56
C SER F 288 -12.20 43.64 -45.91
N THR F 289 -11.19 43.21 -46.66
CA THR F 289 -11.35 42.74 -48.02
C THR F 289 -12.42 41.63 -48.08
N LEU F 290 -13.30 41.73 -49.07
CA LEU F 290 -14.37 40.74 -49.22
C LEU F 290 -14.03 39.73 -50.30
N LEU F 291 -13.75 40.19 -51.52
CA LEU F 291 -13.38 39.33 -52.63
C LEU F 291 -12.26 39.98 -53.44
N PRO F 292 -11.50 39.19 -54.22
CA PRO F 292 -11.56 37.73 -54.41
C PRO F 292 -11.29 37.00 -53.10
N GLY F 293 -11.91 35.83 -52.93
CA GLY F 293 -11.69 35.02 -51.74
C GLY F 293 -11.07 33.66 -52.00
N ASP F 294 -11.67 32.90 -52.90
CA ASP F 294 -11.46 31.47 -53.14
C ASP F 294 -10.00 31.08 -53.16
N THR F 295 -9.15 31.84 -53.88
CA THR F 295 -7.83 31.32 -54.24
C THR F 295 -6.85 31.40 -53.08
N TRP F 296 -6.64 32.61 -52.53
CA TRP F 296 -5.64 33.06 -51.55
C TRP F 296 -6.28 33.49 -50.24
N ALA F 297 -7.26 34.40 -50.31
CA ALA F 297 -7.83 34.96 -49.09
C ALA F 297 -8.62 33.92 -48.30
N GLN F 298 -9.22 32.94 -48.98
CA GLN F 298 -9.99 31.92 -48.29
C GLN F 298 -9.08 30.81 -47.76
N GLN F 299 -8.06 30.45 -48.53
CA GLN F 299 -7.20 29.31 -48.19
C GLN F 299 -6.04 29.62 -47.24
N THR F 300 -5.32 30.74 -47.44
CA THR F 300 -4.09 30.97 -46.70
C THR F 300 -4.07 32.27 -45.89
N PHE F 301 -4.13 33.42 -46.57
CA PHE F 301 -3.87 34.78 -46.11
C PHE F 301 -5.12 35.46 -45.56
N ARG F 302 -4.91 36.28 -44.54
CA ARG F 302 -5.93 37.16 -43.97
C ARG F 302 -5.37 38.56 -43.80
N VAL F 303 -6.27 39.51 -43.51
CA VAL F 303 -5.91 40.92 -43.34
C VAL F 303 -6.12 41.29 -41.88
N GLU F 304 -5.07 41.84 -41.26
CA GLU F 304 -5.15 42.33 -39.88
C GLU F 304 -5.35 43.84 -39.93
N HIS F 305 -6.62 44.24 -39.95
CA HIS F 305 -6.97 45.66 -39.95
C HIS F 305 -7.22 46.21 -38.56
N TRP F 306 -7.67 45.37 -37.62
CA TRP F 306 -8.02 45.86 -36.29
C TRP F 306 -6.85 46.47 -35.50
N PRO F 307 -5.58 46.07 -35.68
CA PRO F 307 -4.51 46.76 -34.96
C PRO F 307 -4.02 48.03 -35.64
N ASN F 308 -4.70 48.51 -36.68
CA ASN F 308 -4.24 49.65 -37.49
C ASN F 308 -2.87 49.36 -38.10
N GLU F 309 -2.69 48.13 -38.59
CA GLU F 309 -1.47 47.71 -39.28
C GLU F 309 -1.69 47.39 -40.75
N THR F 310 -2.83 46.82 -41.10
CA THR F 310 -3.11 46.36 -42.46
C THR F 310 -2.05 45.35 -42.89
N SER F 311 -1.85 44.36 -42.03
CA SER F 311 -0.86 43.31 -42.27
C SER F 311 -1.57 42.12 -42.91
N VAL F 312 -1.03 41.63 -44.02
CA VAL F 312 -1.54 40.44 -44.67
C VAL F 312 -0.61 39.30 -44.34
N GLN F 313 -1.16 38.22 -43.75
CA GLN F 313 -0.34 37.13 -43.25
C GLN F 313 -1.09 35.80 -43.35
N ALA F 314 -0.32 34.71 -43.29
CA ALA F 314 -0.83 33.37 -43.50
C ALA F 314 -0.17 32.33 -42.61
N ASN F 315 -0.96 31.33 -42.20
CA ASN F 315 -0.46 30.22 -41.40
C ASN F 315 -0.46 28.90 -42.15
N GLY F 316 -1.26 28.78 -43.22
CA GLY F 316 -1.41 27.54 -43.95
C GLY F 316 -0.33 27.33 -44.99
N SER F 317 -0.49 26.27 -45.77
CA SER F 317 0.47 25.91 -46.79
C SER F 317 0.34 26.83 -48.00
N PHE F 318 1.39 26.85 -48.82
CA PHE F 318 1.47 27.67 -50.02
C PHE F 318 0.86 26.92 -51.22
N VAL F 319 0.57 27.69 -52.27
CA VAL F 319 0.09 27.15 -53.54
C VAL F 319 0.97 27.67 -54.68
N ARG F 320 0.69 27.21 -55.90
CA ARG F 320 1.48 27.57 -57.08
C ARG F 320 1.57 29.08 -57.26
N ALA F 321 2.54 29.54 -58.03
CA ALA F 321 2.83 30.97 -58.14
C ALA F 321 1.72 31.68 -58.90
N THR F 322 0.63 31.96 -58.20
CA THR F 322 -0.50 32.72 -58.72
C THR F 322 -0.48 34.16 -58.20
N VAL F 323 -0.16 35.11 -59.08
CA VAL F 323 -0.01 36.51 -58.69
C VAL F 323 -1.38 37.14 -58.58
N HIS F 324 -1.52 38.05 -57.62
CA HIS F 324 -2.79 38.77 -57.46
C HIS F 324 -2.58 40.10 -56.77
N ASP F 325 -3.64 40.93 -56.79
CA ASP F 325 -3.63 42.24 -56.17
C ASP F 325 -5.02 42.49 -55.63
N TYR F 326 -5.18 42.39 -54.31
CA TYR F 326 -6.47 42.49 -53.65
C TYR F 326 -6.65 43.88 -53.06
N ARG F 327 -7.89 44.38 -53.14
CA ARG F 327 -8.26 45.68 -52.60
C ARG F 327 -8.70 45.50 -51.15
N LEU F 328 -7.92 46.08 -50.24
CA LEU F 328 -8.20 45.97 -48.81
C LEU F 328 -9.14 47.09 -48.38
N VAL F 329 -10.11 46.72 -47.53
CA VAL F 329 -11.08 47.67 -46.98
C VAL F 329 -10.62 48.05 -45.58
N LEU F 330 -10.55 49.36 -45.33
CA LEU F 330 -10.17 49.91 -44.03
C LEU F 330 -11.30 50.69 -43.36
N ASN F 331 -12.51 50.65 -43.92
CA ASN F 331 -13.62 51.45 -43.43
C ASN F 331 -14.17 50.86 -42.13
N ARG F 332 -14.96 51.67 -41.42
CA ARG F 332 -15.68 51.18 -40.26
C ARG F 332 -16.90 50.36 -40.67
N ASN F 333 -17.76 50.95 -41.50
CA ASN F 333 -18.98 50.32 -41.97
C ASN F 333 -18.94 50.28 -43.49
N LEU F 334 -18.87 49.07 -44.04
CA LEU F 334 -18.72 48.88 -45.47
C LEU F 334 -20.08 48.80 -46.15
N SER F 335 -20.20 49.44 -47.30
CA SER F 335 -21.35 49.43 -48.19
C SER F 335 -22.50 50.33 -47.72
N ILE F 336 -22.36 51.02 -46.59
CA ILE F 336 -23.37 52.00 -46.14
C ILE F 336 -22.73 53.35 -45.82
N SER F 337 -21.42 53.47 -45.97
CA SER F 337 -20.71 54.71 -45.67
C SER F 337 -19.52 54.84 -46.62
N GLU F 338 -18.98 56.05 -46.68
CA GLU F 338 -17.79 56.29 -47.50
C GLU F 338 -16.64 55.40 -47.06
N ASN F 339 -15.99 54.78 -48.03
CA ASN F 339 -14.97 53.77 -47.79
C ASN F 339 -13.58 54.37 -47.92
N ARG F 340 -12.62 53.73 -47.24
CA ARG F 340 -11.20 53.96 -47.46
C ARG F 340 -10.56 52.60 -47.68
N THR F 341 -9.83 52.47 -48.79
CA THR F 341 -9.26 51.20 -49.22
C THR F 341 -7.81 51.39 -49.65
N MET F 342 -7.10 50.26 -49.69
CA MET F 342 -5.76 50.17 -50.24
C MET F 342 -5.64 48.86 -50.98
N GLN F 343 -4.50 48.65 -51.63
CA GLN F 343 -4.26 47.46 -52.44
C GLN F 343 -2.93 46.83 -52.03
N LEU F 344 -2.87 45.50 -52.05
CA LEU F 344 -1.61 44.78 -51.89
C LEU F 344 -1.58 43.63 -52.87
N ALA F 345 -0.43 43.44 -53.52
CA ALA F 345 -0.24 42.37 -54.47
C ALA F 345 0.72 41.33 -53.91
N VAL F 346 0.66 40.14 -54.50
CA VAL F 346 1.56 39.04 -54.19
C VAL F 346 2.18 38.56 -55.49
N LEU F 347 3.51 38.53 -55.51
CA LEU F 347 4.31 38.14 -56.66
C LEU F 347 5.12 36.90 -56.26
N VAL F 348 4.55 35.73 -56.51
CA VAL F 348 5.15 34.48 -56.07
C VAL F 348 6.13 34.01 -57.15
N ASN F 349 7.35 33.68 -56.73
CA ASN F 349 8.40 33.24 -57.64
C ASN F 349 8.73 31.77 -57.45
N PRO F 371 14.07 28.19 -53.60
CA PRO F 371 14.32 26.79 -53.93
C PRO F 371 15.53 26.61 -54.84
N VAL F 372 16.71 26.48 -54.22
CA VAL F 372 18.02 26.29 -54.84
C VAL F 372 18.22 24.85 -55.29
N SER F 373 17.88 23.89 -54.40
CA SER F 373 18.01 22.43 -54.62
C SER F 373 19.41 22.04 -55.07
N LEU F 374 20.40 22.44 -54.27
CA LEU F 374 21.80 22.13 -54.54
C LEU F 374 22.05 20.62 -54.48
N HIS F 375 22.72 20.11 -55.51
CA HIS F 375 23.19 18.72 -55.55
C HIS F 375 24.71 18.71 -55.66
N LEU F 376 25.36 18.68 -54.49
CA LEU F 376 26.81 18.82 -54.37
C LEU F 376 27.30 17.81 -53.34
N PRO F 377 27.92 16.69 -53.74
CA PRO F 377 28.37 15.73 -52.73
C PRO F 377 29.62 16.21 -52.01
N SER F 378 29.47 16.61 -50.76
CA SER F 378 30.59 17.04 -49.93
C SER F 378 31.44 15.83 -49.55
N THR F 379 32.71 15.85 -49.96
CA THR F 379 33.60 14.72 -49.76
C THR F 379 34.32 14.89 -48.44
N TYR F 380 33.69 14.42 -47.37
CA TYR F 380 34.25 14.57 -46.03
C TYR F 380 35.37 13.57 -45.79
N SER F 381 36.33 13.97 -44.95
CA SER F 381 37.46 13.12 -44.60
C SER F 381 37.30 12.61 -43.17
N LEU F 382 37.40 11.29 -43.00
CA LEU F 382 37.40 10.64 -41.70
C LEU F 382 38.77 10.02 -41.44
N SER F 383 38.91 9.45 -40.25
CA SER F 383 40.13 8.78 -39.81
C SER F 383 39.79 7.48 -39.10
N VAL F 384 40.60 6.45 -39.35
CA VAL F 384 40.50 5.21 -38.59
C VAL F 384 40.92 5.48 -37.15
N SER F 385 40.30 4.75 -36.23
CA SER F 385 40.57 4.90 -34.80
C SER F 385 40.36 6.35 -34.34
N ARG F 386 39.27 6.94 -34.78
CA ARG F 386 38.94 8.31 -34.38
C ARG F 386 38.80 8.40 -32.86
N ARG F 387 39.43 9.42 -32.28
CA ARG F 387 39.33 9.68 -30.85
C ARG F 387 38.03 10.43 -30.56
N ALA F 388 36.93 9.71 -30.70
CA ALA F 388 35.60 10.25 -30.47
C ALA F 388 35.26 10.16 -28.98
N ARG F 389 34.49 11.14 -28.52
CA ARG F 389 33.95 11.07 -27.17
C ARG F 389 32.84 10.03 -27.08
N ARG F 390 31.85 10.12 -27.98
CA ARG F 390 30.75 9.17 -28.04
C ARG F 390 30.46 8.74 -29.47
N PHE F 391 30.61 9.66 -30.42
CA PHE F 391 30.24 9.45 -31.82
C PHE F 391 31.28 10.07 -32.73
N ALA F 392 31.28 9.65 -33.99
CA ALA F 392 32.21 10.11 -35.01
C ALA F 392 31.49 11.06 -35.97
N GLN F 393 31.80 12.35 -35.87
CA GLN F 393 31.15 13.35 -36.71
C GLN F 393 31.70 13.31 -38.14
N ILE F 394 30.80 13.28 -39.12
CA ILE F 394 31.19 13.28 -40.53
C ILE F 394 31.17 14.70 -41.08
N GLY F 395 30.05 15.39 -40.95
CA GLY F 395 29.92 16.72 -41.50
C GLY F 395 28.49 17.18 -41.41
N LYS F 396 28.19 18.24 -42.16
CA LYS F 396 26.90 18.88 -42.13
C LYS F 396 26.28 18.80 -43.51
N VAL F 397 24.95 18.95 -43.56
CA VAL F 397 24.23 19.04 -44.82
C VAL F 397 23.65 20.44 -45.05
N CYS F 398 24.15 21.44 -44.34
CA CYS F 398 23.64 22.80 -44.48
C CYS F 398 24.01 23.37 -45.84
N VAL F 399 23.00 23.74 -46.62
CA VAL F 399 23.18 24.32 -47.94
C VAL F 399 22.29 25.54 -48.06
N GLU F 400 22.36 26.23 -49.19
CA GLU F 400 21.55 27.44 -49.44
C GLU F 400 20.05 27.26 -49.26
N ASN F 401 19.55 26.02 -49.36
CA ASN F 401 18.15 25.72 -49.09
C ASN F 401 17.73 26.14 -47.69
N CYS F 402 18.68 26.22 -46.75
CA CYS F 402 18.35 26.58 -45.37
C CYS F 402 17.53 27.86 -45.30
N GLN F 403 17.78 28.80 -46.21
CA GLN F 403 16.96 30.01 -46.29
C GLN F 403 15.82 29.82 -47.29
N ALA F 404 15.99 28.92 -48.26
CA ALA F 404 14.96 28.66 -49.25
C ALA F 404 13.67 28.17 -48.59
N PHE F 405 13.77 27.18 -47.71
CA PHE F 405 12.61 26.68 -46.99
C PHE F 405 12.44 27.34 -45.61
N SER F 406 13.25 28.35 -45.29
CA SER F 406 13.07 29.16 -44.08
C SER F 406 13.03 28.30 -42.81
N GLY F 407 14.03 27.45 -42.65
CA GLY F 407 14.19 26.68 -41.42
C GLY F 407 13.40 25.40 -41.33
N ILE F 408 12.47 25.15 -42.25
CA ILE F 408 11.69 23.93 -42.30
C ILE F 408 12.45 22.94 -43.19
N ASN F 409 13.32 22.15 -42.57
CA ASN F 409 14.30 21.34 -43.30
C ASN F 409 13.66 20.27 -44.18
N VAL F 410 14.28 20.03 -45.33
CA VAL F 410 13.74 19.08 -46.31
C VAL F 410 14.21 17.66 -46.06
N GLN F 411 14.78 17.37 -44.88
CA GLN F 411 15.05 16.01 -44.43
C GLN F 411 16.12 15.34 -45.29
N TYR F 412 17.33 15.89 -45.23
CA TYR F 412 18.47 15.31 -45.91
C TYR F 412 18.82 13.96 -45.30
N LYS F 413 18.79 12.91 -46.12
CA LYS F 413 19.08 11.55 -45.68
C LYS F 413 20.26 11.00 -46.46
N LEU F 414 21.29 10.56 -45.73
CA LEU F 414 22.51 10.00 -46.30
C LEU F 414 22.47 8.50 -46.06
N HIS F 415 22.65 7.72 -47.12
CA HIS F 415 22.55 6.26 -47.05
C HIS F 415 23.62 5.64 -47.92
N SER F 416 23.82 4.33 -47.76
CA SER F 416 24.78 3.59 -48.57
C SER F 416 24.48 2.10 -48.48
N SER F 417 24.82 1.39 -49.56
CA SER F 417 24.76 -0.07 -49.58
C SER F 417 25.99 -0.72 -50.19
N GLY F 418 26.91 0.04 -50.77
CA GLY F 418 28.05 -0.54 -51.45
C GLY F 418 29.25 -0.84 -50.55
N ALA F 419 29.61 0.11 -49.70
CA ALA F 419 30.74 -0.04 -48.81
C ALA F 419 30.43 -1.04 -47.70
N ASN F 420 31.44 -1.83 -47.33
CA ASN F 420 31.36 -2.78 -46.22
C ASN F 420 31.90 -2.19 -44.91
N CYS F 421 32.12 -0.87 -44.86
CA CYS F 421 32.64 -0.20 -43.69
C CYS F 421 31.61 0.82 -43.24
N SER F 422 31.59 1.07 -41.92
CA SER F 422 30.65 2.02 -41.32
C SER F 422 29.22 1.74 -41.81
N THR F 423 28.81 0.47 -41.65
CA THR F 423 27.53 0.00 -42.15
C THR F 423 26.37 0.90 -41.75
N LEU F 424 26.35 1.33 -40.49
CA LEU F 424 25.24 2.13 -39.98
C LEU F 424 25.76 3.04 -38.88
N GLY F 425 25.06 4.16 -38.69
CA GLY F 425 25.37 5.10 -37.64
C GLY F 425 24.15 5.91 -37.24
N VAL F 426 24.35 7.24 -37.20
CA VAL F 426 23.31 8.20 -36.82
C VAL F 426 23.17 9.21 -37.95
N VAL F 427 23.35 8.75 -39.18
CA VAL F 427 23.24 9.63 -40.35
C VAL F 427 21.75 9.76 -40.64
N THR F 428 21.09 10.62 -39.87
CA THR F 428 19.64 10.74 -39.85
C THR F 428 19.20 12.06 -40.44
N SER F 429 17.94 12.13 -40.85
CA SER F 429 17.40 13.31 -41.53
C SER F 429 17.05 14.35 -40.47
N ALA F 430 18.07 15.03 -39.96
CA ALA F 430 17.88 16.02 -38.90
C ALA F 430 16.89 17.09 -39.35
N GLU F 431 16.00 17.47 -38.43
CA GLU F 431 14.95 18.44 -38.74
C GLU F 431 15.42 19.88 -38.60
N ASP F 432 16.60 20.12 -38.03
CA ASP F 432 17.07 21.47 -37.80
C ASP F 432 17.43 22.15 -39.12
N THR F 433 17.46 23.49 -39.09
CA THR F 433 17.68 24.26 -40.31
C THR F 433 18.91 23.76 -41.05
N SER F 434 20.04 23.66 -40.35
CA SER F 434 21.29 23.25 -40.97
C SER F 434 21.27 21.76 -41.30
N GLY F 435 21.16 20.92 -40.27
CA GLY F 435 21.28 19.48 -40.44
C GLY F 435 22.74 19.06 -40.29
N ILE F 436 22.94 17.92 -39.64
CA ILE F 436 24.26 17.40 -39.34
C ILE F 436 24.20 15.89 -39.46
N LEU F 437 25.29 15.27 -39.93
CA LEU F 437 25.37 13.81 -40.04
C LEU F 437 26.60 13.25 -39.33
N PHE F 438 26.38 12.14 -38.64
CA PHE F 438 27.46 11.46 -37.93
C PHE F 438 27.06 10.00 -37.71
N VAL F 439 28.05 9.21 -37.27
CA VAL F 439 27.86 7.81 -36.92
C VAL F 439 28.37 7.60 -35.50
N ASN F 440 27.98 6.47 -34.92
CA ASN F 440 28.41 6.11 -33.57
C ASN F 440 29.85 5.64 -33.57
N ASP F 441 30.55 5.92 -32.46
CA ASP F 441 31.94 5.48 -32.29
C ASP F 441 31.95 3.99 -31.94
N THR F 442 31.54 3.19 -32.93
CA THR F 442 31.46 1.74 -32.80
C THR F 442 32.22 1.01 -33.90
N LYS F 443 32.70 1.72 -34.92
CA LYS F 443 33.36 1.13 -36.08
C LYS F 443 34.80 1.63 -36.18
N ALA F 444 35.37 2.08 -35.06
CA ALA F 444 36.71 2.63 -35.08
C ALA F 444 37.74 1.64 -35.62
N LEU F 445 37.55 0.35 -35.34
CA LEU F 445 38.45 -0.70 -35.83
C LEU F 445 37.89 -1.43 -37.06
N ARG F 446 36.80 -0.94 -37.63
CA ARG F 446 36.25 -1.48 -38.89
C ARG F 446 36.54 -0.58 -40.07
N ARG F 447 36.70 0.73 -39.86
CA ARG F 447 37.03 1.66 -40.94
C ARG F 447 38.28 1.28 -41.71
N PRO F 448 39.37 0.76 -41.10
CA PRO F 448 40.51 0.34 -41.92
C PRO F 448 40.21 -0.79 -42.88
N LYS F 449 39.06 -1.47 -42.76
CA LYS F 449 38.71 -2.53 -43.70
C LYS F 449 38.73 -2.01 -45.13
N CYS F 450 38.37 -0.73 -45.33
CA CYS F 450 38.30 -0.12 -46.64
C CYS F 450 38.50 1.38 -46.48
N ALA F 451 39.23 1.97 -47.43
CA ALA F 451 39.54 3.40 -47.32
C ALA F 451 38.42 4.26 -47.89
N GLU F 452 37.93 3.93 -49.08
CA GLU F 452 36.97 4.78 -49.78
C GLU F 452 35.56 4.26 -49.53
N LEU F 453 34.78 5.06 -48.80
CA LEU F 453 33.38 4.74 -48.50
C LEU F 453 32.47 5.63 -49.32
N HIS F 454 31.49 5.03 -49.97
CA HIS F 454 30.60 5.73 -50.91
C HIS F 454 29.21 5.87 -50.29
N TYR F 455 28.73 7.11 -50.18
CA TYR F 455 27.42 7.39 -49.61
C TYR F 455 26.60 8.15 -50.66
N MET F 456 25.29 8.14 -50.49
CA MET F 456 24.37 8.91 -51.32
C MET F 456 23.34 9.64 -50.47
N VAL F 457 23.08 10.91 -50.79
CA VAL F 457 22.18 11.76 -50.02
C VAL F 457 21.00 12.16 -50.89
N VAL F 458 19.80 12.07 -50.30
CA VAL F 458 18.54 12.46 -50.94
C VAL F 458 17.73 13.25 -49.91
N ALA F 459 16.77 14.04 -50.38
CA ALA F 459 15.87 14.76 -49.48
C ALA F 459 14.57 15.10 -50.19
N THR F 460 13.46 14.94 -49.47
CA THR F 460 12.13 15.23 -49.99
C THR F 460 11.34 16.08 -49.00
N ASP F 461 10.40 16.86 -49.53
CA ASP F 461 9.47 17.66 -48.74
C ASP F 461 8.39 18.26 -49.64
N GLN F 462 7.32 18.74 -49.01
CA GLN F 462 6.23 19.41 -49.72
C GLN F 462 5.73 18.56 -50.88
N GLN F 463 5.68 17.24 -50.67
CA GLN F 463 5.19 16.28 -51.66
C GLN F 463 5.93 16.40 -52.99
N THR F 464 7.23 16.68 -52.93
CA THR F 464 8.05 16.76 -54.12
C THR F 464 9.49 16.43 -53.74
N SER F 465 10.25 15.96 -54.74
CA SER F 465 11.66 15.64 -54.55
C SER F 465 12.50 16.91 -54.60
N ARG F 466 13.11 17.27 -53.47
CA ARG F 466 13.88 18.51 -53.38
C ARG F 466 15.32 18.30 -53.81
N GLN F 467 15.99 17.34 -53.18
CA GLN F 467 17.35 16.96 -53.54
C GLN F 467 17.30 15.55 -54.13
N ALA F 468 17.47 15.46 -55.45
CA ALA F 468 17.29 14.20 -56.15
C ALA F 468 18.30 13.15 -55.68
N GLN F 469 19.59 13.44 -55.75
CA GLN F 469 20.61 12.53 -55.25
C GLN F 469 21.97 13.18 -55.37
N ALA F 470 22.85 12.91 -54.41
CA ALA F 470 24.27 13.18 -54.61
C ALA F 470 25.09 12.08 -53.95
N GLN F 471 26.13 11.61 -54.64
CA GLN F 471 26.98 10.51 -54.18
C GLN F 471 28.24 11.06 -53.52
N LEU F 472 28.35 10.88 -52.20
CA LEU F 472 29.44 11.41 -51.40
C LEU F 472 30.56 10.38 -51.27
N LEU F 473 31.79 10.83 -51.54
CA LEU F 473 33.00 10.03 -51.37
C LEU F 473 33.65 10.41 -50.05
N VAL F 474 33.56 9.51 -49.06
CA VAL F 474 34.06 9.76 -47.72
C VAL F 474 35.14 8.72 -47.43
N THR F 475 36.35 9.19 -47.14
CA THR F 475 37.48 8.32 -46.84
C THR F 475 37.70 8.26 -45.33
N VAL F 476 38.37 7.19 -44.89
CA VAL F 476 38.64 6.95 -43.48
C VAL F 476 40.12 6.77 -43.18
N GLU F 477 40.97 6.63 -44.20
CA GLU F 477 42.39 6.35 -43.99
C GLU F 477 43.22 7.61 -44.12
#